data_5DX0
#
_entry.id   5DX0
#
_cell.length_a   75.722
_cell.length_b   98.847
_cell.length_c   208.670
_cell.angle_alpha   90.000
_cell.angle_beta   90.000
_cell.angle_gamma   90.000
#
_symmetry.space_group_name_H-M   'P 21 21 2'
#
loop_
_entity.id
_entity.type
_entity.pdbx_description
1 polymer 'Histone-arginine methyltransferase CARM1'
2 polymer 'H3 peptide'
3 non-polymer SINEFUNGIN
4 non-polymer GLYCEROL
5 non-polymer 'SULFATE ION'
6 water water
#
loop_
_entity_poly.entity_id
_entity_poly.type
_entity_poly.pdbx_seq_one_letter_code
_entity_poly.pdbx_strand_id
1 'polypeptide(L)'
;SIARSVFSERTEESSAVQYFQFYGYLSQQQNMMQDYVRTGTYQRAILQNHTDFKDKIVLDVGCGSGILSFFAAQAGARKI
YAVEASTMAQHAEVLVKSNNLTDRIVVIPGKVEEVSLPEQVDIIISEPMGYMLFNERMLESYLHAKKYLKPSGNMFPTIG
DVHLAPFTDEQLYMEQFTKANFWYQPSFHGVDLSALRGAAVDEYFRQPVVDTFDIRILMAKSVKYTVNFLEAKEGDLHRI
EIPFKFHMLHSGLVHGLAFWFDVAFIGSIMTVWLSTAPTEPLTHWYQVRCLFQSPLFAKAGDTLSGTCLLIANKRQSYDI
SIVAQVDQTGSKSSNLLDLKNPFFRYTGT
;
A,B,C,D
2 'polypeptide(L)' (ACE)GKAPRKQLATKAARKSAP(NH2) F,G,H,I
#
# COMPACT_ATOMS: atom_id res chain seq x y z
N SER A 5 21.15 39.83 -20.86
CA SER A 5 21.91 39.82 -19.56
C SER A 5 22.02 38.38 -19.04
N VAL A 6 22.99 38.17 -18.15
CA VAL A 6 23.23 36.87 -17.53
C VAL A 6 21.91 36.27 -17.05
N PHE A 7 21.04 37.11 -16.49
CA PHE A 7 19.78 36.63 -15.95
C PHE A 7 18.88 36.02 -16.99
N SER A 8 18.60 36.72 -18.07
CA SER A 8 17.60 36.16 -18.98
C SER A 8 18.16 35.06 -19.90
N GLU A 9 19.49 35.01 -20.05
CA GLU A 9 20.10 33.84 -20.69
C GLU A 9 19.79 32.60 -19.83
N ARG A 10 19.97 32.74 -18.52
CA ARG A 10 19.65 31.71 -17.50
C ARG A 10 18.18 31.29 -17.49
N THR A 11 17.29 32.23 -17.77
CA THR A 11 15.90 32.09 -17.35
C THR A 11 14.89 32.22 -18.46
N GLU A 12 13.99 31.26 -18.53
CA GLU A 12 12.79 31.39 -19.34
C GLU A 12 12.05 32.68 -18.96
N GLU A 13 11.92 33.60 -19.91
CA GLU A 13 11.28 34.89 -19.61
C GLU A 13 10.00 34.62 -18.80
N SER A 14 9.19 33.67 -19.26
CA SER A 14 7.95 33.27 -18.58
C SER A 14 8.13 33.06 -17.06
N SER A 15 9.13 32.25 -16.71
CA SER A 15 9.47 31.96 -15.30
C SER A 15 9.76 33.20 -14.50
N ALA A 16 10.51 34.13 -15.08
CA ALA A 16 10.86 35.40 -14.44
C ALA A 16 9.64 36.25 -14.13
N VAL A 17 8.68 36.29 -15.06
CA VAL A 17 7.45 37.06 -14.86
C VAL A 17 6.69 36.51 -13.66
N GLN A 18 6.40 35.20 -13.68
CA GLN A 18 5.61 34.58 -12.63
C GLN A 18 6.30 34.71 -11.27
N TYR A 19 7.60 34.45 -11.27
CA TYR A 19 8.41 34.57 -10.07
C TYR A 19 8.21 35.92 -9.43
N PHE A 20 8.49 36.97 -10.19
CA PHE A 20 8.47 38.31 -9.66
C PHE A 20 7.06 38.80 -9.36
N GLN A 21 6.08 38.18 -10.03
CA GLN A 21 4.69 38.39 -9.70
C GLN A 21 4.43 37.99 -8.24
N PHE A 22 4.79 36.76 -7.93
CA PHE A 22 4.65 36.18 -6.59
C PHE A 22 5.28 37.07 -5.51
N TYR A 23 6.51 37.51 -5.70
CA TYR A 23 7.12 38.44 -4.74
C TYR A 23 6.53 39.85 -4.80
N GLY A 24 5.74 40.14 -5.83
CA GLY A 24 4.97 41.37 -5.91
C GLY A 24 3.84 41.50 -4.90
N TYR A 25 3.38 40.39 -4.31
CA TYR A 25 2.27 40.47 -3.36
C TYR A 25 2.75 40.80 -1.94
N LEU A 26 2.03 41.70 -1.28
CA LEU A 26 2.30 42.04 0.12
C LEU A 26 2.10 40.83 1.06
N SER A 27 1.06 40.07 0.82
CA SER A 27 0.85 38.84 1.60
C SER A 27 2.08 37.92 1.64
N GLN A 28 2.80 37.80 0.52
CA GLN A 28 4.00 36.96 0.49
C GLN A 28 5.16 37.62 1.17
N GLN A 29 5.28 38.93 1.09
CA GLN A 29 6.34 39.60 1.83
C GLN A 29 6.03 39.46 3.30
N GLN A 30 4.75 39.58 3.66
CA GLN A 30 4.31 39.38 5.05
C GLN A 30 4.70 37.99 5.54
N ASN A 31 4.42 36.99 4.73
CA ASN A 31 4.72 35.62 5.11
C ASN A 31 6.20 35.43 5.49
N MET A 32 7.11 35.95 4.67
CA MET A 32 8.53 35.92 5.02
C MET A 32 8.84 36.77 6.27
N MET A 33 8.24 37.95 6.32
CA MET A 33 8.57 38.90 7.36
C MET A 33 8.18 38.37 8.71
N GLN A 34 7.02 37.73 8.81
CA GLN A 34 6.59 37.22 10.10
C GLN A 34 7.15 35.88 10.52
N ASP A 35 8.03 35.30 9.71
CA ASP A 35 8.88 34.21 10.18
C ASP A 35 9.90 34.83 11.14
N TYR A 36 9.62 34.75 12.44
CA TYR A 36 10.44 35.47 13.41
C TYR A 36 11.85 34.88 13.51
N VAL A 37 12.00 33.60 13.26
CA VAL A 37 13.33 33.05 13.33
C VAL A 37 14.17 33.73 12.27
N ARG A 38 13.63 33.81 11.06
CA ARG A 38 14.38 34.38 9.95
C ARG A 38 14.64 35.86 10.16
N THR A 39 13.55 36.60 10.40
CA THR A 39 13.64 38.06 10.43
C THR A 39 14.49 38.53 11.62
N GLY A 40 14.31 37.88 12.76
CA GLY A 40 15.05 38.26 13.96
C GLY A 40 16.48 37.83 13.88
N THR A 41 16.74 36.74 13.21
CA THR A 41 18.11 36.29 13.09
C THR A 41 18.90 37.24 12.20
N TYR A 42 18.36 37.55 11.02
CA TYR A 42 18.95 38.58 10.18
C TYR A 42 19.19 39.86 10.95
N GLN A 43 18.23 40.29 11.77
CA GLN A 43 18.42 41.54 12.52
C GLN A 43 19.58 41.42 13.50
N ARG A 44 19.66 40.28 14.19
CA ARG A 44 20.76 40.05 15.12
C ARG A 44 22.07 40.02 14.40
N ALA A 45 22.15 39.22 13.33
CA ALA A 45 23.35 39.18 12.49
C ALA A 45 23.88 40.58 12.13
N ILE A 46 22.98 41.42 11.64
CA ILE A 46 23.34 42.76 11.16
C ILE A 46 23.66 43.68 12.35
N LEU A 47 22.76 43.75 13.33
CA LEU A 47 22.93 44.67 14.44
C LEU A 47 24.12 44.33 15.31
N GLN A 48 24.33 43.04 15.56
CA GLN A 48 25.44 42.61 16.41
C GLN A 48 26.77 42.84 15.75
N ASN A 49 26.80 42.84 14.42
CA ASN A 49 28.02 43.17 13.66
C ASN A 49 27.95 44.59 13.09
N HIS A 50 27.74 45.54 14.00
CA HIS A 50 27.50 46.93 13.62
C HIS A 50 28.67 47.58 12.87
N THR A 51 29.89 47.11 13.13
CA THR A 51 31.07 47.67 12.48
C THR A 51 31.10 47.33 10.99
N ASP A 52 30.47 46.23 10.62
CA ASP A 52 30.36 45.88 9.22
C ASP A 52 29.34 46.74 8.49
N PHE A 53 28.61 47.57 9.23
CA PHE A 53 27.68 48.49 8.59
C PHE A 53 27.96 49.96 8.83
N LYS A 54 28.57 50.29 9.97
CA LYS A 54 28.79 51.68 10.36
C LYS A 54 29.47 52.49 9.27
N ASP A 55 28.72 53.39 8.67
CA ASP A 55 29.22 54.27 7.63
C ASP A 55 29.64 53.55 6.36
N LYS A 56 29.14 52.34 6.12
CA LYS A 56 29.51 51.62 4.91
C LYS A 56 28.51 51.81 3.82
N ILE A 57 28.88 51.29 2.67
CA ILE A 57 28.01 51.20 1.55
C ILE A 57 27.53 49.75 1.49
N VAL A 58 26.26 49.57 1.17
CA VAL A 58 25.60 48.28 1.27
C VAL A 58 24.76 48.04 0.05
N LEU A 59 24.75 46.79 -0.42
CA LEU A 59 23.81 46.35 -1.43
C LEU A 59 22.85 45.29 -0.84
N ASP A 60 21.54 45.50 -1.00
CA ASP A 60 20.53 44.52 -0.62
C ASP A 60 19.97 43.92 -1.89
N VAL A 61 20.25 42.63 -2.14
CA VAL A 61 19.80 41.99 -3.35
C VAL A 61 18.41 41.40 -3.18
N GLY A 62 17.45 41.90 -3.95
CA GLY A 62 16.06 41.57 -3.75
C GLY A 62 15.55 42.10 -2.41
N CYS A 63 15.44 43.40 -2.28
CA CYS A 63 15.14 43.98 -0.95
C CYS A 63 13.70 43.73 -0.46
N GLY A 64 12.82 43.28 -1.35
CA GLY A 64 11.42 43.06 -1.01
C GLY A 64 10.83 44.33 -0.40
N SER A 65 10.26 44.19 0.79
CA SER A 65 9.76 45.30 1.57
C SER A 65 10.84 46.30 1.97
N GLY A 66 12.10 45.89 1.91
CA GLY A 66 13.19 46.73 2.38
C GLY A 66 13.65 46.39 3.77
N ILE A 67 12.97 45.42 4.40
CA ILE A 67 13.26 45.12 5.79
C ILE A 67 14.77 44.99 6.12
N LEU A 68 15.54 44.36 5.25
CA LEU A 68 16.96 44.14 5.55
C LEU A 68 17.76 45.42 5.39
N SER A 69 17.34 46.27 4.48
CA SER A 69 17.96 47.57 4.32
C SER A 69 17.68 48.43 5.54
N PHE A 70 16.45 48.36 6.06
CA PHE A 70 16.14 49.08 7.29
C PHE A 70 17.05 48.63 8.40
N PHE A 71 17.35 47.34 8.47
CA PHE A 71 18.28 46.84 9.49
C PHE A 71 19.66 47.40 9.30
N ALA A 72 20.12 47.40 8.06
CA ALA A 72 21.42 47.97 7.75
C ALA A 72 21.47 49.44 8.11
N ALA A 73 20.35 50.14 7.91
CA ALA A 73 20.25 51.53 8.31
C ALA A 73 20.32 51.65 9.83
N GLN A 74 19.61 50.75 10.54
CA GLN A 74 19.63 50.83 12.00
C GLN A 74 21.03 50.65 12.53
N ALA A 75 21.85 49.89 11.81
CA ALA A 75 23.23 49.63 12.22
C ALA A 75 24.20 50.73 11.78
N GLY A 76 23.70 51.76 11.13
CA GLY A 76 24.46 53.00 10.93
C GLY A 76 25.22 53.08 9.63
N ALA A 77 24.68 52.46 8.58
CA ALA A 77 25.32 52.46 7.26
C ALA A 77 25.08 53.77 6.55
N ARG A 78 26.06 54.21 5.75
CA ARG A 78 25.98 55.51 5.05
C ARG A 78 24.96 55.49 3.94
N LYS A 79 25.05 54.50 3.06
CA LYS A 79 24.18 54.41 1.92
C LYS A 79 23.91 52.95 1.60
N ILE A 80 22.66 52.67 1.21
CA ILE A 80 22.19 51.31 0.99
C ILE A 80 21.42 51.28 -0.31
N TYR A 81 21.94 50.53 -1.27
CA TYR A 81 21.24 50.37 -2.53
C TYR A 81 20.39 49.11 -2.41
N ALA A 82 19.09 49.29 -2.63
CA ALA A 82 18.14 48.28 -2.30
C ALA A 82 17.54 47.82 -3.58
N VAL A 83 18.05 46.73 -4.12
CA VAL A 83 17.69 46.32 -5.46
C VAL A 83 16.57 45.32 -5.45
N GLU A 84 15.57 45.58 -6.25
CA GLU A 84 14.43 44.72 -6.23
C GLU A 84 13.81 44.72 -7.57
N ALA A 85 13.48 43.54 -8.07
CA ALA A 85 13.08 43.40 -9.43
C ALA A 85 11.58 43.26 -9.56
N SER A 86 10.87 42.85 -8.51
CA SER A 86 9.40 42.87 -8.53
C SER A 86 8.82 44.27 -8.30
N THR A 87 7.51 44.37 -8.46
CA THR A 87 6.78 45.62 -8.20
C THR A 87 6.72 45.96 -6.72
N MET A 88 7.20 45.05 -5.87
CA MET A 88 7.34 45.34 -4.45
C MET A 88 8.23 46.56 -4.20
N ALA A 89 9.11 46.86 -5.17
CA ALA A 89 10.02 48.02 -5.07
C ALA A 89 9.33 49.39 -4.83
N GLN A 90 8.11 49.53 -5.36
CA GLN A 90 7.26 50.71 -5.14
C GLN A 90 6.90 50.86 -3.66
N HIS A 91 6.44 49.74 -3.10
CA HIS A 91 6.05 49.66 -1.72
C HIS A 91 7.25 49.91 -0.81
N ALA A 92 8.41 49.42 -1.19
CA ALA A 92 9.60 49.66 -0.41
C ALA A 92 9.91 51.13 -0.40
N GLU A 93 9.77 51.78 -1.55
CA GLU A 93 10.06 53.21 -1.65
C GLU A 93 9.11 53.98 -0.72
N VAL A 94 7.82 53.62 -0.71
CA VAL A 94 6.86 54.24 0.24
C VAL A 94 7.36 54.17 1.68
N LEU A 95 7.87 53.02 2.07
CA LEU A 95 8.33 52.81 3.42
C LEU A 95 9.57 53.60 3.75
N VAL A 96 10.48 53.72 2.79
CA VAL A 96 11.69 54.49 3.03
C VAL A 96 11.29 55.94 3.32
N LYS A 97 10.30 56.44 2.57
CA LYS A 97 9.78 57.80 2.77
C LYS A 97 9.11 57.91 4.13
N SER A 98 8.16 57.02 4.41
CA SER A 98 7.38 57.13 5.64
C SER A 98 8.27 56.88 6.84
N ASN A 99 9.40 56.21 6.64
CA ASN A 99 10.37 56.06 7.73
C ASN A 99 11.45 57.10 7.69
N ASN A 100 11.29 58.12 6.85
CA ASN A 100 12.26 59.20 6.76
C ASN A 100 13.71 58.75 6.60
N LEU A 101 13.93 57.83 5.65
CA LEU A 101 15.28 57.32 5.36
C LEU A 101 15.66 57.48 3.87
N THR A 102 15.20 58.58 3.27
CA THR A 102 15.39 58.83 1.83
C THR A 102 16.85 59.19 1.54
N ASP A 103 17.53 59.71 2.55
CA ASP A 103 18.92 60.07 2.48
C ASP A 103 19.87 58.90 2.71
N ARG A 104 19.36 57.70 3.00
CA ARG A 104 20.25 56.55 3.26
C ARG A 104 19.90 55.30 2.49
N ILE A 105 18.65 55.12 2.13
CA ILE A 105 18.24 53.93 1.43
C ILE A 105 17.71 54.30 0.08
N VAL A 106 18.31 53.72 -0.97
CA VAL A 106 17.94 54.00 -2.34
C VAL A 106 17.43 52.77 -3.05
N VAL A 107 16.13 52.80 -3.35
CA VAL A 107 15.51 51.74 -4.04
C VAL A 107 15.91 51.87 -5.51
N ILE A 108 16.33 50.76 -6.08
CA ILE A 108 16.81 50.72 -7.43
C ILE A 108 16.04 49.57 -8.01
N PRO A 109 14.95 49.89 -8.70
CA PRO A 109 14.12 48.83 -9.21
C PRO A 109 14.83 48.16 -10.39
N GLY A 110 14.60 46.86 -10.57
CA GLY A 110 15.27 46.09 -11.59
C GLY A 110 16.01 44.88 -11.04
N LYS A 111 16.34 43.97 -11.94
CA LYS A 111 17.12 42.77 -11.62
C LYS A 111 18.55 43.17 -11.35
N VAL A 112 19.17 42.59 -10.33
CA VAL A 112 20.55 42.95 -9.97
C VAL A 112 21.57 42.63 -11.09
N GLU A 113 21.16 41.80 -12.04
CA GLU A 113 22.00 41.44 -13.19
C GLU A 113 22.05 42.57 -14.25
N GLU A 114 21.06 43.47 -14.19
CA GLU A 114 20.78 44.39 -15.25
C GLU A 114 20.92 45.88 -14.88
N VAL A 115 20.78 46.22 -13.61
CA VAL A 115 20.83 47.60 -13.20
C VAL A 115 22.25 48.10 -13.04
N SER A 116 22.41 49.43 -13.03
CA SER A 116 23.69 50.09 -12.78
C SER A 116 23.72 50.60 -11.35
N LEU A 117 24.89 50.57 -10.71
CA LEU A 117 25.01 51.11 -9.37
C LEU A 117 26.10 52.13 -9.28
N PRO A 118 25.77 53.30 -8.71
CA PRO A 118 26.68 54.44 -8.62
C PRO A 118 28.09 54.15 -8.12
N GLU A 119 28.25 53.12 -7.30
CA GLU A 119 29.55 52.84 -6.69
C GLU A 119 29.67 51.39 -6.20
N GLN A 120 30.87 51.02 -5.79
CA GLN A 120 31.13 49.68 -5.28
C GLN A 120 30.76 49.67 -3.80
N VAL A 121 30.33 48.51 -3.33
CA VAL A 121 29.83 48.39 -1.97
C VAL A 121 30.83 47.64 -1.10
N ASP A 122 30.78 47.96 0.20
CA ASP A 122 31.58 47.30 1.19
C ASP A 122 31.01 45.93 1.57
N ILE A 123 29.70 45.76 1.39
CA ILE A 123 29.02 44.53 1.84
C ILE A 123 27.73 44.25 1.05
N ILE A 124 27.43 42.98 0.83
CA ILE A 124 26.16 42.61 0.22
C ILE A 124 25.35 41.76 1.20
N ILE A 125 24.06 42.07 1.28
CA ILE A 125 23.14 41.32 2.12
C ILE A 125 22.01 40.87 1.27
N SER A 126 21.52 39.66 1.55
CA SER A 126 20.36 39.18 0.84
C SER A 126 19.73 38.11 1.63
N GLU A 127 18.48 37.84 1.31
CA GLU A 127 17.88 36.59 1.68
C GLU A 127 17.44 35.90 0.42
N PRO A 128 18.36 35.11 -0.16
CA PRO A 128 18.10 34.38 -1.42
C PRO A 128 17.94 32.87 -1.29
N MET A 129 17.68 32.37 -0.10
CA MET A 129 17.53 30.91 0.09
C MET A 129 16.14 30.41 -0.30
N GLY A 130 16.07 29.35 -1.07
CA GLY A 130 14.78 28.70 -1.35
C GLY A 130 14.70 27.42 -0.55
N TYR A 131 13.62 26.67 -0.77
CA TYR A 131 13.49 25.30 -0.30
C TYR A 131 14.75 24.54 -0.64
N MET A 132 15.27 23.76 0.30
CA MET A 132 16.49 23.01 0.05
C MET A 132 17.63 23.94 -0.35
N LEU A 133 17.55 25.21 0.08
CA LEU A 133 18.57 26.20 -0.16
C LEU A 133 18.58 26.74 -1.56
N PHE A 134 18.67 25.84 -2.53
CA PHE A 134 18.89 26.21 -3.92
C PHE A 134 17.64 26.53 -4.76
N ASN A 135 16.44 26.13 -4.34
CA ASN A 135 15.28 26.48 -5.15
C ASN A 135 15.27 27.98 -5.44
N GLU A 136 14.79 28.31 -6.65
CA GLU A 136 14.58 29.68 -7.17
C GLU A 136 15.78 30.19 -7.97
N ARG A 137 16.93 29.56 -7.78
CA ARG A 137 18.20 30.00 -8.37
C ARG A 137 18.62 31.40 -7.95
N MET A 138 18.04 31.93 -6.88
CA MET A 138 18.42 33.28 -6.49
C MET A 138 19.85 33.35 -6.02
N LEU A 139 20.42 32.24 -5.59
CA LEU A 139 21.81 32.29 -5.11
C LEU A 139 22.76 32.71 -6.21
N GLU A 140 22.39 32.43 -7.46
CA GLU A 140 23.16 32.88 -8.60
C GLU A 140 23.08 34.40 -8.83
N SER A 141 21.92 35.01 -8.54
CA SER A 141 21.82 36.48 -8.53
C SER A 141 22.71 37.05 -7.44
N TYR A 142 22.67 36.44 -6.27
CA TYR A 142 23.46 36.93 -5.14
C TYR A 142 24.95 36.85 -5.44
N LEU A 143 25.38 35.74 -6.03
CA LEU A 143 26.79 35.62 -6.41
C LEU A 143 27.19 36.59 -7.54
N HIS A 144 26.33 36.70 -8.55
CA HIS A 144 26.49 37.67 -9.62
C HIS A 144 26.78 39.08 -9.11
N ALA A 145 26.15 39.41 -7.98
CA ALA A 145 26.20 40.75 -7.44
C ALA A 145 27.57 41.11 -6.91
N LYS A 146 28.46 40.13 -6.80
CA LYS A 146 29.81 40.43 -6.33
C LYS A 146 30.62 41.31 -7.29
N LYS A 147 30.15 41.48 -8.53
CA LYS A 147 30.76 42.48 -9.43
C LYS A 147 30.71 43.91 -8.87
N TYR A 148 29.77 44.19 -7.94
CA TYR A 148 29.72 45.46 -7.21
C TYR A 148 30.47 45.47 -5.89
N LEU A 149 31.09 44.37 -5.55
CA LEU A 149 31.68 44.22 -4.24
C LEU A 149 33.13 44.64 -4.29
N LYS A 150 33.55 45.41 -3.29
CA LYS A 150 34.94 45.82 -3.13
C LYS A 150 35.83 44.67 -2.69
N PRO A 151 37.12 44.74 -3.03
CA PRO A 151 38.12 43.84 -2.45
C PRO A 151 37.99 43.70 -0.92
N SER A 152 38.05 42.46 -0.42
CA SER A 152 37.87 42.15 1.01
C SER A 152 36.56 42.67 1.64
N GLY A 153 35.55 42.87 0.79
CA GLY A 153 34.22 43.26 1.21
C GLY A 153 33.43 42.00 1.55
N ASN A 154 32.32 42.17 2.27
CA ASN A 154 31.68 41.02 2.87
C ASN A 154 30.35 40.59 2.24
N MET A 155 29.95 39.33 2.52
CA MET A 155 28.68 38.77 2.06
C MET A 155 27.89 38.33 3.30
N PHE A 156 26.58 38.58 3.30
CA PHE A 156 25.69 38.26 4.44
C PHE A 156 24.39 37.73 3.89
N PRO A 157 24.19 36.42 3.90
CA PRO A 157 25.08 35.43 4.53
C PRO A 157 26.41 35.18 3.81
N THR A 158 27.41 34.69 4.55
CA THR A 158 28.74 34.35 4.01
C THR A 158 28.83 32.92 3.40
N ILE A 159 28.27 31.96 4.09
CA ILE A 159 28.32 30.55 3.68
C ILE A 159 26.98 29.84 3.93
N GLY A 160 26.75 28.79 3.18
CA GLY A 160 25.52 28.02 3.33
C GLY A 160 25.85 26.55 3.37
N ASP A 161 25.24 25.83 4.32
CA ASP A 161 25.49 24.40 4.53
C ASP A 161 24.21 23.69 4.18
N VAL A 162 24.25 22.78 3.21
CA VAL A 162 23.14 21.89 2.98
C VAL A 162 23.44 20.54 3.65
N HIS A 163 22.47 20.06 4.42
CA HIS A 163 22.56 18.79 5.11
C HIS A 163 21.60 17.78 4.52
N LEU A 164 22.08 16.55 4.35
CA LEU A 164 21.21 15.49 3.96
C LEU A 164 21.44 14.24 4.80
N ALA A 165 20.35 13.49 5.01
CA ALA A 165 20.36 12.30 5.83
C ALA A 165 19.24 11.39 5.41
N PRO A 166 19.48 10.07 5.47
CA PRO A 166 18.43 9.10 5.19
C PRO A 166 17.36 9.03 6.27
N PHE A 167 16.11 8.83 5.86
CA PHE A 167 15.02 8.71 6.83
C PHE A 167 14.15 7.50 6.59
N THR A 168 13.39 7.15 7.64
CA THR A 168 12.37 6.13 7.58
C THR A 168 11.06 6.80 7.98
N ASP A 169 10.03 6.65 7.16
CA ASP A 169 8.72 7.15 7.48
C ASP A 169 7.73 6.41 6.60
N GLU A 170 7.23 5.28 7.09
CA GLU A 170 6.35 4.45 6.29
C GLU A 170 4.99 5.09 6.04
N GLN A 171 4.51 5.89 6.99
CA GLN A 171 3.25 6.58 6.84
C GLN A 171 3.29 7.56 5.65
N LEU A 172 4.41 8.27 5.51
CA LEU A 172 4.59 9.19 4.38
C LEU A 172 4.70 8.40 3.08
N TYR A 173 5.50 7.35 3.09
CA TYR A 173 5.66 6.54 1.90
C TYR A 173 4.31 6.03 1.40
N MET A 174 3.54 5.48 2.31
CA MET A 174 2.25 4.88 2.00
C MET A 174 1.23 5.90 1.53
N GLU A 175 1.22 7.06 2.15
CA GLU A 175 0.37 8.17 1.74
C GLU A 175 0.60 8.50 0.26
N GLN A 176 1.84 8.63 -0.17
CA GLN A 176 2.11 8.92 -1.59
C GLN A 176 1.85 7.72 -2.47
N PHE A 177 2.15 6.53 -1.96
CA PHE A 177 1.96 5.31 -2.70
C PHE A 177 0.47 5.09 -2.96
N THR A 178 -0.33 5.30 -1.93
CA THR A 178 -1.78 5.16 -2.03
C THR A 178 -2.37 6.10 -3.08
N LYS A 179 -1.86 7.32 -3.17
CA LYS A 179 -2.32 8.24 -4.21
C LYS A 179 -2.02 7.73 -5.62
N ALA A 180 -0.75 7.38 -5.88
CA ALA A 180 -0.34 6.77 -7.13
C ALA A 180 -1.20 5.56 -7.50
N ASN A 181 -1.55 4.78 -6.48
CA ASN A 181 -2.27 3.52 -6.72
C ASN A 181 -3.73 3.72 -7.07
N PHE A 182 -4.21 4.95 -7.04
CA PHE A 182 -5.45 5.27 -7.74
C PHE A 182 -5.37 4.73 -9.17
N TRP A 183 -4.18 4.80 -9.77
CA TRP A 183 -4.00 4.44 -11.16
C TRP A 183 -3.67 2.97 -11.38
N TYR A 184 -3.94 2.14 -10.37
CA TYR A 184 -3.83 0.68 -10.43
C TYR A 184 -5.24 0.08 -10.47
N GLN A 185 -6.28 0.89 -10.26
CA GLN A 185 -7.66 0.41 -10.39
C GLN A 185 -7.93 -0.24 -11.75
N PRO A 186 -8.49 -1.45 -11.77
CA PRO A 186 -8.88 -2.08 -13.03
C PRO A 186 -10.29 -1.75 -13.52
N SER A 187 -11.08 -1.07 -12.70
CA SER A 187 -12.49 -0.85 -13.05
C SER A 187 -13.07 0.40 -12.38
N PHE A 188 -12.38 1.51 -12.56
CA PHE A 188 -12.86 2.81 -12.07
C PHE A 188 -14.00 3.24 -12.97
N HIS A 189 -15.20 3.31 -12.42
CA HIS A 189 -16.44 3.52 -13.21
C HIS A 189 -16.47 2.63 -14.45
N GLY A 190 -15.97 1.43 -14.29
CA GLY A 190 -15.87 0.46 -15.38
C GLY A 190 -14.60 0.55 -16.22
N VAL A 191 -13.67 1.43 -15.88
CA VAL A 191 -12.49 1.65 -16.75
C VAL A 191 -11.21 1.14 -16.12
N ASP A 192 -10.44 0.38 -16.90
CA ASP A 192 -9.15 -0.15 -16.46
C ASP A 192 -8.12 0.92 -16.60
N LEU A 193 -7.68 1.44 -15.44
CA LEU A 193 -6.66 2.49 -15.38
C LEU A 193 -5.25 1.96 -15.25
N SER A 194 -5.11 0.66 -15.05
CA SER A 194 -3.91 0.09 -14.48
C SER A 194 -2.64 0.22 -15.32
N ALA A 195 -2.81 0.36 -16.63
CA ALA A 195 -1.67 0.56 -17.48
C ALA A 195 -0.89 1.85 -17.13
N LEU A 196 -1.52 2.80 -16.42
CA LEU A 196 -0.83 4.03 -16.04
C LEU A 196 -0.20 3.98 -14.64
N ARG A 197 -0.32 2.84 -13.96
CA ARG A 197 0.21 2.71 -12.61
C ARG A 197 1.67 3.20 -12.55
N GLY A 198 2.50 2.75 -13.47
CA GLY A 198 3.91 3.12 -13.45
C GLY A 198 4.10 4.62 -13.62
N ALA A 199 3.38 5.21 -14.57
CA ALA A 199 3.51 6.65 -14.85
C ALA A 199 3.10 7.45 -13.62
N ALA A 200 2.05 7.00 -12.94
CA ALA A 200 1.57 7.67 -11.73
C ALA A 200 2.61 7.63 -10.60
N VAL A 201 3.26 6.49 -10.41
CA VAL A 201 4.24 6.36 -9.35
C VAL A 201 5.37 7.32 -9.66
N ASP A 202 5.84 7.32 -10.88
CA ASP A 202 6.83 8.27 -11.30
C ASP A 202 6.43 9.70 -10.93
N GLU A 203 5.25 10.14 -11.36
CA GLU A 203 4.84 11.56 -11.16
C GLU A 203 4.79 11.91 -9.69
N TYR A 204 4.15 11.09 -8.88
CA TYR A 204 4.02 11.43 -7.45
C TYR A 204 5.36 11.44 -6.75
N PHE A 205 6.22 10.48 -7.08
CA PHE A 205 7.48 10.38 -6.36
C PHE A 205 8.48 11.41 -6.86
N ARG A 206 8.15 12.06 -7.96
CA ARG A 206 8.93 13.20 -8.46
C ARG A 206 8.86 14.42 -7.57
N GLN A 207 7.75 14.58 -6.85
CA GLN A 207 7.52 15.74 -5.98
C GLN A 207 8.23 15.60 -4.65
N PRO A 208 9.12 16.55 -4.32
CA PRO A 208 9.70 16.51 -2.98
C PRO A 208 8.68 16.91 -1.93
N VAL A 209 8.84 16.41 -0.71
CA VAL A 209 7.85 16.69 0.34
C VAL A 209 8.38 17.76 1.28
N VAL A 210 7.63 18.86 1.38
CA VAL A 210 7.99 19.98 2.21
C VAL A 210 7.12 19.94 3.45
N ASP A 211 7.75 19.68 4.58
CA ASP A 211 7.05 19.75 5.88
C ASP A 211 8.08 19.47 6.94
N THR A 212 7.66 19.34 8.19
CA THR A 212 8.60 19.04 9.25
C THR A 212 8.34 17.62 9.77
N PHE A 213 9.23 17.14 10.60
CA PHE A 213 9.18 15.78 11.12
C PHE A 213 10.09 15.73 12.34
N ASP A 214 9.94 14.66 13.11
CA ASP A 214 10.76 14.46 14.27
C ASP A 214 12.09 13.84 13.86
N ILE A 215 13.16 14.31 14.48
CA ILE A 215 14.50 13.80 14.23
C ILE A 215 14.66 12.28 14.44
N ARG A 216 13.73 11.64 15.15
CA ARG A 216 13.79 10.22 15.37
C ARG A 216 13.68 9.43 14.07
N ILE A 217 13.11 10.02 13.02
CA ILE A 217 13.01 9.31 11.75
C ILE A 217 14.35 9.18 11.03
N LEU A 218 15.38 9.89 11.49
CA LEU A 218 16.66 9.93 10.77
C LEU A 218 17.50 8.76 11.18
N MET A 219 18.21 8.19 10.21
CA MET A 219 18.86 6.90 10.41
C MET A 219 20.39 6.94 10.36
N ALA A 220 20.96 8.14 10.27
CA ALA A 220 22.38 8.31 10.15
C ALA A 220 22.71 9.78 10.26
N LYS A 221 23.87 10.08 10.85
CA LYS A 221 24.41 11.42 10.83
C LYS A 221 24.37 12.04 9.43
N SER A 222 24.07 13.33 9.35
CA SER A 222 23.94 13.97 8.05
C SER A 222 25.29 14.20 7.39
N VAL A 223 25.24 14.30 6.08
CA VAL A 223 26.34 14.71 5.24
C VAL A 223 26.12 16.17 4.87
N LYS A 224 27.22 16.92 4.78
CA LYS A 224 27.17 18.33 4.59
C LYS A 224 27.79 18.71 3.24
N TYR A 225 27.11 19.61 2.52
CA TYR A 225 27.65 20.24 1.35
C TYR A 225 27.65 21.75 1.61
N THR A 226 28.83 22.35 1.48
CA THR A 226 29.02 23.77 1.75
C THR A 226 29.24 24.62 0.51
N VAL A 227 28.62 25.79 0.50
CA VAL A 227 28.86 26.77 -0.50
C VAL A 227 29.41 27.99 0.19
N ASN A 228 30.56 28.44 -0.29
CA ASN A 228 31.12 29.66 0.23
C ASN A 228 30.80 30.83 -0.71
N PHE A 229 29.93 31.71 -0.24
CA PHE A 229 29.44 32.77 -1.10
C PHE A 229 30.51 33.83 -1.37
N LEU A 230 31.46 33.99 -0.46
CA LEU A 230 32.61 34.81 -0.76
C LEU A 230 33.30 34.32 -2.01
N GLU A 231 33.53 33.00 -2.10
CA GLU A 231 34.45 32.45 -3.10
C GLU A 231 33.74 31.94 -4.37
N ALA A 232 32.51 31.44 -4.26
CA ALA A 232 31.89 30.74 -5.38
C ALA A 232 31.53 31.63 -6.59
N LYS A 233 31.61 31.05 -7.78
CA LYS A 233 31.09 31.67 -9.00
C LYS A 233 29.67 31.20 -9.22
N GLU A 234 28.85 31.98 -9.90
CA GLU A 234 27.48 31.58 -10.09
C GLU A 234 27.35 30.34 -10.97
N GLY A 235 28.37 30.06 -11.78
CA GLY A 235 28.41 28.84 -12.60
C GLY A 235 28.65 27.58 -11.77
N ASP A 236 29.25 27.74 -10.58
CA ASP A 236 29.36 26.66 -9.61
C ASP A 236 28.00 26.01 -9.26
N LEU A 237 26.89 26.71 -9.46
CA LEU A 237 25.56 26.21 -9.04
C LEU A 237 24.75 25.65 -10.20
N HIS A 238 25.37 25.57 -11.38
CA HIS A 238 24.72 24.99 -12.54
C HIS A 238 24.57 23.48 -12.38
N ARG A 239 25.60 22.86 -11.82
CA ARG A 239 25.66 21.43 -11.65
C ARG A 239 26.17 21.15 -10.26
N ILE A 240 25.29 20.70 -9.37
CA ILE A 240 25.66 20.50 -7.97
C ILE A 240 25.70 19.01 -7.68
N GLU A 241 26.91 18.53 -7.41
CA GLU A 241 27.16 17.13 -7.16
C GLU A 241 27.48 16.89 -5.70
N ILE A 242 26.63 16.11 -5.04
CA ILE A 242 26.80 15.80 -3.63
C ILE A 242 26.93 14.28 -3.41
N PRO A 243 28.18 13.76 -3.35
CA PRO A 243 28.37 12.37 -3.00
C PRO A 243 28.09 12.15 -1.52
N PHE A 244 27.63 10.96 -1.15
CA PHE A 244 27.38 10.66 0.24
C PHE A 244 27.68 9.20 0.56
N LYS A 245 28.06 8.97 1.82
CA LYS A 245 28.37 7.67 2.35
C LYS A 245 27.87 7.65 3.81
N PHE A 246 26.66 7.15 4.02
CA PHE A 246 26.08 7.15 5.35
C PHE A 246 26.40 5.87 6.12
N HIS A 247 26.85 6.03 7.35
CA HIS A 247 27.02 4.89 8.24
C HIS A 247 25.73 4.73 9.06
N MET A 248 24.97 3.70 8.75
CA MET A 248 23.62 3.56 9.24
C MET A 248 23.68 3.25 10.72
N LEU A 249 22.87 3.95 11.52
CA LEU A 249 22.84 3.79 12.95
C LEU A 249 21.63 2.98 13.44
N HIS A 250 20.69 2.71 12.56
CA HIS A 250 19.54 1.90 12.91
C HIS A 250 19.20 1.03 11.74
N SER A 251 18.54 -0.08 12.04
CA SER A 251 18.06 -0.98 11.02
C SER A 251 16.67 -0.55 10.60
N GLY A 252 16.30 -0.83 9.36
CA GLY A 252 15.00 -0.48 8.88
C GLY A 252 14.98 -0.09 7.43
N LEU A 253 13.80 0.30 6.97
CA LEU A 253 13.60 0.74 5.61
C LEU A 253 13.99 2.19 5.51
N VAL A 254 14.85 2.49 4.54
CA VAL A 254 15.14 3.86 4.13
C VAL A 254 14.16 4.27 3.03
N HIS A 255 13.32 5.23 3.38
CA HIS A 255 12.31 5.74 2.46
C HIS A 255 12.77 6.95 1.66
N GLY A 256 13.94 7.51 1.96
CA GLY A 256 14.47 8.61 1.15
C GLY A 256 15.54 9.40 1.86
N LEU A 257 15.86 10.58 1.31
CA LEU A 257 16.73 11.52 1.97
C LEU A 257 15.97 12.76 2.37
N ALA A 258 16.25 13.21 3.59
CA ALA A 258 15.77 14.45 4.12
C ALA A 258 16.85 15.52 4.00
N PHE A 259 16.42 16.75 3.76
CA PHE A 259 17.32 17.86 3.51
C PHE A 259 16.94 19.07 4.33
N TRP A 260 17.96 19.77 4.80
CA TRP A 260 17.76 21.08 5.36
C TRP A 260 19.02 21.88 5.14
N PHE A 261 18.99 23.13 5.56
CA PHE A 261 20.15 24.01 5.39
C PHE A 261 20.31 25.02 6.51
N ASP A 262 21.56 25.41 6.71
CA ASP A 262 21.99 26.48 7.60
C ASP A 262 22.72 27.54 6.80
N VAL A 263 22.65 28.79 7.25
CA VAL A 263 23.57 29.83 6.74
C VAL A 263 24.25 30.53 7.89
N ALA A 264 25.49 30.96 7.63
CA ALA A 264 26.26 31.68 8.65
C ALA A 264 26.61 33.10 8.21
N PHE A 265 26.29 34.07 9.07
CA PHE A 265 26.72 35.45 8.88
C PHE A 265 28.03 35.66 9.62
N ILE A 266 29.14 35.54 8.89
CA ILE A 266 30.46 35.59 9.50
C ILE A 266 30.85 37.04 9.64
N GLY A 267 30.47 37.63 10.77
CA GLY A 267 30.65 39.06 10.98
C GLY A 267 32.05 39.36 11.45
N SER A 268 32.42 40.64 11.47
CA SER A 268 33.71 41.08 12.04
C SER A 268 33.71 40.85 13.55
N ILE A 269 32.55 41.05 14.18
CA ILE A 269 32.40 40.93 15.65
C ILE A 269 32.12 39.47 16.07
N MET A 270 31.20 38.81 15.39
CA MET A 270 30.82 37.43 15.74
C MET A 270 30.16 36.79 14.54
N THR A 271 30.08 35.47 14.57
CA THR A 271 29.31 34.76 13.59
C THR A 271 27.93 34.48 14.19
N VAL A 272 26.90 34.59 13.36
CA VAL A 272 25.52 34.28 13.74
C VAL A 272 24.99 33.29 12.70
N TRP A 273 24.35 32.21 13.15
CA TRP A 273 23.86 31.14 12.27
C TRP A 273 22.35 31.22 12.14
N LEU A 274 21.81 31.02 10.95
CA LEU A 274 20.38 30.80 10.80
C LEU A 274 20.19 29.35 10.31
N SER A 275 19.49 28.54 11.11
CA SER A 275 19.35 27.10 10.82
C SER A 275 17.91 26.73 10.57
N THR A 276 17.67 25.95 9.52
CA THR A 276 16.35 25.36 9.25
C THR A 276 16.32 23.86 9.65
N ALA A 277 17.24 23.47 10.54
CA ALA A 277 17.35 22.10 10.99
C ALA A 277 16.09 21.63 11.70
N PRO A 278 15.80 20.33 11.57
CA PRO A 278 14.67 19.76 12.29
C PRO A 278 14.87 19.74 13.81
N THR A 279 16.09 19.94 14.30
CA THR A 279 16.34 20.11 15.73
C THR A 279 16.03 21.53 16.21
N GLU A 280 15.85 22.46 15.26
CA GLU A 280 15.68 23.86 15.58
C GLU A 280 14.23 24.26 15.39
N PRO A 281 13.83 25.38 16.03
CA PRO A 281 12.48 25.92 15.87
C PRO A 281 12.08 26.12 14.39
N LEU A 282 10.80 25.94 14.12
CA LEU A 282 10.29 25.91 12.76
C LEU A 282 10.42 27.23 11.99
N THR A 283 10.75 27.15 10.72
CA THR A 283 10.78 28.31 9.83
C THR A 283 9.91 28.04 8.64
N HIS A 284 9.70 29.06 7.81
CA HIS A 284 8.80 28.91 6.68
C HIS A 284 9.42 28.02 5.58
N TRP A 285 10.70 27.67 5.72
CA TRP A 285 11.34 26.71 4.81
C TRP A 285 11.09 25.24 5.19
N TYR A 286 10.51 25.01 6.37
CA TYR A 286 10.32 23.66 6.88
C TYR A 286 11.59 22.80 6.68
N GLN A 287 11.43 21.55 6.26
CA GLN A 287 12.51 20.71 5.74
C GLN A 287 12.01 20.06 4.46
N VAL A 288 12.91 19.41 3.71
CA VAL A 288 12.52 18.77 2.43
C VAL A 288 12.89 17.28 2.37
N ARG A 289 11.94 16.46 1.96
CA ARG A 289 12.22 15.03 1.76
C ARG A 289 11.99 14.56 0.33
N CYS A 290 12.96 13.80 -0.16
CA CYS A 290 12.89 13.16 -1.46
C CYS A 290 12.74 11.69 -1.21
N LEU A 291 11.57 11.15 -1.56
CA LEU A 291 11.22 9.76 -1.36
C LEU A 291 11.72 8.88 -2.46
N PHE A 292 12.07 7.63 -2.12
CA PHE A 292 12.45 6.66 -3.10
C PHE A 292 11.20 5.92 -3.48
N GLN A 293 11.02 5.67 -4.76
CA GLN A 293 9.89 4.86 -5.22
C GLN A 293 9.83 3.52 -4.50
N SER A 294 10.99 2.91 -4.27
CA SER A 294 11.02 1.68 -3.50
C SER A 294 12.05 1.84 -2.42
N PRO A 295 11.62 1.72 -1.16
CA PRO A 295 12.58 1.96 -0.12
C PRO A 295 13.64 0.88 -0.07
N LEU A 296 14.75 1.19 0.60
CA LEU A 296 15.91 0.31 0.65
C LEU A 296 16.04 -0.19 2.05
N PHE A 297 16.24 -1.51 2.19
CA PHE A 297 16.38 -2.11 3.51
C PHE A 297 17.83 -2.05 3.98
N ALA A 298 18.02 -1.63 5.22
CA ALA A 298 19.34 -1.43 5.74
C ALA A 298 19.46 -1.92 7.15
N LYS A 299 20.63 -2.48 7.44
CA LYS A 299 20.99 -2.93 8.77
C LYS A 299 21.87 -1.86 9.42
N ALA A 300 21.67 -1.66 10.71
CA ALA A 300 22.59 -0.84 11.49
C ALA A 300 23.99 -1.32 11.20
N GLY A 301 24.91 -0.39 10.97
CA GLY A 301 26.25 -0.75 10.58
C GLY A 301 26.46 -0.77 9.09
N ASP A 302 25.41 -0.82 8.27
CA ASP A 302 25.64 -0.75 6.82
C ASP A 302 26.08 0.66 6.39
N THR A 303 26.62 0.75 5.19
CA THR A 303 26.91 2.01 4.55
C THR A 303 25.92 2.20 3.40
N LEU A 304 25.31 3.38 3.35
CA LEU A 304 24.41 3.75 2.24
C LEU A 304 25.13 4.81 1.45
N SER A 305 25.49 4.50 0.21
CA SER A 305 26.32 5.38 -0.56
C SER A 305 25.67 5.70 -1.88
N GLY A 306 26.09 6.84 -2.44
CA GLY A 306 25.66 7.27 -3.76
C GLY A 306 25.84 8.76 -3.99
N THR A 307 24.99 9.31 -4.84
CA THR A 307 25.13 10.70 -5.23
C THR A 307 23.79 11.37 -5.44
N CYS A 308 23.69 12.58 -4.91
CA CYS A 308 22.62 13.50 -5.19
C CYS A 308 23.15 14.52 -6.19
N LEU A 309 22.46 14.63 -7.32
CA LEU A 309 22.87 15.54 -8.38
C LEU A 309 21.76 16.51 -8.67
N LEU A 310 22.08 17.80 -8.62
CA LEU A 310 21.16 18.87 -8.95
C LEU A 310 21.56 19.57 -10.25
N ILE A 311 20.74 19.43 -11.26
CA ILE A 311 20.96 20.11 -12.52
C ILE A 311 20.05 21.33 -12.58
N ALA A 312 20.65 22.51 -12.66
CA ALA A 312 19.90 23.74 -12.77
C ALA A 312 19.15 23.77 -14.09
N ASN A 313 17.90 24.25 -14.05
CA ASN A 313 17.05 24.35 -15.23
C ASN A 313 16.53 25.78 -15.47
N LYS A 314 15.86 25.98 -16.59
CA LYS A 314 15.46 27.31 -17.04
C LYS A 314 14.16 27.82 -16.40
N ARG A 315 13.51 26.98 -15.61
CA ARG A 315 12.39 27.39 -14.76
C ARG A 315 12.82 27.77 -13.35
N GLN A 316 14.07 28.21 -13.18
CA GLN A 316 14.53 28.73 -11.90
C GLN A 316 14.49 27.70 -10.78
N SER A 317 14.86 26.47 -11.11
CA SER A 317 14.93 25.38 -10.15
C SER A 317 15.95 24.36 -10.67
N TYR A 318 15.83 23.15 -10.12
CA TYR A 318 16.76 22.07 -10.35
C TYR A 318 16.02 20.79 -10.59
N ASP A 319 16.57 20.00 -11.51
CA ASP A 319 16.23 18.57 -11.67
C ASP A 319 17.19 17.83 -10.77
N ILE A 320 16.63 17.00 -9.91
CA ILE A 320 17.40 16.35 -8.89
C ILE A 320 17.45 14.91 -9.33
N SER A 321 18.63 14.30 -9.24
CA SER A 321 18.72 12.85 -9.29
C SER A 321 19.41 12.36 -8.02
N ILE A 322 18.84 11.31 -7.43
CA ILE A 322 19.42 10.68 -6.25
C ILE A 322 19.51 9.19 -6.55
N VAL A 323 20.74 8.69 -6.51
CA VAL A 323 21.09 7.29 -6.73
C VAL A 323 21.67 6.87 -5.41
N ALA A 324 21.11 5.84 -4.79
CA ALA A 324 21.66 5.31 -3.54
C ALA A 324 21.71 3.79 -3.59
N GLN A 325 22.67 3.23 -2.84
CA GLN A 325 22.73 1.79 -2.68
C GLN A 325 23.21 1.39 -1.31
N VAL A 326 22.70 0.24 -0.84
CA VAL A 326 23.18 -0.39 0.39
C VAL A 326 24.34 -1.27 -0.07
N ASP A 327 25.54 -0.86 0.28
CA ASP A 327 26.75 -1.53 -0.21
C ASP A 327 26.73 -3.02 0.10
N GLN A 328 26.30 -3.39 1.30
CA GLN A 328 26.32 -4.80 1.75
C GLN A 328 25.39 -5.71 0.98
N THR A 329 24.47 -5.17 0.20
CA THR A 329 23.57 -6.02 -0.57
C THR A 329 23.49 -5.70 -2.04
N GLY A 330 24.03 -4.55 -2.45
CA GLY A 330 23.87 -4.06 -3.81
C GLY A 330 22.44 -3.65 -4.13
N SER A 331 21.65 -3.36 -3.09
CA SER A 331 20.27 -2.94 -3.30
C SER A 331 20.33 -1.45 -3.63
N LYS A 332 19.77 -1.08 -4.77
CA LYS A 332 19.92 0.27 -5.33
C LYS A 332 18.59 0.94 -5.56
N SER A 333 18.60 2.26 -5.49
CA SER A 333 17.44 3.10 -5.80
C SER A 333 17.89 4.33 -6.60
N SER A 334 17.27 4.56 -7.76
CA SER A 334 17.55 5.74 -8.59
C SER A 334 16.28 6.54 -8.73
N ASN A 335 16.40 7.84 -8.57
CA ASN A 335 15.23 8.68 -8.53
C ASN A 335 15.51 10.01 -9.19
N LEU A 336 14.49 10.54 -9.83
CA LEU A 336 14.52 11.85 -10.46
C LEU A 336 13.46 12.72 -9.83
N LEU A 337 13.85 13.86 -9.26
CA LEU A 337 12.87 14.75 -8.65
C LEU A 337 12.82 16.14 -9.26
N ASP A 338 11.59 16.67 -9.28
CA ASP A 338 11.31 18.01 -9.81
CA ASP A 338 11.34 18.02 -9.81
C ASP A 338 11.13 18.96 -8.63
N LEU A 339 12.21 19.68 -8.29
CA LEU A 339 12.23 20.58 -7.16
C LEU A 339 11.24 21.77 -7.24
N LYS A 340 10.89 22.17 -8.46
CA LYS A 340 9.94 23.27 -8.62
C LYS A 340 8.53 22.93 -8.15
N ASN A 341 8.20 21.64 -8.13
CA ASN A 341 6.83 21.21 -7.91
C ASN A 341 6.70 20.36 -6.64
N PRO A 342 6.96 20.95 -5.47
CA PRO A 342 6.87 20.13 -4.30
C PRO A 342 5.47 19.91 -3.82
N PHE A 343 5.31 18.88 -3.02
CA PHE A 343 4.10 18.63 -2.25
C PHE A 343 4.21 19.29 -0.87
N PHE A 344 3.51 20.41 -0.69
CA PHE A 344 3.45 21.08 0.62
C PHE A 344 2.44 20.33 1.50
N ARG A 345 2.96 19.46 2.34
CA ARG A 345 2.14 18.56 3.14
C ARG A 345 1.70 19.13 4.51
N TYR A 346 2.45 20.08 5.03
CA TYR A 346 2.25 20.56 6.40
C TYR A 346 0.78 20.83 6.81
N THR A 347 0.40 20.27 7.97
CA THR A 347 -0.94 20.43 8.61
C THR A 347 -2.09 19.87 7.80
N SER B 5 -4.44 30.80 -34.38
CA SER B 5 -5.75 30.13 -34.17
C SER B 5 -6.64 30.99 -33.27
N VAL B 6 -7.92 30.64 -33.19
CA VAL B 6 -8.81 31.38 -32.30
C VAL B 6 -8.24 31.34 -30.87
N PHE B 7 -7.77 30.16 -30.47
CA PHE B 7 -7.21 29.99 -29.14
C PHE B 7 -6.00 30.88 -28.85
N SER B 8 -4.99 30.80 -29.71
CA SER B 8 -3.76 31.57 -29.48
C SER B 8 -4.04 33.06 -29.61
N GLU B 9 -5.07 33.40 -30.38
CA GLU B 9 -5.46 34.82 -30.56
C GLU B 9 -5.87 35.47 -29.23
N ARG B 10 -6.71 34.78 -28.46
CA ARG B 10 -7.21 35.28 -27.17
C ARG B 10 -6.39 34.88 -25.93
N THR B 11 -5.24 34.22 -26.11
CA THR B 11 -4.49 33.63 -24.99
C THR B 11 -3.01 33.94 -25.05
N GLU B 12 -2.48 34.51 -23.96
CA GLU B 12 -1.05 34.72 -23.82
C GLU B 12 -0.33 33.38 -23.79
N GLU B 13 0.68 33.24 -24.64
CA GLU B 13 1.36 31.96 -24.80
C GLU B 13 1.72 31.39 -23.43
N SER B 14 2.31 32.20 -22.56
CA SER B 14 2.70 31.69 -21.24
C SER B 14 1.54 31.19 -20.38
N SER B 15 0.37 31.83 -20.47
CA SER B 15 -0.80 31.38 -19.72
C SER B 15 -1.22 29.99 -20.19
N ALA B 16 -1.26 29.81 -21.50
CA ALA B 16 -1.56 28.52 -22.10
C ALA B 16 -0.58 27.43 -21.65
N VAL B 17 0.68 27.78 -21.49
CA VAL B 17 1.72 26.80 -21.15
C VAL B 17 1.51 26.27 -19.75
N GLN B 18 1.36 27.18 -18.82
CA GLN B 18 1.01 26.86 -17.45
C GLN B 18 -0.26 26.03 -17.39
N TYR B 19 -1.29 26.47 -18.10
CA TYR B 19 -2.58 25.83 -18.05
C TYR B 19 -2.52 24.34 -18.48
N PHE B 20 -1.93 24.06 -19.64
CA PHE B 20 -1.84 22.67 -20.09
C PHE B 20 -0.80 21.84 -19.33
N GLN B 21 0.18 22.50 -18.72
CA GLN B 21 1.06 21.83 -17.77
C GLN B 21 0.29 21.30 -16.56
N PHE B 22 -0.61 22.12 -16.05
CA PHE B 22 -1.41 21.75 -14.91
C PHE B 22 -2.22 20.51 -15.24
N TYR B 23 -2.85 20.49 -16.41
CA TYR B 23 -3.76 19.41 -16.74
C TYR B 23 -2.98 18.18 -17.23
N GLY B 24 -1.68 18.37 -17.47
CA GLY B 24 -0.80 17.29 -17.84
C GLY B 24 -0.44 16.39 -16.67
N TYR B 25 -0.86 16.77 -15.45
CA TYR B 25 -0.63 15.97 -14.26
C TYR B 25 -1.77 14.98 -14.05
N LEU B 26 -1.37 13.71 -13.94
CA LEU B 26 -2.27 12.64 -13.57
C LEU B 26 -2.94 12.98 -12.28
N SER B 27 -2.18 13.58 -11.37
CA SER B 27 -2.75 13.99 -10.10
C SER B 27 -3.89 14.96 -10.27
N GLN B 28 -3.81 15.88 -11.24
CA GLN B 28 -4.92 16.82 -11.41
C GLN B 28 -6.09 16.19 -12.13
N GLN B 29 -5.83 15.29 -13.07
CA GLN B 29 -6.91 14.54 -13.69
C GLN B 29 -7.65 13.73 -12.62
N GLN B 30 -6.87 13.11 -11.75
CA GLN B 30 -7.37 12.28 -10.67
C GLN B 30 -8.28 13.06 -9.74
N ASN B 31 -7.83 14.26 -9.38
CA ASN B 31 -8.63 15.15 -8.54
C ASN B 31 -10.03 15.37 -9.14
N MET B 32 -10.10 15.62 -10.43
CA MET B 32 -11.41 15.72 -11.09
C MET B 32 -12.13 14.38 -11.17
N MET B 33 -11.41 13.34 -11.54
CA MET B 33 -12.02 12.01 -11.67
C MET B 33 -12.67 11.57 -10.34
N GLN B 34 -11.94 11.77 -9.23
CA GLN B 34 -12.42 11.43 -7.88
C GLN B 34 -13.58 12.27 -7.35
N ASP B 35 -13.88 13.41 -7.98
CA ASP B 35 -15.08 14.12 -7.60
C ASP B 35 -16.25 13.24 -8.04
N TYR B 36 -16.83 12.52 -7.08
CA TYR B 36 -17.89 11.55 -7.35
C TYR B 36 -19.15 12.17 -7.92
N VAL B 37 -19.56 13.31 -7.38
CA VAL B 37 -20.76 13.97 -7.91
C VAL B 37 -20.51 14.30 -9.38
N ARG B 38 -19.32 14.79 -9.66
CA ARG B 38 -18.97 15.21 -11.01
C ARG B 38 -18.95 14.03 -11.95
N THR B 39 -18.10 13.08 -11.65
CA THR B 39 -17.82 11.99 -12.54
C THR B 39 -19.01 11.04 -12.61
N GLY B 40 -19.61 10.76 -11.46
CA GLY B 40 -20.78 9.91 -11.40
C GLY B 40 -21.95 10.48 -12.17
N THR B 41 -22.15 11.79 -12.07
CA THR B 41 -23.28 12.44 -12.75
C THR B 41 -23.04 12.45 -14.26
N TYR B 42 -21.82 12.71 -14.70
CA TYR B 42 -21.53 12.64 -16.13
C TYR B 42 -21.89 11.25 -16.66
N GLN B 43 -21.42 10.20 -15.98
CA GLN B 43 -21.67 8.85 -16.41
C GLN B 43 -23.17 8.54 -16.53
N ARG B 44 -23.92 8.96 -15.52
CA ARG B 44 -25.35 8.71 -15.42
C ARG B 44 -26.11 9.47 -16.52
N ALA B 45 -25.71 10.69 -16.78
CA ALA B 45 -26.37 11.47 -17.82
C ALA B 45 -26.21 10.80 -19.19
N ILE B 46 -25.02 10.26 -19.43
CA ILE B 46 -24.72 9.64 -20.72
C ILE B 46 -25.44 8.28 -20.86
N LEU B 47 -25.33 7.43 -19.84
CA LEU B 47 -25.86 6.08 -19.92
C LEU B 47 -27.39 6.07 -19.93
N GLN B 48 -28.02 6.97 -19.17
CA GLN B 48 -29.49 7.00 -19.08
C GLN B 48 -30.07 7.63 -20.32
N ASN B 49 -29.23 8.32 -21.08
CA ASN B 49 -29.64 8.83 -22.39
C ASN B 49 -28.92 8.04 -23.47
N HIS B 50 -29.03 6.70 -23.39
CA HIS B 50 -28.30 5.79 -24.29
C HIS B 50 -28.64 5.97 -25.77
N THR B 51 -29.84 6.44 -26.06
CA THR B 51 -30.28 6.65 -27.43
C THR B 51 -29.57 7.86 -28.04
N ASP B 52 -29.10 8.79 -27.21
CA ASP B 52 -28.34 9.90 -27.76
C ASP B 52 -26.91 9.49 -28.09
N PHE B 53 -26.52 8.27 -27.71
CA PHE B 53 -25.15 7.78 -27.95
C PHE B 53 -25.04 6.50 -28.78
N LYS B 54 -26.05 5.64 -28.70
CA LYS B 54 -25.98 4.34 -29.37
C LYS B 54 -25.71 4.54 -30.86
N ASP B 55 -24.60 3.96 -31.32
CA ASP B 55 -24.13 4.00 -32.71
C ASP B 55 -23.90 5.40 -33.23
N LYS B 56 -23.53 6.33 -32.35
CA LYS B 56 -23.38 7.73 -32.76
C LYS B 56 -21.93 8.12 -32.90
N ILE B 57 -21.70 9.27 -33.53
CA ILE B 57 -20.39 9.88 -33.56
C ILE B 57 -20.33 10.98 -32.49
N VAL B 58 -19.27 10.94 -31.68
CA VAL B 58 -19.13 11.84 -30.54
C VAL B 58 -17.81 12.58 -30.61
N LEU B 59 -17.83 13.81 -30.13
CA LEU B 59 -16.64 14.61 -29.90
C LEU B 59 -16.51 14.93 -28.41
N ASP B 60 -15.42 14.49 -27.79
CA ASP B 60 -15.14 14.82 -26.40
C ASP B 60 -14.10 15.93 -26.41
N VAL B 61 -14.54 17.13 -26.05
CA VAL B 61 -13.66 18.29 -26.06
C VAL B 61 -12.84 18.38 -24.77
N GLY B 62 -11.53 18.17 -24.87
CA GLY B 62 -10.67 18.20 -23.69
C GLY B 62 -10.85 16.91 -22.89
N CYS B 63 -10.47 15.80 -23.50
CA CYS B 63 -10.85 14.49 -22.98
C CYS B 63 -10.03 14.08 -21.74
N GLY B 64 -8.90 14.73 -21.53
CA GLY B 64 -8.10 14.47 -20.33
C GLY B 64 -7.65 13.02 -20.33
N SER B 65 -8.02 12.29 -19.29
CA SER B 65 -7.74 10.86 -19.18
C SER B 65 -8.48 9.98 -20.20
N GLY B 66 -9.60 10.47 -20.74
CA GLY B 66 -10.43 9.67 -21.62
C GLY B 66 -11.76 9.40 -20.97
N ILE B 67 -11.86 9.72 -19.69
CA ILE B 67 -12.95 9.21 -18.88
C ILE B 67 -14.35 9.39 -19.48
N LEU B 68 -14.64 10.57 -20.00
CA LEU B 68 -15.96 10.81 -20.59
C LEU B 68 -16.14 10.03 -21.90
N SER B 69 -15.06 9.81 -22.62
CA SER B 69 -15.10 9.04 -23.86
C SER B 69 -15.33 7.55 -23.59
N PHE B 70 -14.79 7.04 -22.49
CA PHE B 70 -15.15 5.71 -22.03
C PHE B 70 -16.62 5.62 -21.66
N PHE B 71 -17.21 6.67 -21.10
CA PHE B 71 -18.62 6.59 -20.78
C PHE B 71 -19.43 6.61 -22.07
N ALA B 72 -19.08 7.48 -23.00
CA ALA B 72 -19.71 7.45 -24.32
C ALA B 72 -19.58 6.05 -24.97
N ALA B 73 -18.42 5.42 -24.83
CA ALA B 73 -18.23 4.03 -25.29
C ALA B 73 -19.16 3.06 -24.56
N GLN B 74 -19.24 3.20 -23.24
CA GLN B 74 -20.11 2.33 -22.45
C GLN B 74 -21.58 2.44 -22.90
N ALA B 75 -22.01 3.61 -23.38
CA ALA B 75 -23.40 3.81 -23.85
C ALA B 75 -23.64 3.40 -25.32
N GLY B 76 -22.61 2.86 -25.98
CA GLY B 76 -22.78 2.27 -27.33
C GLY B 76 -22.40 3.12 -28.52
N ALA B 77 -21.55 4.13 -28.31
CA ALA B 77 -21.21 5.05 -29.39
C ALA B 77 -20.34 4.33 -30.40
N ARG B 78 -20.48 4.65 -31.66
CA ARG B 78 -19.65 3.96 -32.65
C ARG B 78 -18.26 4.55 -32.77
N LYS B 79 -18.19 5.87 -32.71
CA LYS B 79 -16.93 6.56 -32.90
C LYS B 79 -16.88 7.83 -32.05
N ILE B 80 -15.82 7.94 -31.26
CA ILE B 80 -15.65 9.05 -30.34
C ILE B 80 -14.31 9.67 -30.61
N TYR B 81 -14.33 10.92 -31.04
CA TYR B 81 -13.10 11.68 -31.17
C TYR B 81 -12.84 12.43 -29.87
N ALA B 82 -11.69 12.13 -29.30
CA ALA B 82 -11.30 12.62 -28.00
C ALA B 82 -10.14 13.57 -28.17
N VAL B 83 -10.43 14.86 -28.07
CA VAL B 83 -9.43 15.90 -28.26
C VAL B 83 -8.85 16.35 -26.93
N GLU B 84 -7.52 16.51 -26.89
CA GLU B 84 -6.86 16.91 -25.64
C GLU B 84 -5.52 17.60 -25.93
N ALA B 85 -5.37 18.80 -25.39
CA ALA B 85 -4.27 19.66 -25.72
C ALA B 85 -3.05 19.47 -24.86
N SER B 86 -3.21 18.96 -23.64
CA SER B 86 -2.08 18.69 -22.75
C SER B 86 -1.38 17.38 -23.12
N THR B 87 -0.22 17.15 -22.53
CA THR B 87 0.46 15.86 -22.68
C THR B 87 -0.33 14.68 -22.08
N MET B 88 -1.42 14.97 -21.35
CA MET B 88 -2.34 13.90 -20.89
C MET B 88 -2.90 13.08 -22.07
N ALA B 89 -2.92 13.65 -23.26
CA ALA B 89 -3.37 12.92 -24.46
C ALA B 89 -2.60 11.63 -24.65
N GLN B 90 -1.29 11.65 -24.45
CA GLN B 90 -0.53 10.40 -24.61
C GLN B 90 -0.95 9.36 -23.59
N HIS B 91 -1.31 9.77 -22.38
CA HIS B 91 -1.82 8.84 -21.39
C HIS B 91 -3.18 8.34 -21.80
N ALA B 92 -4.04 9.24 -22.30
CA ALA B 92 -5.37 8.82 -22.75
C ALA B 92 -5.27 7.71 -23.81
N GLU B 93 -4.29 7.84 -24.69
CA GLU B 93 -4.04 6.87 -25.75
C GLU B 93 -3.70 5.51 -25.20
N VAL B 94 -2.84 5.48 -24.17
CA VAL B 94 -2.45 4.25 -23.48
C VAL B 94 -3.72 3.58 -22.95
N LEU B 95 -4.57 4.34 -22.29
CA LEU B 95 -5.78 3.74 -21.77
C LEU B 95 -6.70 3.20 -22.86
N VAL B 96 -6.83 3.89 -23.99
CA VAL B 96 -7.66 3.39 -25.07
C VAL B 96 -7.18 2.03 -25.58
N LYS B 97 -5.86 1.90 -25.76
CA LYS B 97 -5.26 0.60 -26.16
C LYS B 97 -5.56 -0.47 -25.11
N SER B 98 -5.21 -0.16 -23.87
CA SER B 98 -5.33 -1.12 -22.79
C SER B 98 -6.78 -1.47 -22.49
N ASN B 99 -7.74 -0.63 -22.86
CA ASN B 99 -9.15 -1.03 -22.75
C ASN B 99 -9.72 -1.60 -24.05
N ASN B 100 -8.85 -1.79 -25.05
CA ASN B 100 -9.20 -2.47 -26.29
C ASN B 100 -10.32 -1.77 -27.02
N LEU B 101 -10.18 -0.45 -27.13
CA LEU B 101 -11.19 0.39 -27.70
C LEU B 101 -10.64 1.23 -28.84
N THR B 102 -9.50 0.86 -29.40
CA THR B 102 -8.83 1.61 -30.46
C THR B 102 -9.68 1.85 -31.72
N ASP B 103 -10.70 1.04 -31.96
CA ASP B 103 -11.54 1.25 -33.15
C ASP B 103 -12.81 2.03 -32.84
N ARG B 104 -12.91 2.55 -31.64
CA ARG B 104 -14.11 3.26 -31.23
C ARG B 104 -13.80 4.63 -30.61
N ILE B 105 -12.62 4.75 -30.00
CA ILE B 105 -12.15 6.02 -29.48
C ILE B 105 -10.87 6.38 -30.16
N VAL B 106 -10.80 7.58 -30.71
CA VAL B 106 -9.63 8.09 -31.38
C VAL B 106 -9.18 9.32 -30.64
N VAL B 107 -7.99 9.25 -30.06
CA VAL B 107 -7.43 10.35 -29.32
C VAL B 107 -6.72 11.28 -30.29
N ILE B 108 -7.04 12.57 -30.22
CA ILE B 108 -6.45 13.55 -31.14
C ILE B 108 -5.71 14.60 -30.31
N PRO B 109 -4.36 14.54 -30.27
CA PRO B 109 -3.59 15.49 -29.47
C PRO B 109 -3.61 16.88 -30.04
N GLY B 110 -4.17 17.82 -29.29
CA GLY B 110 -4.08 19.22 -29.65
C GLY B 110 -5.24 20.04 -29.15
N LYS B 111 -5.21 21.32 -29.51
CA LYS B 111 -6.25 22.23 -29.15
C LYS B 111 -7.41 22.05 -30.12
N VAL B 112 -8.63 22.01 -29.60
CA VAL B 112 -9.82 21.84 -30.42
C VAL B 112 -10.02 22.95 -31.46
N GLU B 113 -9.37 24.10 -31.24
CA GLU B 113 -9.41 25.22 -32.16
C GLU B 113 -8.40 25.03 -33.29
N GLU B 114 -7.52 24.04 -33.16
CA GLU B 114 -6.45 23.82 -34.15
C GLU B 114 -6.46 22.47 -34.84
N VAL B 115 -7.07 21.46 -34.27
CA VAL B 115 -7.00 20.13 -34.86
C VAL B 115 -7.97 19.96 -36.05
N SER B 116 -7.93 18.80 -36.69
CA SER B 116 -8.92 18.42 -37.69
C SER B 116 -9.71 17.20 -37.25
N LEU B 117 -11.00 17.16 -37.55
CA LEU B 117 -11.78 15.93 -37.41
C LEU B 117 -12.07 15.37 -38.81
N PRO B 118 -12.08 14.04 -38.94
CA PRO B 118 -12.36 13.41 -40.23
C PRO B 118 -13.84 13.36 -40.60
N GLU B 119 -14.73 13.83 -39.72
CA GLU B 119 -16.17 13.87 -39.97
C GLU B 119 -16.90 14.71 -38.91
N GLN B 120 -18.18 14.99 -39.18
CA GLN B 120 -19.00 15.78 -38.26
C GLN B 120 -19.65 14.86 -37.22
N VAL B 121 -20.03 15.41 -36.08
CA VAL B 121 -20.46 14.55 -34.97
C VAL B 121 -21.92 14.80 -34.64
N ASP B 122 -22.55 13.83 -34.00
CA ASP B 122 -23.95 13.95 -33.58
C ASP B 122 -24.08 14.66 -32.26
N ILE B 123 -23.06 14.53 -31.42
CA ILE B 123 -23.10 15.08 -30.08
C ILE B 123 -21.71 15.41 -29.58
N ILE B 124 -21.63 16.50 -28.82
CA ILE B 124 -20.38 16.92 -28.22
C ILE B 124 -20.54 16.83 -26.71
N ILE B 125 -19.57 16.19 -26.07
CA ILE B 125 -19.53 16.09 -24.62
C ILE B 125 -18.25 16.81 -24.15
N SER B 126 -18.33 17.46 -22.99
CA SER B 126 -17.17 18.11 -22.43
C SER B 126 -17.40 18.36 -20.97
N GLU B 127 -16.32 18.53 -20.24
CA GLU B 127 -16.39 19.13 -18.90
C GLU B 127 -15.42 20.31 -18.86
N PRO B 128 -15.91 21.50 -19.24
CA PRO B 128 -15.13 22.73 -19.34
C PRO B 128 -15.51 23.80 -18.32
N MET B 129 -16.16 23.42 -17.23
CA MET B 129 -16.65 24.39 -16.25
C MET B 129 -15.52 24.74 -15.29
N GLY B 130 -15.21 26.02 -15.18
CA GLY B 130 -14.26 26.49 -14.19
C GLY B 130 -15.03 26.85 -12.95
N TYR B 131 -14.32 27.20 -11.90
CA TYR B 131 -15.01 27.79 -10.76
C TYR B 131 -15.65 29.10 -11.24
N MET B 132 -16.77 29.44 -10.61
CA MET B 132 -17.68 30.49 -11.07
C MET B 132 -18.19 30.23 -12.52
N LEU B 133 -18.20 28.97 -12.92
CA LEU B 133 -18.51 28.52 -14.26
C LEU B 133 -17.46 28.90 -15.29
N PHE B 134 -17.12 30.20 -15.36
CA PHE B 134 -16.36 30.77 -16.50
C PHE B 134 -14.87 30.76 -16.39
N ASN B 135 -14.34 30.62 -15.18
CA ASN B 135 -12.88 30.62 -15.08
C ASN B 135 -12.29 29.61 -16.03
N GLU B 136 -11.13 29.94 -16.58
CA GLU B 136 -10.40 29.12 -17.57
C GLU B 136 -10.74 29.45 -19.02
N ARG B 137 -11.92 30.03 -19.22
CA ARG B 137 -12.40 30.36 -20.55
C ARG B 137 -12.55 29.15 -21.47
N MET B 138 -12.71 27.95 -20.89
CA MET B 138 -12.79 26.77 -21.72
C MET B 138 -14.21 26.63 -22.32
N LEU B 139 -15.22 27.27 -21.75
CA LEU B 139 -16.55 27.26 -22.39
C LEU B 139 -16.48 27.80 -23.82
N GLU B 140 -15.55 28.71 -24.08
CA GLU B 140 -15.38 29.22 -25.43
C GLU B 140 -14.88 28.12 -26.36
N SER B 141 -14.08 27.21 -25.83
CA SER B 141 -13.57 26.10 -26.62
C SER B 141 -14.69 25.09 -26.91
N TYR B 142 -15.52 24.84 -25.93
CA TYR B 142 -16.73 24.00 -26.10
C TYR B 142 -17.63 24.62 -27.18
N LEU B 143 -17.91 25.91 -27.07
CA LEU B 143 -18.71 26.56 -28.10
C LEU B 143 -18.01 26.55 -29.47
N HIS B 144 -16.71 26.76 -29.49
CA HIS B 144 -15.97 26.78 -30.75
C HIS B 144 -16.10 25.43 -31.48
N ALA B 145 -16.08 24.35 -30.72
CA ALA B 145 -16.22 23.00 -31.25
C ALA B 145 -17.53 22.73 -32.03
N LYS B 146 -18.55 23.60 -31.87
CA LYS B 146 -19.80 23.41 -32.58
C LYS B 146 -19.60 23.40 -34.10
N LYS B 147 -18.46 23.90 -34.60
CA LYS B 147 -18.17 23.81 -36.05
C LYS B 147 -18.13 22.39 -36.55
N TYR B 148 -18.00 21.44 -35.62
CA TYR B 148 -17.96 20.04 -35.92
C TYR B 148 -19.29 19.34 -35.76
N LEU B 149 -20.32 20.08 -35.37
CA LEU B 149 -21.59 19.50 -34.97
C LEU B 149 -22.57 19.43 -36.17
N LYS B 150 -23.13 18.27 -36.44
CA LYS B 150 -24.17 18.16 -37.47
C LYS B 150 -25.38 19.06 -37.16
N PRO B 151 -26.11 19.49 -38.19
CA PRO B 151 -27.33 20.25 -37.89
C PRO B 151 -28.25 19.44 -36.96
N SER B 152 -28.84 20.10 -35.97
CA SER B 152 -29.65 19.43 -34.95
C SER B 152 -28.88 18.46 -34.02
N GLY B 153 -27.56 18.49 -34.03
CA GLY B 153 -26.78 17.68 -33.07
C GLY B 153 -26.93 18.22 -31.64
N ASN B 154 -26.40 17.50 -30.65
CA ASN B 154 -26.62 17.88 -29.25
C ASN B 154 -25.32 18.21 -28.51
N MET B 155 -25.48 18.80 -27.32
CA MET B 155 -24.35 19.14 -26.49
CA MET B 155 -24.37 19.24 -26.46
C MET B 155 -24.60 18.73 -25.05
N PHE B 156 -23.60 18.08 -24.45
CA PHE B 156 -23.68 17.53 -23.11
C PHE B 156 -22.48 18.06 -22.33
N PRO B 157 -22.67 19.06 -21.48
CA PRO B 157 -23.98 19.60 -21.10
C PRO B 157 -24.62 20.55 -22.11
N THR B 158 -25.92 20.77 -21.93
CA THR B 158 -26.74 21.55 -22.88
C THR B 158 -26.84 23.01 -22.50
N ILE B 159 -26.95 23.27 -21.20
CA ILE B 159 -27.06 24.62 -20.71
C ILE B 159 -26.36 24.76 -19.37
N GLY B 160 -25.93 25.98 -19.07
CA GLY B 160 -25.32 26.29 -17.78
C GLY B 160 -26.09 27.44 -17.14
N ASP B 161 -26.34 27.32 -15.84
CA ASP B 161 -26.93 28.40 -15.06
C ASP B 161 -25.91 28.87 -14.04
N VAL B 162 -25.58 30.16 -14.02
CA VAL B 162 -24.81 30.73 -12.90
C VAL B 162 -25.77 31.38 -11.91
N HIS B 163 -25.58 31.08 -10.62
CA HIS B 163 -26.38 31.71 -9.56
C HIS B 163 -25.55 32.71 -8.76
N LEU B 164 -26.17 33.85 -8.46
CA LEU B 164 -25.60 34.91 -7.65
C LEU B 164 -26.56 35.16 -6.51
N ALA B 165 -26.04 35.43 -5.32
CA ALA B 165 -26.89 35.86 -4.24
C ALA B 165 -26.11 36.63 -3.18
N PRO B 166 -26.76 37.57 -2.52
CA PRO B 166 -26.05 38.35 -1.50
C PRO B 166 -25.81 37.53 -0.24
N PHE B 167 -24.68 37.74 0.44
CA PHE B 167 -24.45 37.08 1.73
C PHE B 167 -24.03 38.06 2.82
N THR B 168 -24.27 37.66 4.07
CA THR B 168 -23.69 38.30 5.25
C THR B 168 -22.77 37.32 5.93
N ASP B 169 -21.53 37.73 6.15
CA ASP B 169 -20.56 36.96 6.87
C ASP B 169 -19.59 37.92 7.52
N GLU B 170 -19.97 38.44 8.69
CA GLU B 170 -19.23 39.50 9.31
C GLU B 170 -17.79 39.04 9.53
N GLN B 171 -17.60 37.81 9.94
CA GLN B 171 -16.26 37.32 10.22
C GLN B 171 -15.37 37.26 8.99
N LEU B 172 -15.94 36.87 7.86
CA LEU B 172 -15.13 36.76 6.67
C LEU B 172 -14.63 38.14 6.33
N TYR B 173 -15.57 39.07 6.36
CA TYR B 173 -15.26 40.46 6.15
C TYR B 173 -14.14 40.95 7.06
N MET B 174 -14.30 40.75 8.38
CA MET B 174 -13.39 41.38 9.35
C MET B 174 -11.99 40.80 9.28
N GLU B 175 -11.92 39.49 9.00
CA GLU B 175 -10.66 38.77 8.76
C GLU B 175 -9.73 39.46 7.74
N GLN B 176 -10.29 40.17 6.76
CA GLN B 176 -9.47 40.87 5.79
C GLN B 176 -8.64 41.96 6.48
N PHE B 177 -9.25 42.64 7.45
CA PHE B 177 -8.55 43.71 8.17
C PHE B 177 -7.59 43.16 9.20
N THR B 178 -7.96 42.02 9.76
CA THR B 178 -7.12 41.33 10.69
C THR B 178 -5.81 41.07 10.01
N LYS B 179 -5.89 40.46 8.83
CA LYS B 179 -4.70 40.11 8.06
C LYS B 179 -3.95 41.38 7.69
N ALA B 180 -4.64 42.34 7.10
CA ALA B 180 -3.96 43.57 6.68
C ALA B 180 -3.29 44.33 7.84
N ASN B 181 -3.87 44.32 9.04
CA ASN B 181 -3.31 45.09 10.16
C ASN B 181 -1.94 44.60 10.63
N PHE B 182 -1.46 43.48 10.07
CA PHE B 182 -0.05 43.16 10.16
C PHE B 182 0.77 44.41 9.87
N TRP B 183 0.39 45.16 8.84
CA TRP B 183 1.16 46.33 8.42
C TRP B 183 0.97 47.54 9.35
N TYR B 184 -0.04 47.49 10.23
CA TYR B 184 -0.35 48.64 11.07
C TYR B 184 0.45 48.52 12.36
N GLN B 185 1.76 48.65 12.22
CA GLN B 185 2.68 48.47 13.32
C GLN B 185 3.73 49.56 13.18
N PRO B 186 3.89 50.40 14.22
CA PRO B 186 4.83 51.50 14.15
C PRO B 186 6.27 51.04 14.32
N SER B 187 6.47 49.86 14.89
CA SER B 187 7.83 49.35 15.09
C SER B 187 7.92 47.83 14.99
N PHE B 188 7.71 47.33 13.77
CA PHE B 188 8.02 45.96 13.44
C PHE B 188 9.55 45.88 13.26
N HIS B 189 10.22 45.28 14.25
CA HIS B 189 11.68 45.29 14.34
C HIS B 189 12.22 46.69 14.11
N GLY B 190 11.50 47.68 14.62
CA GLY B 190 11.89 49.09 14.51
C GLY B 190 11.44 49.83 13.26
N VAL B 191 10.62 49.21 12.43
CA VAL B 191 10.21 49.79 11.17
C VAL B 191 8.71 50.10 11.19
N ASP B 192 8.34 51.34 10.85
CA ASP B 192 6.95 51.71 10.75
C ASP B 192 6.39 51.19 9.45
N LEU B 193 5.57 50.15 9.55
CA LEU B 193 4.97 49.53 8.36
C LEU B 193 3.64 50.16 7.92
N SER B 194 3.12 51.11 8.70
CA SER B 194 1.74 51.62 8.56
C SER B 194 1.29 52.04 7.18
N ALA B 195 2.20 52.65 6.43
CA ALA B 195 1.87 53.24 5.15
C ALA B 195 1.36 52.21 4.14
N LEU B 196 1.65 50.92 4.33
CA LEU B 196 1.20 49.89 3.39
C LEU B 196 -0.11 49.19 3.75
N ARG B 197 -0.72 49.61 4.84
CA ARG B 197 -1.88 48.91 5.33
C ARG B 197 -3.01 48.97 4.32
N GLY B 198 -3.22 50.15 3.73
CA GLY B 198 -4.31 50.36 2.76
C GLY B 198 -4.10 49.47 1.53
N ALA B 199 -2.88 49.45 1.03
CA ALA B 199 -2.54 48.58 -0.11
C ALA B 199 -2.75 47.12 0.26
N ALA B 200 -2.39 46.72 1.48
CA ALA B 200 -2.61 45.33 1.87
C ALA B 200 -4.09 45.01 1.88
N VAL B 201 -4.91 45.94 2.34
CA VAL B 201 -6.37 45.72 2.34
C VAL B 201 -6.85 45.52 0.90
N ASP B 202 -6.41 46.39 0.00
CA ASP B 202 -6.87 46.34 -1.39
C ASP B 202 -6.48 45.01 -2.03
N GLU B 203 -5.28 44.53 -1.74
CA GLU B 203 -4.83 43.25 -2.27
C GLU B 203 -5.76 42.13 -1.86
N TYR B 204 -6.11 42.05 -0.57
CA TYR B 204 -6.97 40.97 -0.10
C TYR B 204 -8.38 41.04 -0.67
N PHE B 205 -8.90 42.24 -0.85
CA PHE B 205 -10.23 42.41 -1.40
C PHE B 205 -10.36 42.07 -2.89
N ARG B 206 -9.26 42.07 -3.62
CA ARG B 206 -9.28 41.68 -5.02
C ARG B 206 -9.42 40.17 -5.27
N GLN B 207 -9.30 39.34 -4.24
CA GLN B 207 -9.30 37.90 -4.42
C GLN B 207 -10.68 37.35 -4.15
N PRO B 208 -11.29 36.73 -5.15
CA PRO B 208 -12.48 35.96 -4.79
C PRO B 208 -12.12 34.84 -3.81
N VAL B 209 -13.05 34.49 -2.93
CA VAL B 209 -12.84 33.48 -1.91
C VAL B 209 -13.49 32.15 -2.34
N VAL B 210 -12.68 31.13 -2.50
CA VAL B 210 -13.17 29.80 -2.84
C VAL B 210 -13.23 28.97 -1.59
N ASP B 211 -14.43 28.69 -1.13
CA ASP B 211 -14.70 27.67 -0.16
C ASP B 211 -16.20 27.43 -0.14
N THR B 212 -16.67 26.63 0.81
CA THR B 212 -18.10 26.42 0.95
C THR B 212 -18.58 27.18 2.17
N PHE B 213 -19.87 27.11 2.45
CA PHE B 213 -20.46 27.90 3.51
C PHE B 213 -21.85 27.39 3.80
N ASP B 214 -22.36 27.77 4.97
CA ASP B 214 -23.72 27.39 5.36
C ASP B 214 -24.74 28.26 4.67
N ILE B 215 -25.76 27.66 4.08
CA ILE B 215 -26.72 28.45 3.32
C ILE B 215 -27.43 29.57 4.10
N ARG B 216 -27.32 29.57 5.42
CA ARG B 216 -27.95 30.62 6.22
C ARG B 216 -27.27 31.99 6.06
N ILE B 217 -26.07 32.05 5.49
CA ILE B 217 -25.47 33.35 5.20
C ILE B 217 -26.19 34.05 4.05
N LEU B 218 -26.89 33.31 3.20
CA LEU B 218 -27.55 33.92 2.04
C LEU B 218 -28.75 34.76 2.46
N MET B 219 -28.80 36.02 2.00
CA MET B 219 -29.86 36.94 2.44
C MET B 219 -31.00 37.10 1.45
N ALA B 220 -30.91 36.51 0.26
CA ALA B 220 -32.00 36.54 -0.71
C ALA B 220 -31.91 35.35 -1.66
N LYS B 221 -33.02 35.02 -2.32
CA LYS B 221 -33.01 33.98 -3.34
C LYS B 221 -32.14 34.40 -4.50
N SER B 222 -31.46 33.42 -5.10
CA SER B 222 -30.45 33.71 -6.10
C SER B 222 -31.12 34.20 -7.34
N VAL B 223 -30.42 35.01 -8.12
CA VAL B 223 -30.81 35.26 -9.49
C VAL B 223 -29.86 34.44 -10.32
N LYS B 224 -30.34 33.96 -11.46
CA LYS B 224 -29.51 33.15 -12.33
C LYS B 224 -29.32 33.77 -13.67
N TYR B 225 -28.17 33.47 -14.24
CA TYR B 225 -27.80 33.85 -15.56
C TYR B 225 -27.56 32.56 -16.31
N THR B 226 -28.21 32.41 -17.46
CA THR B 226 -28.22 31.15 -18.20
C THR B 226 -27.44 31.32 -19.47
N VAL B 227 -26.69 30.28 -19.83
CA VAL B 227 -26.01 30.19 -21.10
C VAL B 227 -26.50 28.93 -21.80
N ASN B 228 -27.13 29.09 -22.96
CA ASN B 228 -27.56 27.95 -23.75
C ASN B 228 -26.45 27.55 -24.69
N PHE B 229 -25.84 26.39 -24.47
CA PHE B 229 -24.66 26.03 -25.25
C PHE B 229 -25.03 25.68 -26.68
N LEU B 230 -26.27 25.26 -26.93
CA LEU B 230 -26.71 25.02 -28.31
C LEU B 230 -26.76 26.31 -29.12
N GLU B 231 -27.09 27.42 -28.47
CA GLU B 231 -27.32 28.68 -29.19
C GLU B 231 -26.21 29.69 -29.04
N ALA B 232 -25.49 29.68 -27.93
CA ALA B 232 -24.46 30.71 -27.72
C ALA B 232 -23.28 30.59 -28.69
N LYS B 233 -22.64 31.73 -28.94
CA LYS B 233 -21.40 31.87 -29.69
C LYS B 233 -20.29 32.29 -28.74
N GLU B 234 -19.05 32.04 -29.13
CA GLU B 234 -17.89 32.28 -28.29
C GLU B 234 -17.85 33.69 -27.81
N GLY B 235 -18.09 34.62 -28.74
CA GLY B 235 -18.00 36.04 -28.45
C GLY B 235 -18.98 36.48 -27.41
N ASP B 236 -20.05 35.71 -27.21
CA ASP B 236 -20.99 36.02 -26.16
C ASP B 236 -20.37 35.97 -24.77
N LEU B 237 -19.18 35.35 -24.63
CA LEU B 237 -18.55 35.19 -23.33
C LEU B 237 -17.38 36.12 -23.08
N HIS B 238 -17.14 37.05 -24.01
CA HIS B 238 -16.07 38.03 -23.82
C HIS B 238 -16.43 39.12 -22.85
N ARG B 239 -17.71 39.37 -22.67
CA ARG B 239 -18.18 40.40 -21.80
C ARG B 239 -19.48 39.86 -21.27
N ILE B 240 -19.53 39.55 -19.98
CA ILE B 240 -20.71 38.92 -19.42
C ILE B 240 -21.31 39.85 -18.41
N GLU B 241 -22.48 40.40 -18.75
CA GLU B 241 -23.13 41.38 -17.90
C GLU B 241 -24.29 40.68 -17.20
N ILE B 242 -24.23 40.64 -15.87
CA ILE B 242 -25.25 40.04 -15.09
C ILE B 242 -25.94 41.10 -14.23
N PRO B 243 -27.09 41.58 -14.71
CA PRO B 243 -27.87 42.49 -13.87
C PRO B 243 -28.49 41.73 -12.72
N PHE B 244 -28.73 42.40 -11.60
CA PHE B 244 -29.49 41.79 -10.54
C PHE B 244 -30.36 42.75 -9.78
N LYS B 245 -31.47 42.20 -9.30
CA LYS B 245 -32.32 42.86 -8.34
C LYS B 245 -32.71 41.80 -7.34
N PHE B 246 -32.20 41.93 -6.13
CA PHE B 246 -32.54 40.98 -5.08
C PHE B 246 -33.63 41.57 -4.17
N HIS B 247 -34.63 40.75 -3.88
CA HIS B 247 -35.59 41.08 -2.84
C HIS B 247 -35.04 40.52 -1.51
N MET B 248 -34.66 41.42 -0.60
CA MET B 248 -33.99 41.01 0.62
C MET B 248 -34.96 40.26 1.52
N LEU B 249 -34.55 39.06 1.94
CA LEU B 249 -35.36 38.21 2.78
C LEU B 249 -34.94 38.35 4.23
N HIS B 250 -33.80 39.01 4.47
CA HIS B 250 -33.23 39.14 5.79
C HIS B 250 -32.56 40.48 5.90
N SER B 251 -32.75 41.15 7.03
CA SER B 251 -32.05 42.37 7.33
C SER B 251 -30.65 42.04 7.80
N GLY B 252 -29.70 42.90 7.46
CA GLY B 252 -28.34 42.79 7.94
C GLY B 252 -27.35 43.50 7.05
N LEU B 253 -26.07 43.29 7.35
CA LEU B 253 -24.98 43.85 6.58
C LEU B 253 -24.58 42.92 5.43
N VAL B 254 -24.76 43.40 4.20
CA VAL B 254 -24.39 42.62 3.02
C VAL B 254 -22.92 42.81 2.73
N HIS B 255 -22.16 41.72 2.78
CA HIS B 255 -20.71 41.79 2.65
C HIS B 255 -20.19 41.39 1.27
N GLY B 256 -21.05 40.93 0.37
CA GLY B 256 -20.58 40.53 -0.98
C GLY B 256 -21.60 39.67 -1.68
N LEU B 257 -21.21 39.11 -2.84
CA LEU B 257 -22.07 38.16 -3.55
C LEU B 257 -21.45 36.76 -3.54
N ALA B 258 -22.30 35.74 -3.38
CA ALA B 258 -21.88 34.36 -3.53
C ALA B 258 -22.29 33.81 -4.90
N PHE B 259 -21.45 32.92 -5.40
CA PHE B 259 -21.59 32.37 -6.76
C PHE B 259 -21.56 30.86 -6.74
N TRP B 260 -22.45 30.24 -7.50
CA TRP B 260 -22.34 28.84 -7.83
C TRP B 260 -22.95 28.57 -9.20
N PHE B 261 -23.01 27.32 -9.62
CA PHE B 261 -23.55 27.01 -10.93
C PHE B 261 -24.05 25.59 -11.08
N ASP B 262 -24.90 25.42 -12.06
CA ASP B 262 -25.50 24.14 -12.35
C ASP B 262 -25.35 23.94 -13.88
N VAL B 263 -25.22 22.71 -14.36
CA VAL B 263 -25.36 22.44 -15.78
C VAL B 263 -26.41 21.32 -15.94
N ALA B 264 -27.09 21.32 -17.09
CA ALA B 264 -28.12 20.31 -17.38
C ALA B 264 -27.74 19.60 -18.64
N PHE B 265 -27.89 18.28 -18.63
CA PHE B 265 -27.73 17.45 -19.81
C PHE B 265 -29.15 17.13 -20.26
N ILE B 266 -29.58 17.78 -21.34
CA ILE B 266 -30.94 17.63 -21.83
C ILE B 266 -30.88 16.54 -22.91
N GLY B 267 -31.12 15.30 -22.51
CA GLY B 267 -31.13 14.17 -23.44
C GLY B 267 -32.51 13.87 -23.99
N SER B 268 -32.58 12.91 -24.90
CA SER B 268 -33.86 12.45 -25.45
C SER B 268 -34.69 11.66 -24.46
N ILE B 269 -34.04 10.95 -23.55
CA ILE B 269 -34.79 10.20 -22.56
C ILE B 269 -35.04 11.02 -21.30
N MET B 270 -34.00 11.66 -20.78
CA MET B 270 -34.19 12.53 -19.62
C MET B 270 -33.24 13.71 -19.59
N THR B 271 -33.60 14.65 -18.75
CA THR B 271 -32.73 15.74 -18.40
C THR B 271 -32.07 15.40 -17.05
N VAL B 272 -30.75 15.42 -17.01
CA VAL B 272 -30.01 15.23 -15.76
C VAL B 272 -29.21 16.47 -15.38
N TRP B 273 -29.26 16.85 -14.09
CA TRP B 273 -28.57 18.06 -13.60
C TRP B 273 -27.27 17.76 -12.81
N LEU B 274 -26.27 18.63 -12.95
CA LEU B 274 -25.08 18.63 -12.08
C LEU B 274 -25.03 19.97 -11.38
N SER B 275 -25.24 19.99 -10.06
CA SER B 275 -25.29 21.26 -9.33
C SER B 275 -24.08 21.42 -8.41
N THR B 276 -23.56 22.64 -8.31
CA THR B 276 -22.51 22.96 -7.33
C THR B 276 -22.99 23.90 -6.24
N ALA B 277 -24.30 23.92 -6.04
CA ALA B 277 -24.93 24.77 -5.05
C ALA B 277 -24.57 24.35 -3.63
N PRO B 278 -24.56 25.32 -2.69
CA PRO B 278 -24.30 25.06 -1.26
C PRO B 278 -25.35 24.19 -0.59
N THR B 279 -26.51 24.02 -1.23
CA THR B 279 -27.52 23.06 -0.81
C THR B 279 -27.21 21.61 -1.21
N GLU B 280 -26.24 21.40 -2.09
CA GLU B 280 -25.96 20.08 -2.58
C GLU B 280 -24.65 19.63 -1.99
N PRO B 281 -24.36 18.31 -2.05
CA PRO B 281 -23.06 17.83 -1.63
C PRO B 281 -21.91 18.52 -2.36
N LEU B 282 -20.79 18.59 -1.65
CA LEU B 282 -19.66 19.39 -2.07
C LEU B 282 -19.01 18.83 -3.32
N THR B 283 -18.53 19.70 -4.20
CA THR B 283 -17.72 19.33 -5.34
C THR B 283 -16.37 20.03 -5.23
N HIS B 284 -15.47 19.67 -6.12
CA HIS B 284 -14.15 20.27 -6.14
C HIS B 284 -14.21 21.71 -6.66
N TRP B 285 -15.40 22.14 -7.12
CA TRP B 285 -15.69 23.55 -7.42
C TRP B 285 -16.10 24.40 -6.21
N TYR B 286 -16.42 23.78 -5.08
CA TYR B 286 -16.86 24.53 -3.90
C TYR B 286 -17.90 25.55 -4.30
N GLN B 287 -17.78 26.77 -3.80
CA GLN B 287 -18.53 27.92 -4.25
C GLN B 287 -17.59 29.12 -4.22
N VAL B 288 -18.05 30.26 -4.74
CA VAL B 288 -17.19 31.45 -4.84
C VAL B 288 -17.86 32.67 -4.24
N ARG B 289 -17.08 33.41 -3.45
CA ARG B 289 -17.59 34.63 -2.86
C ARG B 289 -16.67 35.80 -3.17
N CYS B 290 -17.30 36.88 -3.63
CA CYS B 290 -16.69 38.14 -3.91
C CYS B 290 -17.18 39.16 -2.89
N LEU B 291 -16.26 39.71 -2.11
CA LEU B 291 -16.62 40.71 -1.11
C LEU B 291 -16.75 42.11 -1.68
N PHE B 292 -17.50 42.91 -0.95
CA PHE B 292 -17.50 44.36 -1.10
C PHE B 292 -16.55 44.94 -0.05
N GLN B 293 -15.72 45.91 -0.41
CA GLN B 293 -14.84 46.52 0.60
C GLN B 293 -15.66 47.39 1.54
N SER B 294 -16.80 47.86 1.06
CA SER B 294 -17.77 48.55 1.90
C SER B 294 -19.06 47.77 1.92
N PRO B 295 -19.48 47.30 3.11
CA PRO B 295 -20.72 46.55 3.15
C PRO B 295 -21.94 47.44 3.10
N LEU B 296 -23.08 46.85 2.78
CA LEU B 296 -24.32 47.56 2.62
C LEU B 296 -25.36 47.08 3.62
N PHE B 297 -26.01 47.98 4.35
CA PHE B 297 -27.08 47.62 5.27
C PHE B 297 -28.36 47.50 4.45
N ALA B 298 -29.09 46.43 4.63
CA ALA B 298 -30.39 46.33 4.00
C ALA B 298 -31.34 45.78 5.02
N LYS B 299 -32.63 45.91 4.75
CA LYS B 299 -33.60 45.24 5.58
C LYS B 299 -34.46 44.35 4.72
N ALA B 300 -34.94 43.26 5.32
CA ALA B 300 -35.92 42.42 4.67
C ALA B 300 -36.91 43.35 3.99
N GLY B 301 -37.16 43.10 2.71
CA GLY B 301 -38.15 43.87 1.96
C GLY B 301 -37.54 44.90 1.04
N ASP B 302 -36.39 45.45 1.42
CA ASP B 302 -35.61 46.32 0.53
C ASP B 302 -35.26 45.57 -0.79
N THR B 303 -34.64 46.29 -1.70
CA THR B 303 -34.19 45.77 -2.99
C THR B 303 -32.72 46.12 -3.13
N LEU B 304 -31.88 45.11 -3.41
CA LEU B 304 -30.45 45.32 -3.70
C LEU B 304 -30.22 45.12 -5.18
N SER B 305 -29.95 46.19 -5.91
CA SER B 305 -29.82 46.07 -7.35
C SER B 305 -28.40 46.40 -7.78
N GLY B 306 -28.05 45.94 -8.97
CA GLY B 306 -26.77 46.28 -9.54
C GLY B 306 -26.38 45.39 -10.68
N THR B 307 -25.06 45.32 -10.91
CA THR B 307 -24.48 44.60 -12.03
C THR B 307 -23.19 43.87 -11.62
N CYS B 308 -23.05 42.64 -12.09
CA CYS B 308 -21.79 41.90 -12.03
C CYS B 308 -21.34 41.77 -13.46
N LEU B 309 -20.17 42.34 -13.76
CA LEU B 309 -19.65 42.42 -15.10
C LEU B 309 -18.34 41.68 -15.18
N LEU B 310 -18.30 40.67 -16.03
CA LEU B 310 -17.16 39.82 -16.20
C LEU B 310 -16.52 40.11 -17.55
N ILE B 311 -15.28 40.53 -17.51
CA ILE B 311 -14.56 40.92 -18.70
C ILE B 311 -13.37 40.02 -18.97
N ALA B 312 -13.48 39.23 -20.02
CA ALA B 312 -12.49 38.21 -20.27
C ALA B 312 -11.12 38.83 -20.38
N ASN B 313 -10.09 38.11 -19.94
CA ASN B 313 -8.74 38.62 -20.19
C ASN B 313 -7.88 37.55 -20.88
N LYS B 314 -6.68 37.91 -21.26
CA LYS B 314 -5.83 36.99 -22.01
C LYS B 314 -5.12 35.92 -21.17
N ARG B 315 -5.39 35.88 -19.85
CA ARG B 315 -4.83 34.81 -19.03
C ARG B 315 -5.91 33.83 -18.62
N GLN B 316 -6.83 33.64 -19.56
CA GLN B 316 -7.84 32.61 -19.49
C GLN B 316 -8.74 32.79 -18.29
N SER B 317 -9.07 34.04 -17.96
CA SER B 317 -9.96 34.32 -16.86
C SER B 317 -10.68 35.63 -17.11
N TYR B 318 -11.17 36.24 -16.05
CA TYR B 318 -11.97 37.44 -16.14
C TYR B 318 -11.58 38.43 -15.05
N ASP B 319 -11.76 39.71 -15.39
CA ASP B 319 -11.76 40.80 -14.45
C ASP B 319 -13.18 40.99 -14.03
N ILE B 320 -13.38 40.98 -12.73
CA ILE B 320 -14.71 41.02 -12.18
C ILE B 320 -14.94 42.43 -11.67
N SER B 321 -16.09 43.00 -12.05
CA SER B 321 -16.52 44.28 -11.56
C SER B 321 -17.91 44.11 -11.01
N ILE B 322 -18.09 44.47 -9.74
CA ILE B 322 -19.39 44.35 -9.13
C ILE B 322 -19.82 45.68 -8.53
N VAL B 323 -21.01 46.13 -8.92
CA VAL B 323 -21.55 47.38 -8.41
C VAL B 323 -22.92 47.06 -7.88
N ALA B 324 -23.21 47.52 -6.68
CA ALA B 324 -24.53 47.27 -6.10
C ALA B 324 -24.93 48.41 -5.22
N GLN B 325 -26.24 48.56 -5.06
CA GLN B 325 -26.82 49.59 -4.24
C GLN B 325 -28.12 49.08 -3.63
N VAL B 326 -28.43 49.58 -2.43
CA VAL B 326 -29.71 49.36 -1.79
C VAL B 326 -30.62 50.49 -2.28
N ASP B 327 -31.67 50.14 -3.00
CA ASP B 327 -32.48 51.16 -3.67
C ASP B 327 -33.06 52.14 -2.69
N GLN B 328 -33.63 51.63 -1.62
CA GLN B 328 -34.45 52.45 -0.75
C GLN B 328 -33.62 53.55 -0.14
N THR B 329 -32.34 53.27 0.07
CA THR B 329 -31.43 54.22 0.66
C THR B 329 -30.45 54.84 -0.33
N GLY B 330 -30.32 54.24 -1.52
CA GLY B 330 -29.24 54.63 -2.41
C GLY B 330 -27.83 54.42 -1.85
N SER B 331 -27.68 53.68 -0.76
CA SER B 331 -26.34 53.29 -0.32
C SER B 331 -25.77 52.29 -1.38
N LYS B 332 -24.49 52.45 -1.70
CA LYS B 332 -23.88 51.87 -2.90
C LYS B 332 -22.51 51.31 -2.57
N SER B 333 -22.14 50.21 -3.24
CA SER B 333 -20.77 49.69 -3.17
C SER B 333 -20.30 49.10 -4.49
N SER B 334 -19.01 49.21 -4.74
CA SER B 334 -18.39 48.90 -6.05
C SER B 334 -17.08 48.16 -5.84
N ASN B 335 -16.85 47.07 -6.57
CA ASN B 335 -15.67 46.26 -6.32
C ASN B 335 -15.06 45.59 -7.53
N LEU B 336 -13.73 45.45 -7.51
CA LEU B 336 -12.97 44.90 -8.64
C LEU B 336 -12.15 43.72 -8.19
N LEU B 337 -12.28 42.58 -8.87
CA LEU B 337 -11.67 41.32 -8.44
C LEU B 337 -10.98 40.59 -9.57
N ASP B 338 -9.94 39.83 -9.19
CA ASP B 338 -9.13 39.10 -10.14
CA ASP B 338 -9.11 39.08 -10.14
C ASP B 338 -9.50 37.61 -10.09
N LEU B 339 -10.36 37.16 -11.00
CA LEU B 339 -10.85 35.77 -10.94
C LEU B 339 -9.74 34.73 -11.01
N LYS B 340 -8.61 35.02 -11.66
CA LYS B 340 -7.54 34.07 -11.77
C LYS B 340 -6.65 33.97 -10.54
N ASN B 341 -6.86 34.82 -9.55
CA ASN B 341 -6.07 34.75 -8.33
C ASN B 341 -6.95 34.65 -7.09
N PRO B 342 -7.66 33.52 -6.94
CA PRO B 342 -8.58 33.43 -5.83
C PRO B 342 -7.90 33.09 -4.52
N PHE B 343 -8.57 33.37 -3.40
CA PHE B 343 -8.09 32.87 -2.12
C PHE B 343 -8.74 31.51 -1.87
N PHE B 344 -7.95 30.45 -1.86
CA PHE B 344 -8.52 29.14 -1.58
C PHE B 344 -8.50 28.89 -0.08
N ARG B 345 -9.65 29.20 0.53
CA ARG B 345 -9.79 29.35 1.98
C ARG B 345 -10.01 28.02 2.67
N TYR B 346 -10.71 27.12 1.98
CA TYR B 346 -11.19 25.86 2.57
C TYR B 346 -10.14 25.04 3.34
N THR B 347 -10.57 24.42 4.45
CA THR B 347 -9.73 23.84 5.54
C THR B 347 -8.35 24.48 5.71
N SER C 5 -16.21 -46.86 -5.64
CA SER C 5 -17.21 -46.19 -4.76
C SER C 5 -17.42 -44.75 -5.20
N VAL C 6 -18.57 -44.20 -4.83
CA VAL C 6 -18.85 -42.79 -5.12
C VAL C 6 -17.77 -41.88 -4.50
N PHE C 7 -17.23 -42.28 -3.35
CA PHE C 7 -16.15 -41.51 -2.71
C PHE C 7 -14.88 -41.52 -3.53
N SER C 8 -14.41 -42.68 -3.94
CA SER C 8 -13.13 -42.74 -4.64
C SER C 8 -13.24 -42.09 -6.02
N GLU C 9 -14.44 -42.10 -6.60
CA GLU C 9 -14.66 -41.44 -7.89
C GLU C 9 -14.44 -39.91 -7.82
N ARG C 10 -14.86 -39.27 -6.73
CA ARG C 10 -14.78 -37.79 -6.62
C ARG C 10 -13.51 -37.29 -5.92
N THR C 11 -12.67 -38.20 -5.44
CA THR C 11 -11.63 -37.81 -4.49
C THR C 11 -10.31 -38.38 -4.89
N GLU C 12 -9.35 -37.52 -5.20
CA GLU C 12 -7.98 -37.94 -5.41
C GLU C 12 -7.49 -38.72 -4.18
N GLU C 13 -6.85 -39.86 -4.39
CA GLU C 13 -6.53 -40.75 -3.27
C GLU C 13 -5.53 -40.13 -2.29
N SER C 14 -4.58 -39.34 -2.76
CA SER C 14 -3.64 -38.69 -1.85
C SER C 14 -4.38 -37.66 -0.98
N SER C 15 -5.36 -36.96 -1.55
CA SER C 15 -6.18 -36.04 -0.76
C SER C 15 -6.85 -36.78 0.40
N ALA C 16 -7.41 -37.96 0.12
CA ALA C 16 -8.08 -38.81 1.11
C ALA C 16 -7.16 -39.36 2.21
N VAL C 17 -5.94 -39.73 1.79
CA VAL C 17 -4.92 -40.25 2.72
C VAL C 17 -4.63 -39.14 3.74
N GLN C 18 -4.30 -37.95 3.26
CA GLN C 18 -3.98 -36.83 4.14
C GLN C 18 -5.15 -36.45 5.05
N TYR C 19 -6.34 -36.34 4.46
CA TYR C 19 -7.54 -35.94 5.17
C TYR C 19 -7.82 -36.87 6.36
N PHE C 20 -7.86 -38.18 6.09
CA PHE C 20 -8.15 -39.13 7.13
C PHE C 20 -6.97 -39.27 8.08
N GLN C 21 -5.75 -39.01 7.61
CA GLN C 21 -4.59 -38.88 8.51
C GLN C 21 -4.82 -37.85 9.61
N PHE C 22 -5.19 -36.65 9.18
CA PHE C 22 -5.43 -35.50 10.01
C PHE C 22 -6.41 -35.85 11.10
N TYR C 23 -7.52 -36.47 10.71
CA TYR C 23 -8.53 -36.82 11.66
C TYR C 23 -8.13 -38.01 12.53
N GLY C 24 -7.00 -38.64 12.22
CA GLY C 24 -6.50 -39.76 13.04
C GLY C 24 -5.79 -39.29 14.32
N TYR C 25 -5.40 -38.02 14.36
CA TYR C 25 -4.72 -37.47 15.51
C TYR C 25 -5.69 -37.11 16.60
N LEU C 26 -5.39 -37.58 17.79
CA LEU C 26 -6.17 -37.26 18.96
C LEU C 26 -6.23 -35.75 19.23
N SER C 27 -5.14 -35.07 19.00
CA SER C 27 -5.18 -33.63 19.15
C SER C 27 -6.24 -32.94 18.25
N GLN C 28 -6.45 -33.43 17.05
CA GLN C 28 -7.46 -32.80 16.18
C GLN C 28 -8.88 -33.12 16.61
N GLN C 29 -9.09 -34.33 17.12
CA GLN C 29 -10.41 -34.65 17.64
C GLN C 29 -10.61 -33.78 18.86
N GLN C 30 -9.53 -33.61 19.64
CA GLN C 30 -9.58 -32.78 20.85
C GLN C 30 -10.03 -31.39 20.49
N ASN C 31 -9.34 -30.79 19.53
CA ASN C 31 -9.64 -29.46 19.06
C ASN C 31 -11.14 -29.25 18.76
N MET C 32 -11.74 -30.20 18.05
CA MET C 32 -13.20 -30.16 17.79
C MET C 32 -14.00 -30.36 19.07
N MET C 33 -13.63 -31.36 19.85
CA MET C 33 -14.37 -31.68 21.05
C MET C 33 -14.41 -30.50 22.05
N GLN C 34 -13.26 -29.83 22.25
CA GLN C 34 -13.17 -28.65 23.14
C GLN C 34 -13.98 -27.44 22.73
N ASP C 35 -14.32 -27.32 21.45
CA ASP C 35 -15.18 -26.23 21.02
C ASP C 35 -16.53 -26.45 21.69
N TYR C 36 -16.76 -25.74 22.79
CA TYR C 36 -17.92 -26.02 23.63
C TYR C 36 -19.24 -25.57 22.98
N VAL C 37 -19.18 -24.56 22.12
CA VAL C 37 -20.38 -24.16 21.40
C VAL C 37 -20.80 -25.31 20.52
N ARG C 38 -19.84 -25.87 19.80
CA ARG C 38 -20.11 -26.94 18.88
C ARG C 38 -20.63 -28.16 19.63
N THR C 39 -19.82 -28.66 20.54
CA THR C 39 -20.12 -29.90 21.20
C THR C 39 -21.36 -29.83 22.09
N GLY C 40 -21.52 -28.73 22.82
CA GLY C 40 -22.65 -28.57 23.71
C GLY C 40 -23.94 -28.36 22.96
N THR C 41 -23.86 -27.76 21.77
CA THR C 41 -25.08 -27.52 21.02
C THR C 41 -25.56 -28.83 20.42
N TYR C 42 -24.65 -29.60 19.86
CA TYR C 42 -24.98 -30.98 19.48
C TYR C 42 -25.63 -31.73 20.63
N GLN C 43 -25.02 -31.73 21.81
CA GLN C 43 -25.59 -32.49 22.92
C GLN C 43 -26.98 -32.00 23.25
N ARG C 44 -27.16 -30.69 23.27
CA ARG C 44 -28.46 -30.11 23.57
C ARG C 44 -29.49 -30.50 22.49
N ALA C 45 -29.07 -30.48 21.24
CA ALA C 45 -29.97 -30.80 20.15
C ALA C 45 -30.54 -32.21 20.28
N ILE C 46 -29.68 -33.13 20.70
CA ILE C 46 -30.06 -34.53 20.79
C ILE C 46 -30.82 -34.80 22.07
N LEU C 47 -30.30 -34.36 23.21
CA LEU C 47 -30.97 -34.61 24.47
C LEU C 47 -32.33 -33.95 24.58
N GLN C 48 -32.46 -32.72 24.06
CA GLN C 48 -33.76 -32.03 24.15
C GLN C 48 -34.77 -32.64 23.19
N ASN C 49 -34.29 -33.31 22.15
CA ASN C 49 -35.17 -34.06 21.24
C ASN C 49 -35.05 -35.56 21.44
N HIS C 50 -35.06 -35.98 22.71
CA HIS C 50 -34.91 -37.39 23.08
C HIS C 50 -35.94 -38.31 22.39
N THR C 51 -37.15 -37.81 22.15
CA THR C 51 -38.19 -38.57 21.41
C THR C 51 -37.70 -39.00 20.03
N ASP C 52 -36.85 -38.21 19.39
CA ASP C 52 -36.26 -38.61 18.10
C ASP C 52 -35.18 -39.68 18.23
N PHE C 53 -34.86 -40.07 19.47
CA PHE C 53 -33.83 -41.10 19.72
C PHE C 53 -34.26 -42.30 20.54
N LYS C 54 -35.20 -42.09 21.46
CA LYS C 54 -35.74 -43.15 22.32
C LYS C 54 -36.03 -44.39 21.45
N ASP C 55 -35.30 -45.47 21.70
CA ASP C 55 -35.48 -46.77 21.04
C ASP C 55 -35.27 -46.76 19.53
N LYS C 56 -34.63 -45.74 19.02
CA LYS C 56 -34.37 -45.67 17.57
C LYS C 56 -33.07 -46.33 17.19
N ILE C 57 -32.93 -46.50 15.88
CA ILE C 57 -31.73 -46.97 15.24
C ILE C 57 -31.12 -45.71 14.66
N VAL C 58 -29.86 -45.47 14.98
CA VAL C 58 -29.16 -44.26 14.58
C VAL C 58 -27.97 -44.61 13.74
N LEU C 59 -27.64 -43.75 12.78
CA LEU C 59 -26.34 -43.77 12.13
C LEU C 59 -25.59 -42.46 12.45
N ASP C 60 -24.35 -42.59 12.93
CA ASP C 60 -23.42 -41.43 13.11
C ASP C 60 -22.39 -41.46 12.00
N VAL C 61 -22.40 -40.48 11.11
CA VAL C 61 -21.56 -40.50 9.95
C VAL C 61 -20.30 -39.72 10.25
N GLY C 62 -19.16 -40.42 10.24
CA GLY C 62 -17.88 -39.84 10.64
C GLY C 62 -17.85 -39.64 12.15
N CYS C 63 -17.89 -40.72 12.92
CA CYS C 63 -18.09 -40.60 14.37
C CYS C 63 -16.91 -39.98 15.18
N GLY C 64 -15.71 -40.04 14.62
CA GLY C 64 -14.54 -39.52 15.31
C GLY C 64 -14.35 -40.28 16.61
N SER C 65 -14.22 -39.54 17.71
CA SER C 65 -14.09 -40.13 19.04
C SER C 65 -15.29 -40.94 19.46
N GLY C 66 -16.41 -40.70 18.79
CA GLY C 66 -17.70 -41.33 19.11
C GLY C 66 -18.64 -40.41 19.84
N ILE C 67 -18.23 -39.17 20.02
CA ILE C 67 -18.88 -38.29 20.98
C ILE C 67 -20.39 -38.17 20.70
N LEU C 68 -20.77 -38.01 19.45
CA LEU C 68 -22.18 -37.82 19.11
C LEU C 68 -22.96 -39.11 19.32
N SER C 69 -22.29 -40.24 19.19
CA SER C 69 -22.92 -41.53 19.45
C SER C 69 -23.23 -41.72 20.92
N PHE C 70 -22.33 -41.24 21.78
CA PHE C 70 -22.59 -41.27 23.20
C PHE C 70 -23.82 -40.43 23.51
N PHE C 71 -23.97 -39.31 22.81
CA PHE C 71 -25.13 -38.44 23.08
C PHE C 71 -26.44 -39.15 22.68
N ALA C 72 -26.40 -39.79 21.53
CA ALA C 72 -27.56 -40.52 21.01
C ALA C 72 -27.96 -41.65 21.97
N ALA C 73 -26.95 -42.31 22.55
CA ALA C 73 -27.15 -43.28 23.60
C ALA C 73 -27.74 -42.70 24.87
N GLN C 74 -27.24 -41.53 25.28
CA GLN C 74 -27.75 -40.87 26.46
C GLN C 74 -29.21 -40.56 26.28
N ALA C 75 -29.59 -40.23 25.03
CA ALA C 75 -30.96 -39.88 24.67
C ALA C 75 -31.85 -41.12 24.43
N GLY C 76 -31.28 -42.30 24.59
CA GLY C 76 -32.06 -43.54 24.66
C GLY C 76 -32.07 -44.41 23.40
N ALA C 77 -31.22 -44.12 22.43
CA ALA C 77 -31.20 -44.92 21.18
C ALA C 77 -31.03 -46.38 21.49
N ARG C 78 -31.71 -47.22 20.72
CA ARG C 78 -31.59 -48.67 20.84
C ARG C 78 -30.29 -49.17 20.21
N LYS C 79 -29.97 -48.70 19.03
CA LYS C 79 -28.70 -49.08 18.42
C LYS C 79 -28.19 -47.96 17.56
N ILE C 80 -26.87 -47.80 17.56
CA ILE C 80 -26.20 -46.72 16.86
C ILE C 80 -25.03 -47.26 16.07
N TYR C 81 -25.02 -47.04 14.76
CA TYR C 81 -23.88 -47.46 13.97
C TYR C 81 -23.02 -46.25 13.82
N ALA C 82 -21.76 -46.40 14.18
CA ALA C 82 -20.87 -45.28 14.22
C ALA C 82 -19.79 -45.48 13.21
N VAL C 83 -19.94 -44.88 12.04
CA VAL C 83 -19.02 -45.12 10.94
C VAL C 83 -17.90 -44.09 10.92
N GLU C 84 -16.66 -44.55 10.72
CA GLU C 84 -15.51 -43.65 10.70
C GLU C 84 -14.38 -44.20 9.85
N ALA C 85 -13.85 -43.40 8.95
CA ALA C 85 -12.87 -43.90 7.98
C ALA C 85 -11.43 -43.74 8.43
N SER C 86 -11.14 -42.89 9.40
CA SER C 86 -9.75 -42.73 9.87
C SER C 86 -9.47 -43.76 10.96
N THR C 87 -8.21 -43.85 11.36
CA THR C 87 -7.79 -44.72 12.46
C THR C 87 -8.39 -44.31 13.79
N MET C 88 -8.97 -43.12 13.87
CA MET C 88 -9.73 -42.76 15.08
C MET C 88 -10.76 -43.81 15.50
N ALA C 89 -11.26 -44.59 14.53
CA ALA C 89 -12.23 -45.66 14.80
C ALA C 89 -11.80 -46.65 15.91
N GLN C 90 -10.50 -46.92 15.94
CA GLN C 90 -9.90 -47.73 17.00
C GLN C 90 -10.09 -47.11 18.39
N HIS C 91 -9.76 -45.84 18.49
CA HIS C 91 -9.87 -45.15 19.74
C HIS C 91 -11.34 -45.05 20.15
N ALA C 92 -12.20 -44.83 19.18
CA ALA C 92 -13.62 -44.83 19.46
C ALA C 92 -14.04 -46.15 20.07
N GLU C 93 -13.55 -47.26 19.51
CA GLU C 93 -13.92 -48.59 20.04
C GLU C 93 -13.46 -48.74 21.51
N VAL C 94 -12.26 -48.29 21.80
CA VAL C 94 -11.75 -48.33 23.17
C VAL C 94 -12.74 -47.63 24.11
N LEU C 95 -13.23 -46.48 23.68
CA LEU C 95 -14.17 -45.73 24.49
C LEU C 95 -15.54 -46.38 24.64
N VAL C 96 -16.05 -47.02 23.58
CA VAL C 96 -17.31 -47.75 23.71
C VAL C 96 -17.16 -48.85 24.76
N LYS C 97 -16.03 -49.53 24.73
CA LYS C 97 -15.76 -50.56 25.75
C LYS C 97 -15.61 -49.95 27.14
N SER C 98 -14.70 -49.00 27.26
CA SER C 98 -14.47 -48.41 28.56
C SER C 98 -15.74 -47.70 29.08
N ASN C 99 -16.66 -47.30 28.22
CA ASN C 99 -17.89 -46.68 28.73
C ASN C 99 -19.03 -47.67 28.91
N ASN C 100 -18.77 -48.96 28.66
CA ASN C 100 -19.75 -50.02 28.85
C ASN C 100 -21.01 -49.88 27.98
N LEU C 101 -20.79 -49.61 26.69
CA LEU C 101 -21.87 -49.37 25.75
C LEU C 101 -21.78 -50.28 24.54
N THR C 102 -21.17 -51.46 24.73
CA THR C 102 -20.99 -52.41 23.62
C THR C 102 -22.34 -52.94 23.17
N ASP C 103 -23.34 -52.93 24.04
CA ASP C 103 -24.65 -53.40 23.62
C ASP C 103 -25.38 -52.40 22.71
N ARG C 104 -24.89 -51.15 22.61
CA ARG C 104 -25.65 -50.08 21.95
C ARG C 104 -24.93 -49.30 20.84
N ILE C 105 -23.62 -49.08 20.98
CA ILE C 105 -22.88 -48.34 19.95
C ILE C 105 -22.02 -49.35 19.27
N VAL C 106 -22.15 -49.42 17.95
CA VAL C 106 -21.44 -50.37 17.11
C VAL C 106 -20.60 -49.58 16.15
N VAL C 107 -19.29 -49.57 16.37
CA VAL C 107 -18.34 -48.90 15.50
C VAL C 107 -18.14 -49.70 14.22
N ILE C 108 -18.31 -49.04 13.08
CA ILE C 108 -18.10 -49.66 11.77
C ILE C 108 -16.96 -48.88 11.10
N PRO C 109 -15.76 -49.46 11.01
CA PRO C 109 -14.69 -48.72 10.35
C PRO C 109 -14.90 -48.68 8.86
N GLY C 110 -14.56 -47.57 8.25
CA GLY C 110 -14.59 -47.44 6.79
C GLY C 110 -15.29 -46.16 6.36
N LYS C 111 -15.30 -45.92 5.05
CA LYS C 111 -15.97 -44.76 4.48
C LYS C 111 -17.44 -45.05 4.35
N VAL C 112 -18.25 -44.05 4.67
CA VAL C 112 -19.69 -44.26 4.69
C VAL C 112 -20.21 -44.68 3.31
N GLU C 113 -19.44 -44.40 2.27
CA GLU C 113 -19.83 -44.71 0.90
C GLU C 113 -19.55 -46.18 0.56
N GLU C 114 -18.89 -46.89 1.48
CA GLU C 114 -18.31 -48.19 1.20
C GLU C 114 -18.69 -49.29 2.15
N VAL C 115 -19.10 -48.95 3.36
CA VAL C 115 -19.44 -49.97 4.32
C VAL C 115 -20.85 -50.52 4.08
N SER C 116 -21.15 -51.61 4.76
CA SER C 116 -22.48 -52.20 4.76
C SER C 116 -23.05 -52.05 6.15
N LEU C 117 -24.33 -51.73 6.24
CA LEU C 117 -25.02 -51.70 7.51
C LEU C 117 -26.06 -52.77 7.49
N PRO C 118 -26.20 -53.49 8.59
CA PRO C 118 -27.19 -54.55 8.56
C PRO C 118 -28.66 -54.08 8.43
N GLU C 119 -28.97 -52.83 8.77
CA GLU C 119 -30.35 -52.36 8.68
C GLU C 119 -30.46 -50.89 8.30
N GLN C 120 -31.70 -50.46 8.06
CA GLN C 120 -31.99 -49.06 7.85
C GLN C 120 -32.20 -48.37 9.21
N VAL C 121 -31.94 -47.06 9.24
CA VAL C 121 -31.95 -46.27 10.46
C VAL C 121 -33.09 -45.27 10.46
N ASP C 122 -33.56 -44.94 11.64
CA ASP C 122 -34.58 -43.92 11.82
C ASP C 122 -34.02 -42.50 11.73
N ILE C 123 -32.74 -42.33 12.04
CA ILE C 123 -32.16 -40.97 12.12
C ILE C 123 -30.68 -41.04 11.88
N ILE C 124 -30.16 -40.01 11.22
CA ILE C 124 -28.72 -39.89 10.95
C ILE C 124 -28.27 -38.62 11.63
N ILE C 125 -27.14 -38.73 12.33
CA ILE C 125 -26.47 -37.60 12.92
C ILE C 125 -25.07 -37.50 12.35
N SER C 126 -24.57 -36.27 12.24
CA SER C 126 -23.19 -36.02 11.80
C SER C 126 -22.78 -34.61 12.09
N GLU C 127 -21.48 -34.39 12.09
CA GLU C 127 -20.93 -33.07 12.07
C GLU C 127 -19.87 -33.06 10.95
N PRO C 128 -20.29 -32.67 9.74
CA PRO C 128 -19.51 -32.68 8.55
C PRO C 128 -19.30 -31.28 7.96
N MET C 129 -19.53 -30.26 8.76
CA MET C 129 -19.40 -28.90 8.28
C MET C 129 -17.94 -28.52 8.30
N GLY C 130 -17.46 -27.95 7.22
CA GLY C 130 -16.11 -27.44 7.18
C GLY C 130 -16.24 -25.94 7.25
N TYR C 131 -15.12 -25.25 7.14
CA TYR C 131 -15.24 -23.81 7.10
C TYR C 131 -15.94 -23.41 5.82
N MET C 132 -16.60 -22.27 5.89
CA MET C 132 -17.52 -21.85 4.85
C MET C 132 -18.60 -22.90 4.59
N LEU C 133 -18.86 -23.72 5.61
CA LEU C 133 -19.77 -24.84 5.52
C LEU C 133 -19.29 -25.96 4.61
N PHE C 134 -18.78 -25.63 3.42
CA PHE C 134 -18.57 -26.65 2.37
C PHE C 134 -17.20 -27.27 2.27
N ASN C 135 -16.14 -26.60 2.75
CA ASN C 135 -14.81 -27.21 2.71
C ASN C 135 -14.81 -28.67 3.24
N GLU C 136 -14.00 -29.52 2.62
CA GLU C 136 -13.91 -30.97 2.96
C GLU C 136 -14.90 -31.88 2.19
N ARG C 137 -15.98 -31.31 1.66
CA ARG C 137 -16.99 -32.06 0.89
C ARG C 137 -17.68 -33.19 1.65
N MET C 138 -17.57 -33.17 2.97
CA MET C 138 -18.16 -34.21 3.79
C MET C 138 -19.70 -34.09 3.79
N LEU C 139 -20.24 -32.93 3.43
CA LEU C 139 -21.68 -32.83 3.32
C LEU C 139 -22.22 -33.83 2.31
N GLU C 140 -21.44 -34.13 1.30
CA GLU C 140 -21.83 -35.13 0.34
C GLU C 140 -21.91 -36.53 0.96
N SER C 141 -20.90 -36.90 1.75
CA SER C 141 -20.94 -38.14 2.48
C SER C 141 -22.19 -38.19 3.36
N TYR C 142 -22.49 -37.07 4.04
CA TYR C 142 -23.71 -36.98 4.89
C TYR C 142 -24.98 -37.24 4.07
N LEU C 143 -25.08 -36.62 2.89
CA LEU C 143 -26.27 -36.76 2.06
C LEU C 143 -26.33 -38.17 1.43
N HIS C 144 -25.18 -38.64 0.95
CA HIS C 144 -25.05 -40.00 0.49
C HIS C 144 -25.58 -41.05 1.46
N ALA C 145 -25.30 -40.89 2.75
CA ALA C 145 -25.74 -41.83 3.76
C ALA C 145 -27.27 -41.93 3.89
N LYS C 146 -28.02 -41.02 3.26
CA LYS C 146 -29.49 -41.11 3.26
C LYS C 146 -30.00 -42.41 2.62
N LYS C 147 -29.19 -43.05 1.78
CA LYS C 147 -29.52 -44.36 1.27
C LYS C 147 -29.79 -45.39 2.40
N TYR C 148 -29.47 -45.07 3.65
CA TYR C 148 -29.73 -45.96 4.77
C TYR C 148 -30.89 -45.46 5.61
N LEU C 149 -31.49 -44.35 5.21
CA LEU C 149 -32.52 -43.72 6.01
C LEU C 149 -33.92 -44.24 5.64
N LYS C 150 -34.66 -44.64 6.65
CA LYS C 150 -36.06 -45.01 6.45
C LYS C 150 -36.88 -43.83 5.92
N PRO C 151 -37.94 -44.12 5.18
CA PRO C 151 -38.86 -43.07 4.74
C PRO C 151 -39.32 -42.20 5.91
N SER C 152 -39.26 -40.89 5.71
CA SER C 152 -39.58 -39.92 6.75
C SER C 152 -38.59 -40.00 7.92
N GLY C 153 -37.39 -40.49 7.68
CA GLY C 153 -36.37 -40.44 8.70
C GLY C 153 -35.94 -38.99 8.93
N ASN C 154 -35.18 -38.77 9.99
CA ASN C 154 -34.74 -37.43 10.27
C ASN C 154 -33.23 -37.30 10.05
N MET C 155 -32.79 -36.05 9.92
CA MET C 155 -31.36 -35.70 9.72
C MET C 155 -31.00 -34.61 10.78
N PHE C 156 -29.93 -34.84 11.52
CA PHE C 156 -29.48 -33.94 12.57
C PHE C 156 -28.01 -33.64 12.30
N PRO C 157 -27.69 -32.47 11.74
CA PRO C 157 -28.62 -31.38 11.44
C PRO C 157 -29.52 -31.55 10.19
N THR C 158 -30.65 -30.86 10.22
CA THR C 158 -31.65 -30.94 9.17
C THR C 158 -31.39 -29.97 8.00
N ILE C 159 -31.04 -28.71 8.33
CA ILE C 159 -30.74 -27.71 7.29
C ILE C 159 -29.49 -26.91 7.62
N GLY C 160 -28.82 -26.43 6.57
CA GLY C 160 -27.69 -25.52 6.68
C GLY C 160 -27.93 -24.22 5.91
N ASP C 161 -27.63 -23.08 6.54
CA ASP C 161 -27.64 -21.76 5.88
C ASP C 161 -26.24 -21.23 5.82
N VAL C 162 -25.75 -20.96 4.59
CA VAL C 162 -24.58 -20.14 4.39
C VAL C 162 -24.95 -18.66 4.16
N HIS C 163 -24.28 -17.78 4.91
CA HIS C 163 -24.50 -16.33 4.81
C HIS C 163 -23.30 -15.65 4.19
N LEU C 164 -23.59 -14.67 3.34
CA LEU C 164 -22.55 -13.85 2.74
C LEU C 164 -22.97 -12.37 2.78
N ALA C 165 -21.97 -11.52 3.03
CA ALA C 165 -22.15 -10.07 3.11
C ALA C 165 -20.85 -9.35 2.71
N PRO C 166 -20.98 -8.16 2.09
CA PRO C 166 -19.81 -7.33 1.78
C PRO C 166 -19.21 -6.68 3.02
N PHE C 167 -17.89 -6.53 3.06
CA PHE C 167 -17.23 -5.95 4.21
C PHE C 167 -16.16 -4.94 3.82
N THR C 168 -15.78 -4.11 4.78
CA THR C 168 -14.72 -3.15 4.57
C THR C 168 -13.68 -3.39 5.65
N ASP C 169 -12.41 -3.47 5.28
CA ASP C 169 -11.36 -3.71 6.25
C ASP C 169 -10.07 -3.39 5.56
N GLU C 170 -9.68 -2.13 5.69
CA GLU C 170 -8.55 -1.58 5.00
C GLU C 170 -7.25 -2.20 5.52
N GLN C 171 -7.20 -2.46 6.81
CA GLN C 171 -6.02 -3.05 7.44
C GLN C 171 -5.74 -4.46 6.93
N LEU C 172 -6.78 -5.29 6.83
CA LEU C 172 -6.64 -6.62 6.23
C LEU C 172 -6.20 -6.51 4.76
N TYR C 173 -6.82 -5.63 3.99
CA TYR C 173 -6.44 -5.48 2.58
C TYR C 173 -4.95 -5.13 2.45
N MET C 174 -4.55 -4.11 3.20
CA MET C 174 -3.20 -3.59 3.16
C MET C 174 -2.16 -4.61 3.61
N GLU C 175 -2.50 -5.34 4.65
CA GLU C 175 -1.67 -6.45 5.11
C GLU C 175 -1.35 -7.46 3.98
N GLN C 176 -2.37 -7.89 3.23
CA GLN C 176 -2.10 -8.84 2.16
C GLN C 176 -1.41 -8.19 0.95
N PHE C 177 -1.79 -6.94 0.66
CA PHE C 177 -1.15 -6.18 -0.40
C PHE C 177 0.34 -5.95 -0.13
N THR C 178 0.67 -5.56 1.09
CA THR C 178 2.05 -5.35 1.50
C THR C 178 2.86 -6.63 1.29
N LYS C 179 2.30 -7.79 1.69
CA LYS C 179 2.98 -9.06 1.45
C LYS C 179 3.33 -9.26 -0.02
N ALA C 180 2.32 -9.16 -0.88
CA ALA C 180 2.51 -9.28 -2.33
C ALA C 180 3.52 -8.30 -2.89
N ASN C 181 3.54 -7.09 -2.34
CA ASN C 181 4.44 -6.04 -2.84
C ASN C 181 5.92 -6.25 -2.50
N PHE C 182 6.23 -7.28 -1.75
CA PHE C 182 7.59 -7.80 -1.74
C PHE C 182 8.06 -8.03 -3.17
N TRP C 183 7.14 -8.47 -4.02
CA TRP C 183 7.46 -8.81 -5.41
C TRP C 183 7.38 -7.61 -6.40
N TYR C 184 7.27 -6.42 -5.83
CA TYR C 184 7.37 -5.14 -6.53
C TYR C 184 8.78 -4.53 -6.39
N GLN C 185 9.57 -5.01 -5.44
CA GLN C 185 10.96 -4.53 -5.28
C GLN C 185 11.79 -4.60 -6.56
N PRO C 186 12.34 -3.46 -6.99
CA PRO C 186 13.24 -3.52 -8.14
C PRO C 186 14.69 -3.83 -7.78
N SER C 187 15.05 -3.91 -6.50
CA SER C 187 16.44 -4.25 -6.19
C SER C 187 16.67 -5.06 -4.90
N PHE C 188 15.98 -6.18 -4.78
CA PHE C 188 16.15 -7.07 -3.65
C PHE C 188 17.51 -7.73 -3.75
N HIS C 189 18.46 -7.32 -2.91
CA HIS C 189 19.85 -7.72 -3.04
C HIS C 189 20.37 -7.59 -4.46
N GLY C 190 20.04 -6.50 -5.15
CA GLY C 190 20.48 -6.30 -6.54
C GLY C 190 19.54 -6.87 -7.60
N VAL C 191 18.41 -7.45 -7.21
CA VAL C 191 17.57 -8.16 -8.17
C VAL C 191 16.18 -7.53 -8.31
N ASP C 192 15.75 -7.38 -9.55
CA ASP C 192 14.49 -6.76 -9.87
C ASP C 192 13.46 -7.87 -9.90
N LEU C 193 12.55 -7.84 -8.93
CA LEU C 193 11.49 -8.85 -8.79
C LEU C 193 10.22 -8.49 -9.54
N SER C 194 10.18 -7.24 -10.02
CA SER C 194 8.94 -6.53 -10.28
C SER C 194 8.08 -7.19 -11.32
N ALA C 195 8.68 -7.92 -12.24
CA ALA C 195 7.90 -8.64 -13.24
C ALA C 195 6.94 -9.66 -12.60
N LEU C 196 7.18 -10.07 -11.36
CA LEU C 196 6.34 -11.08 -10.71
C LEU C 196 5.28 -10.50 -9.78
N ARG C 197 5.13 -9.18 -9.80
CA ARG C 197 4.19 -8.48 -8.93
C ARG C 197 2.79 -9.00 -9.14
N GLY C 198 2.36 -9.10 -10.39
CA GLY C 198 0.99 -9.52 -10.71
C GLY C 198 0.71 -10.93 -10.24
N ALA C 199 1.66 -11.83 -10.49
CA ALA C 199 1.53 -13.23 -10.08
C ALA C 199 1.44 -13.33 -8.56
N ALA C 200 2.17 -12.47 -7.84
CA ALA C 200 2.16 -12.50 -6.38
C ALA C 200 0.85 -12.02 -5.83
N VAL C 201 0.29 -11.00 -6.47
CA VAL C 201 -0.99 -10.49 -6.04
C VAL C 201 -2.03 -11.57 -6.25
N ASP C 202 -2.03 -12.18 -7.43
CA ASP C 202 -2.92 -13.29 -7.72
C ASP C 202 -2.81 -14.38 -6.65
N GLU C 203 -1.57 -14.77 -6.31
CA GLU C 203 -1.35 -15.84 -5.35
C GLU C 203 -1.92 -15.49 -4.01
N TYR C 204 -1.64 -14.29 -3.53
CA TYR C 204 -1.97 -13.96 -2.16
C TYR C 204 -3.47 -13.78 -2.02
N PHE C 205 -4.10 -13.17 -3.01
CA PHE C 205 -5.54 -12.93 -2.90
C PHE C 205 -6.38 -14.15 -3.22
N ARG C 206 -5.74 -15.21 -3.72
CA ARG C 206 -6.39 -16.54 -3.86
C ARG C 206 -6.71 -17.19 -2.52
N GLN C 207 -5.99 -16.80 -1.47
CA GLN C 207 -6.16 -17.39 -0.14
C GLN C 207 -7.30 -16.72 0.63
N PRO C 208 -8.37 -17.46 0.95
CA PRO C 208 -9.42 -16.94 1.80
C PRO C 208 -8.90 -16.73 3.19
N VAL C 209 -9.45 -15.76 3.93
CA VAL C 209 -8.93 -15.40 5.22
C VAL C 209 -9.85 -15.90 6.34
N VAL C 210 -9.29 -16.72 7.22
CA VAL C 210 -10.05 -17.35 8.28
C VAL C 210 -9.72 -16.65 9.60
N ASP C 211 -10.69 -15.92 10.11
CA ASP C 211 -10.57 -15.35 11.46
C ASP C 211 -11.88 -14.70 11.82
N THR C 212 -11.87 -13.92 12.89
CA THR C 212 -13.06 -13.21 13.23
C THR C 212 -12.87 -11.70 13.12
N PHE C 213 -13.98 -10.99 13.30
CA PHE C 213 -14.03 -9.56 13.11
C PHE C 213 -15.33 -9.06 13.73
N ASP C 214 -15.40 -7.75 13.92
CA ASP C 214 -16.57 -7.10 14.47
C ASP C 214 -17.57 -6.93 13.34
N ILE C 215 -18.85 -7.06 13.65
CA ILE C 215 -19.90 -6.91 12.63
C ILE C 215 -20.01 -5.52 12.03
N ARG C 216 -19.28 -4.58 12.61
CA ARG C 216 -19.30 -3.22 12.12
C ARG C 216 -18.60 -3.08 10.80
N ILE C 217 -17.79 -4.05 10.44
CA ILE C 217 -17.14 -3.99 9.14
C ILE C 217 -18.09 -4.36 7.98
N LEU C 218 -19.26 -4.88 8.30
CA LEU C 218 -20.20 -5.30 7.24
C LEU C 218 -21.00 -4.12 6.71
N MET C 219 -21.23 -4.11 5.41
CA MET C 219 -21.79 -2.95 4.74
C MET C 219 -23.21 -3.12 4.26
N ALA C 220 -23.76 -4.33 4.41
CA ALA C 220 -25.10 -4.67 3.93
C ALA C 220 -25.59 -5.93 4.64
N LYS C 221 -26.89 -6.14 4.63
CA LYS C 221 -27.51 -7.33 5.21
C LYS C 221 -27.12 -8.54 4.39
N SER C 222 -26.87 -9.66 5.06
CA SER C 222 -26.35 -10.84 4.36
C SER C 222 -27.40 -11.44 3.46
N VAL C 223 -26.91 -12.12 2.43
CA VAL C 223 -27.74 -12.99 1.64
C VAL C 223 -27.56 -14.41 2.15
N LYS C 224 -28.65 -15.18 2.15
CA LYS C 224 -28.68 -16.52 2.71
C LYS C 224 -28.83 -17.53 1.61
N TYR C 225 -27.99 -18.57 1.63
CA TYR C 225 -28.17 -19.71 0.76
C TYR C 225 -28.45 -20.96 1.60
N THR C 226 -29.61 -21.58 1.38
CA THR C 226 -30.05 -22.70 2.22
C THR C 226 -29.99 -24.05 1.54
N VAL C 227 -29.49 -25.04 2.28
CA VAL C 227 -29.45 -26.44 1.86
C VAL C 227 -30.27 -27.27 2.86
N ASN C 228 -31.28 -27.97 2.35
CA ASN C 228 -32.18 -28.76 3.18
C ASN C 228 -31.69 -30.18 3.05
N PHE C 229 -31.07 -30.68 4.12
CA PHE C 229 -30.42 -31.97 4.04
C PHE C 229 -31.42 -33.11 3.87
N LEU C 230 -32.65 -32.95 4.35
CA LEU C 230 -33.72 -33.93 4.06
C LEU C 230 -33.98 -34.09 2.55
N GLU C 231 -33.80 -33.03 1.77
CA GLU C 231 -34.15 -33.03 0.34
C GLU C 231 -32.96 -33.09 -0.56
N ALA C 232 -31.86 -32.48 -0.17
CA ALA C 232 -30.74 -32.27 -1.07
C ALA C 232 -30.13 -33.59 -1.52
N LYS C 233 -29.70 -33.64 -2.78
CA LYS C 233 -28.89 -34.76 -3.33
C LYS C 233 -27.44 -34.33 -3.35
N GLU C 234 -26.53 -35.29 -3.34
CA GLU C 234 -25.11 -35.00 -3.20
C GLU C 234 -24.56 -34.39 -4.45
N GLY C 235 -25.24 -34.64 -5.56
CA GLY C 235 -24.97 -33.95 -6.83
C GLY C 235 -25.16 -32.45 -6.73
N ASP C 236 -26.21 -32.04 -6.03
CA ASP C 236 -26.51 -30.63 -5.80
C ASP C 236 -25.37 -29.84 -5.15
N LEU C 237 -24.32 -30.51 -4.63
CA LEU C 237 -23.18 -29.81 -4.01
C LEU C 237 -21.97 -29.74 -4.91
N HIS C 238 -22.07 -30.24 -6.13
CA HIS C 238 -20.93 -30.16 -7.04
C HIS C 238 -20.73 -28.75 -7.60
N ARG C 239 -21.83 -28.03 -7.81
CA ARG C 239 -21.79 -26.69 -8.40
C ARG C 239 -22.76 -25.85 -7.62
N ILE C 240 -22.25 -24.97 -6.76
CA ILE C 240 -23.13 -24.18 -5.93
C ILE C 240 -23.10 -22.76 -6.47
N GLU C 241 -24.28 -22.27 -6.81
CA GLU C 241 -24.42 -20.94 -7.42
C GLU C 241 -25.18 -20.08 -6.46
N ILE C 242 -24.55 -19.00 -6.02
CA ILE C 242 -25.21 -18.09 -5.11
C ILE C 242 -25.23 -16.69 -5.70
N PRO C 243 -26.37 -16.29 -6.30
CA PRO C 243 -26.46 -14.92 -6.75
C PRO C 243 -26.70 -14.01 -5.55
N PHE C 244 -26.21 -12.78 -5.62
CA PHE C 244 -26.46 -11.79 -4.58
C PHE C 244 -26.75 -10.43 -5.20
N LYS C 245 -27.62 -9.70 -4.52
CA LYS C 245 -27.91 -8.32 -4.82
C LYS C 245 -27.95 -7.62 -3.47
N PHE C 246 -26.83 -7.03 -3.07
CA PHE C 246 -26.76 -6.32 -1.79
C PHE C 246 -27.21 -4.87 -1.87
N HIS C 247 -28.02 -4.44 -0.91
CA HIS C 247 -28.36 -3.03 -0.83
C HIS C 247 -27.41 -2.38 0.16
N MET C 248 -26.49 -1.57 -0.34
CA MET C 248 -25.41 -1.04 0.47
C MET C 248 -25.97 -0.12 1.54
N LEU C 249 -25.59 -0.35 2.79
CA LEU C 249 -26.09 0.47 3.88
C LEU C 249 -25.08 1.53 4.31
N HIS C 250 -23.84 1.41 3.84
CA HIS C 250 -22.76 2.36 4.15
C HIS C 250 -21.92 2.62 2.93
N SER C 251 -21.42 3.85 2.82
CA SER C 251 -20.48 4.23 1.78
C SER C 251 -19.08 3.80 2.18
N GLY C 252 -18.26 3.46 1.19
CA GLY C 252 -16.86 3.14 1.45
C GLY C 252 -16.33 2.12 0.47
N LEU C 253 -15.12 1.61 0.73
CA LEU C 253 -14.54 0.58 -0.10
C LEU C 253 -14.97 -0.80 0.35
N VAL C 254 -15.53 -1.56 -0.57
CA VAL C 254 -15.81 -2.97 -0.31
C VAL C 254 -14.53 -3.77 -0.58
N HIS C 255 -13.95 -4.36 0.47
CA HIS C 255 -12.72 -5.14 0.29
C HIS C 255 -12.92 -6.63 -0.02
N GLY C 256 -14.16 -7.10 0.10
CA GLY C 256 -14.51 -8.48 -0.28
C GLY C 256 -15.84 -8.95 0.27
N LEU C 257 -16.04 -10.27 0.30
CA LEU C 257 -17.22 -10.86 0.93
C LEU C 257 -16.82 -11.67 2.14
N ALA C 258 -17.60 -11.52 3.21
CA ALA C 258 -17.50 -12.34 4.39
C ALA C 258 -18.60 -13.42 4.38
N PHE C 259 -18.23 -14.59 4.93
CA PHE C 259 -19.03 -15.80 4.98
C PHE C 259 -19.06 -16.43 6.37
N TRP C 260 -20.23 -16.95 6.72
CA TRP C 260 -20.38 -17.77 7.89
C TRP C 260 -21.53 -18.73 7.63
N PHE C 261 -21.84 -19.59 8.61
CA PHE C 261 -22.96 -20.54 8.44
C PHE C 261 -23.63 -20.94 9.73
N ASP C 262 -24.91 -21.31 9.62
CA ASP C 262 -25.64 -21.89 10.70
C ASP C 262 -26.24 -23.21 10.26
N VAL C 263 -26.46 -24.08 11.24
CA VAL C 263 -27.26 -25.28 11.01
C VAL C 263 -28.35 -25.37 12.03
N ALA C 264 -29.45 -25.99 11.62
CA ALA C 264 -30.56 -26.20 12.52
C ALA C 264 -30.84 -27.68 12.63
N PHE C 265 -31.13 -28.11 13.85
CA PHE C 265 -31.56 -29.47 14.11
C PHE C 265 -33.05 -29.38 14.36
N ILE C 266 -33.84 -29.84 13.40
CA ILE C 266 -35.29 -29.66 13.50
C ILE C 266 -35.92 -30.90 14.12
N GLY C 267 -36.14 -30.86 15.44
CA GLY C 267 -36.59 -32.04 16.15
C GLY C 267 -38.08 -32.07 16.39
N SER C 268 -38.55 -33.18 16.95
CA SER C 268 -39.97 -33.36 17.23
C SER C 268 -40.39 -32.63 18.51
N ILE C 269 -39.44 -32.22 19.34
CA ILE C 269 -39.71 -31.40 20.51
C ILE C 269 -39.36 -29.95 20.25
N MET C 270 -38.22 -29.69 19.59
CA MET C 270 -37.81 -28.30 19.31
C MET C 270 -36.73 -28.21 18.27
N THR C 271 -36.53 -27.02 17.75
CA THR C 271 -35.51 -26.75 16.77
C THR C 271 -34.38 -26.09 17.54
N VAL C 272 -33.17 -26.58 17.34
CA VAL C 272 -32.00 -26.03 18.01
C VAL C 272 -31.01 -25.61 16.94
N TRP C 273 -30.48 -24.39 17.05
CA TRP C 273 -29.58 -23.83 16.03
C TRP C 273 -28.15 -23.82 16.52
N LEU C 274 -27.21 -24.14 15.63
CA LEU C 274 -25.80 -23.93 15.88
C LEU C 274 -25.28 -22.88 14.89
N SER C 275 -24.88 -21.71 15.38
CA SER C 275 -24.42 -20.61 14.49
C SER C 275 -22.92 -20.33 14.61
N THR C 276 -22.26 -20.10 13.45
CA THR C 276 -20.89 -19.59 13.42
C THR C 276 -20.82 -18.08 13.07
N ALA C 277 -21.92 -17.36 13.29
CA ALA C 277 -21.98 -15.95 12.94
C ALA C 277 -21.04 -15.05 13.75
N PRO C 278 -20.63 -13.93 13.14
CA PRO C 278 -19.80 -12.95 13.85
C PRO C 278 -20.54 -12.27 15.02
N THR C 279 -21.86 -12.38 15.08
CA THR C 279 -22.64 -11.89 16.23
C THR C 279 -22.72 -12.90 17.37
N GLU C 280 -22.22 -14.11 17.13
CA GLU C 280 -22.30 -15.21 18.08
C GLU C 280 -20.91 -15.54 18.66
N PRO C 281 -20.90 -16.16 19.85
CA PRO C 281 -19.63 -16.60 20.42
C PRO C 281 -18.75 -17.37 19.42
N LEU C 282 -17.45 -17.22 19.56
CA LEU C 282 -16.51 -17.77 18.61
C LEU C 282 -16.47 -19.31 18.61
N THR C 283 -16.41 -19.90 17.42
CA THR C 283 -16.25 -21.34 17.28
C THR C 283 -14.94 -21.57 16.54
N HIS C 284 -14.54 -22.83 16.44
CA HIS C 284 -13.29 -23.17 15.79
C HIS C 284 -13.35 -22.98 14.26
N TRP C 285 -14.54 -22.76 13.71
CA TRP C 285 -14.69 -22.43 12.30
C TRP C 285 -14.41 -20.93 12.01
N TYR C 286 -14.37 -20.12 13.07
CA TYR C 286 -14.22 -18.68 12.93
C TYR C 286 -15.22 -18.16 11.90
N GLN C 287 -14.78 -17.24 11.02
CA GLN C 287 -15.54 -16.88 9.81
C GLN C 287 -14.54 -16.81 8.68
N VAL C 288 -15.05 -16.65 7.45
CA VAL C 288 -14.21 -16.67 6.26
C VAL C 288 -14.43 -15.43 5.36
N ARG C 289 -13.33 -14.84 4.90
CA ARG C 289 -13.41 -13.66 4.04
C ARG C 289 -12.62 -13.83 2.77
N CYS C 290 -13.23 -13.42 1.66
CA CYS C 290 -12.60 -13.53 0.36
C CYS C 290 -12.32 -12.12 -0.12
N LEU C 291 -11.04 -11.77 -0.19
CA LEU C 291 -10.64 -10.42 -0.57
C LEU C 291 -10.70 -10.21 -2.05
N PHE C 292 -11.08 -9.00 -2.48
CA PHE C 292 -10.93 -8.58 -3.87
C PHE C 292 -9.56 -7.99 -4.00
N GLN C 293 -8.87 -8.28 -5.09
CA GLN C 293 -7.54 -7.73 -5.38
C GLN C 293 -7.52 -6.21 -5.44
N SER C 294 -8.63 -5.62 -5.88
CA SER C 294 -8.79 -4.18 -5.83
C SER C 294 -10.20 -3.92 -5.38
N PRO C 295 -10.35 -3.23 -4.24
CA PRO C 295 -11.67 -3.00 -3.67
C PRO C 295 -12.57 -2.16 -4.54
N LEU C 296 -13.88 -2.21 -4.30
CA LEU C 296 -14.87 -1.50 -5.10
C LEU C 296 -15.48 -0.40 -4.28
N PHE C 297 -15.51 0.79 -4.86
CA PHE C 297 -16.05 1.93 -4.16
C PHE C 297 -17.55 1.93 -4.31
N ALA C 298 -18.24 2.12 -3.21
CA ALA C 298 -19.70 2.10 -3.18
C ALA C 298 -20.28 3.16 -2.26
N LYS C 299 -21.45 3.66 -2.63
CA LYS C 299 -22.23 4.61 -1.84
C LYS C 299 -23.39 3.94 -1.12
N ALA C 300 -23.72 4.45 0.06
CA ALA C 300 -24.92 3.99 0.74
C ALA C 300 -26.09 4.18 -0.22
N GLY C 301 -26.87 3.13 -0.41
CA GLY C 301 -27.95 3.16 -1.37
C GLY C 301 -27.65 2.40 -2.62
N ASP C 302 -26.37 2.22 -2.98
CA ASP C 302 -26.02 1.44 -4.14
C ASP C 302 -26.41 -0.05 -3.97
N THR C 303 -26.45 -0.77 -5.08
CA THR C 303 -26.65 -2.19 -5.07
C THR C 303 -25.37 -2.84 -5.57
N LEU C 304 -24.90 -3.82 -4.82
CA LEU C 304 -23.75 -4.60 -5.22
C LEU C 304 -24.27 -5.97 -5.60
N SER C 305 -24.16 -6.28 -6.88
CA SER C 305 -24.81 -7.43 -7.47
C SER C 305 -23.76 -8.37 -8.06
N GLY C 306 -24.07 -9.67 -8.03
CA GLY C 306 -23.20 -10.63 -8.67
C GLY C 306 -23.44 -12.07 -8.28
N THR C 307 -22.45 -12.90 -8.50
CA THR C 307 -22.58 -14.31 -8.22
C THR C 307 -21.37 -14.88 -7.51
N CYS C 308 -21.64 -15.68 -6.48
CA CYS C 308 -20.59 -16.50 -5.86
C CYS C 308 -20.76 -17.93 -6.36
N LEU C 309 -19.75 -18.45 -7.04
CA LEU C 309 -19.81 -19.76 -7.66
C LEU C 309 -18.77 -20.73 -7.06
N LEU C 310 -19.27 -21.83 -6.47
CA LEU C 310 -18.40 -22.79 -5.82
C LEU C 310 -18.33 -24.08 -6.60
N ILE C 311 -17.15 -24.39 -7.08
CA ILE C 311 -16.93 -25.50 -7.97
C ILE C 311 -16.10 -26.56 -7.27
N ALA C 312 -16.71 -27.71 -6.99
CA ALA C 312 -16.06 -28.74 -6.22
C ALA C 312 -14.90 -29.31 -6.99
N ASN C 313 -13.83 -29.61 -6.27
CA ASN C 313 -12.64 -30.18 -6.87
C ASN C 313 -12.28 -31.53 -6.23
N LYS C 314 -11.23 -32.16 -6.78
CA LYS C 314 -10.80 -33.50 -6.38
C LYS C 314 -10.05 -33.54 -5.05
N ARG C 315 -9.71 -32.37 -4.51
CA ARG C 315 -8.96 -32.26 -3.25
C ARG C 315 -9.90 -32.01 -2.11
N GLN C 316 -11.13 -32.52 -2.22
CA GLN C 316 -12.12 -32.38 -1.17
C GLN C 316 -12.36 -30.92 -0.81
N SER C 317 -12.37 -30.06 -1.82
CA SER C 317 -12.67 -28.63 -1.58
C SER C 317 -13.34 -28.01 -2.79
N TYR C 318 -13.36 -26.68 -2.81
CA TYR C 318 -14.00 -25.94 -3.86
C TYR C 318 -13.08 -24.89 -4.45
N ASP C 319 -13.23 -24.68 -5.76
CA ASP C 319 -12.73 -23.50 -6.44
C ASP C 319 -13.84 -22.49 -6.36
N ILE C 320 -13.52 -21.34 -5.80
CA ILE C 320 -14.50 -20.30 -5.60
C ILE C 320 -14.30 -19.24 -6.66
N SER C 321 -15.38 -18.82 -7.29
CA SER C 321 -15.29 -17.66 -8.13
C SER C 321 -16.33 -16.65 -7.64
N ILE C 322 -15.90 -15.40 -7.52
CA ILE C 322 -16.74 -14.31 -7.11
C ILE C 322 -16.66 -13.17 -8.12
N VAL C 323 -17.81 -12.89 -8.73
CA VAL C 323 -17.91 -11.74 -9.66
C VAL C 323 -18.90 -10.79 -9.01
N ALA C 324 -18.51 -9.53 -8.86
CA ALA C 324 -19.35 -8.50 -8.25
C ALA C 324 -19.20 -7.17 -8.99
N GLN C 325 -20.27 -6.38 -8.95
CA GLN C 325 -20.22 -5.05 -9.50
C GLN C 325 -21.12 -4.10 -8.75
N VAL C 326 -20.73 -2.82 -8.79
CA VAL C 326 -21.56 -1.73 -8.28
C VAL C 326 -22.38 -1.28 -9.48
N ASP C 327 -23.68 -1.52 -9.40
CA ASP C 327 -24.55 -1.28 -10.54
C ASP C 327 -24.58 0.17 -10.95
N GLN C 328 -24.51 1.08 -9.99
CA GLN C 328 -24.58 2.51 -10.28
C GLN C 328 -23.41 3.03 -11.12
N THR C 329 -22.25 2.39 -11.06
CA THR C 329 -21.07 2.88 -11.76
C THR C 329 -20.49 1.90 -12.75
N GLY C 330 -20.98 0.65 -12.73
CA GLY C 330 -20.37 -0.42 -13.54
C GLY C 330 -18.96 -0.82 -13.13
N SER C 331 -18.58 -0.51 -11.90
CA SER C 331 -17.28 -0.92 -11.37
C SER C 331 -17.35 -2.42 -10.96
N LYS C 332 -16.41 -3.21 -11.48
CA LYS C 332 -16.50 -4.67 -11.43
C LYS C 332 -15.24 -5.32 -10.84
N SER C 333 -15.44 -6.44 -10.15
CA SER C 333 -14.35 -7.24 -9.61
C SER C 333 -14.63 -8.73 -9.77
N SER C 334 -13.68 -9.42 -10.39
CA SER C 334 -13.76 -10.86 -10.58
C SER C 334 -12.61 -11.52 -9.82
N ASN C 335 -12.92 -12.57 -9.11
CA ASN C 335 -11.91 -13.21 -8.26
C ASN C 335 -12.05 -14.71 -8.26
N LEU C 336 -10.89 -15.38 -8.19
CA LEU C 336 -10.78 -16.83 -8.09
C LEU C 336 -10.04 -17.22 -6.81
N LEU C 337 -10.70 -18.03 -5.97
CA LEU C 337 -10.13 -18.41 -4.69
C LEU C 337 -10.06 -19.94 -4.51
N ASP C 338 -9.05 -20.33 -3.76
CA ASP C 338 -8.64 -21.70 -3.54
C ASP C 338 -8.99 -21.98 -2.07
N LEU C 339 -10.15 -22.61 -1.84
CA LEU C 339 -10.67 -22.76 -0.51
C LEU C 339 -9.83 -23.69 0.33
N LYS C 340 -9.13 -24.62 -0.31
CA LYS C 340 -8.31 -25.57 0.43
C LYS C 340 -7.05 -24.95 1.05
N ASN C 341 -6.74 -23.70 0.76
CA ASN C 341 -5.46 -23.13 1.19
C ASN C 341 -5.61 -21.74 1.80
N PRO C 342 -6.35 -21.66 2.91
CA PRO C 342 -6.68 -20.38 3.48
C PRO C 342 -5.53 -19.82 4.29
N PHE C 343 -5.58 -18.52 4.51
CA PHE C 343 -4.69 -17.87 5.43
C PHE C 343 -5.35 -17.81 6.81
N PHE C 344 -4.83 -18.60 7.74
CA PHE C 344 -5.32 -18.60 9.12
C PHE C 344 -4.66 -17.43 9.86
N ARG C 345 -5.37 -16.32 9.91
CA ARG C 345 -4.83 -15.07 10.42
C ARG C 345 -4.88 -14.99 11.95
N TYR C 346 -5.91 -15.59 12.53
CA TYR C 346 -6.24 -15.39 13.94
C TYR C 346 -5.05 -15.45 14.92
N THR C 347 -4.96 -14.43 15.78
CA THR C 347 -3.97 -14.35 16.86
C THR C 347 -2.56 -14.63 16.35
N SER D 5 13.70 -42.75 -11.84
CA SER D 5 14.98 -42.05 -11.45
C SER D 5 15.34 -42.32 -10.00
N VAL D 6 16.54 -41.89 -9.59
CA VAL D 6 16.97 -42.02 -8.20
C VAL D 6 15.94 -41.40 -7.25
N PHE D 7 15.49 -40.19 -7.58
CA PHE D 7 14.54 -39.45 -6.75
C PHE D 7 13.25 -40.20 -6.58
N SER D 8 12.66 -40.62 -7.71
CA SER D 8 11.35 -41.28 -7.67
C SER D 8 11.45 -42.66 -7.00
N GLU D 9 12.65 -43.22 -6.97
CA GLU D 9 12.91 -44.50 -6.31
C GLU D 9 12.76 -44.36 -4.80
N ARG D 10 13.32 -43.28 -4.25
CA ARG D 10 13.35 -43.05 -2.81
C ARG D 10 12.19 -42.20 -2.28
N THR D 11 11.23 -41.85 -3.14
CA THR D 11 10.19 -40.90 -2.76
C THR D 11 8.80 -41.33 -3.18
N GLU D 12 7.87 -41.39 -2.23
CA GLU D 12 6.47 -41.63 -2.59
C GLU D 12 5.98 -40.50 -3.46
N GLU D 13 5.24 -40.82 -4.51
CA GLU D 13 4.80 -39.81 -5.45
C GLU D 13 4.07 -38.70 -4.74
N SER D 14 3.12 -39.05 -3.89
CA SER D 14 2.30 -38.03 -3.21
C SER D 14 3.13 -37.10 -2.29
N SER D 15 4.20 -37.61 -1.68
CA SER D 15 5.11 -36.76 -0.91
C SER D 15 5.78 -35.74 -1.82
N ALA D 16 6.25 -36.21 -2.97
CA ALA D 16 6.90 -35.36 -3.94
C ALA D 16 5.97 -34.27 -4.47
N VAL D 17 4.71 -34.62 -4.75
CA VAL D 17 3.70 -33.64 -5.18
C VAL D 17 3.50 -32.55 -4.12
N GLN D 18 3.23 -32.95 -2.88
CA GLN D 18 3.05 -32.00 -1.79
C GLN D 18 4.26 -31.09 -1.61
N TYR D 19 5.44 -31.70 -1.66
CA TYR D 19 6.70 -30.98 -1.47
C TYR D 19 6.88 -29.91 -2.53
N PHE D 20 6.72 -30.25 -3.80
CA PHE D 20 6.93 -29.24 -4.86
C PHE D 20 5.79 -28.24 -4.94
N GLN D 21 4.59 -28.62 -4.52
CA GLN D 21 3.48 -27.66 -4.39
C GLN D 21 3.85 -26.59 -3.40
N PHE D 22 4.39 -27.00 -2.27
CA PHE D 22 4.83 -26.07 -1.25
C PHE D 22 5.80 -25.08 -1.82
N TYR D 23 6.84 -25.58 -2.47
CA TYR D 23 7.86 -24.69 -3.00
C TYR D 23 7.39 -23.93 -4.24
N GLY D 24 6.24 -24.31 -4.80
CA GLY D 24 5.67 -23.59 -5.95
C GLY D 24 4.95 -22.28 -5.59
N TYR D 25 4.75 -22.04 -4.29
CA TYR D 25 4.22 -20.79 -3.80
C TYR D 25 5.30 -19.68 -3.66
N LEU D 26 5.08 -18.55 -4.33
CA LEU D 26 5.92 -17.37 -4.16
C LEU D 26 6.04 -16.98 -2.68
N SER D 27 4.93 -17.09 -1.96
CA SER D 27 4.96 -16.75 -0.53
C SER D 27 6.01 -17.60 0.22
N GLN D 28 6.20 -18.85 -0.22
CA GLN D 28 7.20 -19.69 0.44
C GLN D 28 8.60 -19.35 0.02
N GLN D 29 8.80 -19.08 -1.27
CA GLN D 29 10.13 -18.63 -1.72
C GLN D 29 10.52 -17.37 -1.00
N GLN D 30 9.53 -16.49 -0.85
CA GLN D 30 9.65 -15.21 -0.14
C GLN D 30 10.07 -15.39 1.30
N ASN D 31 9.42 -16.32 2.00
CA ASN D 31 9.73 -16.61 3.38
C ASN D 31 11.24 -16.90 3.53
N MET D 32 11.79 -17.71 2.64
CA MET D 32 13.23 -17.97 2.66
C MET D 32 14.05 -16.76 2.20
N MET D 33 13.63 -16.10 1.14
CA MET D 33 14.35 -14.92 0.68
C MET D 33 14.49 -13.86 1.76
N GLN D 34 13.42 -13.65 2.52
CA GLN D 34 13.47 -12.58 3.52
C GLN D 34 14.13 -12.98 4.83
N ASP D 35 14.60 -14.22 4.96
CA ASP D 35 15.53 -14.58 6.01
C ASP D 35 16.88 -13.91 5.68
N TYR D 36 17.08 -12.73 6.25
CA TYR D 36 18.26 -11.95 5.93
C TYR D 36 19.57 -12.64 6.29
N VAL D 37 19.58 -13.38 7.39
CA VAL D 37 20.78 -14.15 7.75
C VAL D 37 21.10 -15.15 6.62
N ARG D 38 20.08 -15.86 6.16
CA ARG D 38 20.26 -16.88 5.15
C ARG D 38 20.65 -16.25 3.84
N THR D 39 19.79 -15.36 3.34
CA THR D 39 19.98 -14.82 2.01
C THR D 39 21.23 -13.94 1.97
N GLY D 40 21.41 -13.14 3.03
CA GLY D 40 22.55 -12.24 3.15
C GLY D 40 23.88 -12.96 3.23
N THR D 41 23.91 -14.08 3.94
CA THR D 41 25.15 -14.84 4.10
C THR D 41 25.50 -15.54 2.79
N TYR D 42 24.51 -16.13 2.13
CA TYR D 42 24.74 -16.72 0.80
C TYR D 42 25.27 -15.69 -0.22
N GLN D 43 24.86 -14.42 -0.11
CA GLN D 43 25.36 -13.38 -1.00
C GLN D 43 26.82 -13.04 -0.69
N ARG D 44 27.07 -12.74 0.56
CA ARG D 44 28.38 -12.39 1.09
C ARG D 44 29.45 -13.46 0.80
N ALA D 45 29.10 -14.72 1.06
CA ALA D 45 30.01 -15.85 0.81
C ALA D 45 30.38 -15.91 -0.64
N ILE D 46 29.39 -15.75 -1.51
CA ILE D 46 29.59 -15.83 -2.94
C ILE D 46 30.44 -14.66 -3.48
N LEU D 47 30.15 -13.44 -3.04
CA LEU D 47 30.80 -12.25 -3.59
C LEU D 47 32.21 -12.03 -3.01
N GLN D 48 32.42 -12.39 -1.75
CA GLN D 48 33.77 -12.32 -1.19
C GLN D 48 34.71 -13.41 -1.75
N ASN D 49 34.13 -14.42 -2.42
CA ASN D 49 34.92 -15.45 -3.10
C ASN D 49 34.71 -15.34 -4.59
N HIS D 50 34.86 -14.12 -5.10
CA HIS D 50 34.62 -13.80 -6.52
C HIS D 50 35.54 -14.58 -7.46
N THR D 51 36.77 -14.85 -7.03
CA THR D 51 37.70 -15.72 -7.77
C THR D 51 37.06 -17.05 -8.07
N ASP D 52 36.31 -17.58 -7.10
CA ASP D 52 35.59 -18.84 -7.27
C ASP D 52 34.45 -18.79 -8.30
N PHE D 53 34.00 -17.61 -8.69
CA PHE D 53 32.96 -17.49 -9.71
C PHE D 53 33.32 -16.66 -10.93
N LYS D 54 34.31 -15.79 -10.79
CA LYS D 54 34.69 -14.87 -11.86
C LYS D 54 34.93 -15.73 -13.10
N ASP D 55 34.04 -15.58 -14.08
CA ASP D 55 34.05 -16.31 -15.34
C ASP D 55 33.99 -17.84 -15.26
N LYS D 56 33.56 -18.39 -14.13
CA LYS D 56 33.39 -19.85 -14.00
C LYS D 56 32.01 -20.32 -14.45
N ILE D 57 31.82 -21.64 -14.43
CA ILE D 57 30.54 -22.24 -14.77
C ILE D 57 29.95 -22.79 -13.47
N VAL D 58 28.63 -22.64 -13.31
CA VAL D 58 27.97 -22.86 -12.02
C VAL D 58 26.67 -23.59 -12.23
N LEU D 59 26.29 -24.35 -11.22
CA LEU D 59 24.99 -24.99 -11.21
C LEU D 59 24.24 -24.71 -9.89
N ASP D 60 22.95 -24.39 -10.01
CA ASP D 60 22.10 -24.04 -8.86
C ASP D 60 21.04 -25.12 -8.70
N VAL D 61 21.18 -25.90 -7.65
CA VAL D 61 20.31 -27.05 -7.45
C VAL D 61 19.08 -26.62 -6.67
N GLY D 62 17.92 -26.63 -7.33
CA GLY D 62 16.70 -26.11 -6.77
C GLY D 62 16.79 -24.60 -6.65
N CYS D 63 16.82 -23.91 -7.79
CA CYS D 63 17.09 -22.46 -7.81
C CYS D 63 15.94 -21.65 -7.19
N GLY D 64 14.75 -22.23 -7.14
CA GLY D 64 13.57 -21.54 -6.61
C GLY D 64 13.28 -20.30 -7.45
N SER D 65 13.39 -19.14 -6.81
CA SER D 65 13.20 -17.84 -7.44
C SER D 65 14.31 -17.45 -8.42
N GLY D 66 15.46 -18.09 -8.27
CA GLY D 66 16.61 -17.80 -9.07
C GLY D 66 17.62 -17.09 -8.22
N ILE D 67 17.21 -16.71 -7.02
CA ILE D 67 17.98 -15.78 -6.23
C ILE D 67 19.48 -16.08 -6.15
N LEU D 68 19.84 -17.32 -5.92
CA LEU D 68 21.24 -17.69 -5.75
C LEU D 68 22.00 -17.60 -7.08
N SER D 69 21.28 -17.85 -8.15
CA SER D 69 21.87 -17.75 -9.46
C SER D 69 22.21 -16.28 -9.75
N PHE D 70 21.32 -15.38 -9.37
CA PHE D 70 21.59 -13.97 -9.55
C PHE D 70 22.83 -13.59 -8.79
N PHE D 71 23.06 -14.16 -7.61
CA PHE D 71 24.27 -13.83 -6.86
C PHE D 71 25.53 -14.34 -7.54
N ALA D 72 25.44 -15.49 -8.21
CA ALA D 72 26.56 -16.04 -8.93
C ALA D 72 26.97 -15.05 -10.01
N ALA D 73 25.96 -14.56 -10.74
CA ALA D 73 26.13 -13.54 -11.77
C ALA D 73 26.79 -12.29 -11.22
N GLN D 74 26.29 -11.79 -10.11
CA GLN D 74 26.90 -10.62 -9.49
C GLN D 74 28.39 -10.82 -9.25
N ALA D 75 28.81 -12.06 -8.98
CA ALA D 75 30.22 -12.36 -8.74
C ALA D 75 30.98 -12.49 -10.06
N GLY D 76 30.25 -12.68 -11.15
CA GLY D 76 30.82 -12.66 -12.49
C GLY D 76 31.00 -14.02 -13.13
N ALA D 77 30.08 -14.94 -12.85
CA ALA D 77 30.04 -16.24 -13.52
C ALA D 77 29.72 -16.05 -14.97
N ARG D 78 30.33 -16.84 -15.85
CA ARG D 78 29.97 -16.79 -17.26
C ARG D 78 28.67 -17.52 -17.48
N LYS D 79 28.50 -18.66 -16.83
CA LYS D 79 27.36 -19.50 -17.12
C LYS D 79 26.86 -20.18 -15.84
N ILE D 80 25.54 -20.15 -15.66
CA ILE D 80 24.88 -20.65 -14.45
C ILE D 80 23.70 -21.47 -14.88
N TYR D 81 23.71 -22.75 -14.49
CA TYR D 81 22.58 -23.61 -14.79
C TYR D 81 21.72 -23.64 -13.54
N ALA D 82 20.42 -23.41 -13.75
CA ALA D 82 19.48 -23.18 -12.66
C ALA D 82 18.41 -24.23 -12.70
N VAL D 83 18.51 -25.24 -11.84
CA VAL D 83 17.58 -26.35 -11.88
C VAL D 83 16.56 -26.23 -10.76
N GLU D 84 15.30 -26.50 -11.08
CA GLU D 84 14.18 -26.35 -10.13
C GLU D 84 13.00 -27.20 -10.58
N ALA D 85 12.52 -28.08 -9.71
CA ALA D 85 11.50 -29.03 -10.09
C ALA D 85 10.09 -28.52 -9.87
N SER D 86 9.90 -27.52 -9.01
CA SER D 86 8.55 -26.95 -8.85
C SER D 86 8.15 -26.06 -10.04
N THR D 87 6.89 -25.65 -10.06
CA THR D 87 6.41 -24.65 -11.02
C THR D 87 7.06 -23.28 -10.80
N MET D 88 7.72 -23.09 -9.65
CA MET D 88 8.58 -21.91 -9.48
C MET D 88 9.62 -21.73 -10.62
N ALA D 89 9.86 -22.81 -11.37
CA ALA D 89 10.75 -22.73 -12.54
C ALA D 89 10.35 -21.63 -13.53
N GLN D 90 9.05 -21.59 -13.84
CA GLN D 90 8.47 -20.59 -14.72
C GLN D 90 8.78 -19.19 -14.20
N HIS D 91 8.56 -18.98 -12.91
CA HIS D 91 8.77 -17.66 -12.33
C HIS D 91 10.25 -17.29 -12.37
N ALA D 92 11.11 -18.26 -12.20
CA ALA D 92 12.55 -17.99 -12.22
C ALA D 92 12.98 -17.44 -13.59
N GLU D 93 12.43 -18.04 -14.65
CA GLU D 93 12.79 -17.69 -16.03
C GLU D 93 12.37 -16.25 -16.37
N VAL D 94 11.09 -15.95 -16.12
CA VAL D 94 10.56 -14.59 -16.17
C VAL D 94 11.51 -13.58 -15.58
N LEU D 95 12.08 -13.88 -14.42
CA LEU D 95 13.04 -12.98 -13.79
C LEU D 95 14.38 -12.92 -14.51
N VAL D 96 14.82 -14.05 -15.05
CA VAL D 96 16.06 -14.06 -15.81
C VAL D 96 15.91 -13.12 -17.00
N LYS D 97 14.76 -13.17 -17.66
CA LYS D 97 14.45 -12.25 -18.77
C LYS D 97 14.39 -10.82 -18.27
N SER D 98 13.54 -10.58 -17.28
CA SER D 98 13.35 -9.25 -16.72
C SER D 98 14.63 -8.64 -16.17
N ASN D 99 15.62 -9.45 -15.78
CA ASN D 99 16.92 -8.91 -15.36
C ASN D 99 18.00 -9.00 -16.44
N ASN D 100 17.58 -9.30 -17.66
CA ASN D 100 18.49 -9.27 -18.83
C ASN D 100 19.71 -10.16 -18.63
N LEU D 101 19.45 -11.43 -18.36
CA LEU D 101 20.52 -12.39 -18.09
C LEU D 101 20.26 -13.72 -18.78
N THR D 102 19.44 -13.73 -19.84
CA THR D 102 19.11 -14.98 -20.51
C THR D 102 20.31 -15.60 -21.18
N ASP D 103 21.25 -14.80 -21.66
CA ASP D 103 22.45 -15.37 -22.22
C ASP D 103 23.32 -16.02 -21.15
N ARG D 104 23.25 -15.55 -19.91
CA ARG D 104 24.13 -16.03 -18.81
C ARG D 104 23.51 -16.95 -17.72
N ILE D 105 22.20 -17.06 -17.67
CA ILE D 105 21.57 -17.97 -16.74
C ILE D 105 20.55 -18.79 -17.49
N VAL D 106 20.66 -20.11 -17.32
CA VAL D 106 19.78 -21.03 -17.99
C VAL D 106 18.91 -21.65 -16.93
N VAL D 107 17.60 -21.54 -17.11
CA VAL D 107 16.66 -22.14 -16.19
C VAL D 107 16.20 -23.45 -16.78
N ILE D 108 16.58 -24.55 -16.12
CA ILE D 108 16.17 -25.89 -16.55
C ILE D 108 15.18 -26.43 -15.52
N PRO D 109 13.89 -26.57 -15.91
CA PRO D 109 12.86 -27.14 -15.08
C PRO D 109 12.91 -28.67 -14.95
N GLY D 110 12.72 -29.16 -13.72
CA GLY D 110 12.77 -30.59 -13.43
C GLY D 110 13.67 -30.90 -12.24
N LYS D 111 13.66 -32.17 -11.86
CA LYS D 111 14.43 -32.66 -10.74
C LYS D 111 15.91 -32.78 -11.14
N VAL D 112 16.84 -32.40 -10.27
CA VAL D 112 18.25 -32.41 -10.65
C VAL D 112 18.71 -33.81 -11.07
N GLU D 113 18.09 -34.85 -10.52
CA GLU D 113 18.50 -36.22 -10.81
C GLU D 113 17.73 -36.81 -12.01
N GLU D 114 16.87 -36.01 -12.64
CA GLU D 114 16.16 -36.41 -13.87
C GLU D 114 16.41 -35.50 -15.08
N VAL D 115 17.27 -34.49 -14.97
CA VAL D 115 17.53 -33.59 -16.09
C VAL D 115 18.97 -33.77 -16.59
N SER D 116 19.27 -33.20 -17.75
CA SER D 116 20.62 -33.22 -18.31
C SER D 116 21.19 -31.83 -18.35
N LEU D 117 22.49 -31.74 -18.20
CA LEU D 117 23.18 -30.49 -18.48
C LEU D 117 23.80 -30.58 -19.86
N PRO D 118 24.06 -29.44 -20.49
CA PRO D 118 24.84 -29.45 -21.70
C PRO D 118 26.33 -29.65 -21.41
N GLU D 119 26.84 -29.09 -20.32
CA GLU D 119 28.25 -29.27 -19.96
C GLU D 119 28.42 -29.49 -18.46
N GLN D 120 29.67 -29.73 -18.04
CA GLN D 120 30.02 -29.95 -16.64
C GLN D 120 30.26 -28.62 -15.96
N VAL D 121 30.28 -28.58 -14.63
CA VAL D 121 30.43 -27.27 -13.93
C VAL D 121 31.68 -27.16 -13.06
N ASP D 122 32.10 -25.93 -12.79
CA ASP D 122 33.23 -25.67 -11.91
C ASP D 122 32.85 -25.65 -10.44
N ILE D 123 31.59 -25.30 -10.16
CA ILE D 123 31.08 -25.17 -8.80
C ILE D 123 29.56 -25.33 -8.77
N ILE D 124 29.07 -25.89 -7.67
CA ILE D 124 27.64 -26.04 -7.44
C ILE D 124 27.25 -25.23 -6.21
N ILE D 125 26.09 -24.61 -6.32
CA ILE D 125 25.54 -23.80 -5.24
C ILE D 125 24.17 -24.39 -4.93
N SER D 126 23.83 -24.43 -3.64
CA SER D 126 22.46 -24.78 -3.26
C SER D 126 22.14 -24.31 -1.87
N GLU D 127 20.85 -24.19 -1.61
CA GLU D 127 20.34 -24.10 -0.22
C GLU D 127 19.33 -25.22 -0.08
N PRO D 128 19.82 -26.40 0.33
CA PRO D 128 18.99 -27.58 0.47
C PRO D 128 18.84 -28.02 1.90
N MET D 129 19.18 -27.17 2.87
CA MET D 129 19.15 -27.55 4.27
C MET D 129 17.75 -27.47 4.85
N GLY D 130 17.25 -28.59 5.38
CA GLY D 130 15.98 -28.63 6.11
C GLY D 130 16.24 -28.30 7.55
N TYR D 131 15.17 -28.22 8.36
CA TYR D 131 15.36 -28.13 9.81
C TYR D 131 15.99 -29.46 10.30
N MET D 132 16.76 -29.34 11.38
CA MET D 132 17.66 -30.37 11.84
C MET D 132 18.61 -30.78 10.71
N LEU D 133 18.96 -29.80 9.88
CA LEU D 133 19.77 -30.02 8.68
C LEU D 133 19.11 -30.95 7.65
N PHE D 134 18.68 -32.15 8.07
CA PHE D 134 18.42 -33.24 7.13
C PHE D 134 17.01 -33.33 6.61
N ASN D 135 16.05 -32.69 7.28
CA ASN D 135 14.67 -32.83 6.81
C ASN D 135 14.54 -32.44 5.35
N GLU D 136 13.61 -33.07 4.65
CA GLU D 136 13.37 -32.90 3.22
C GLU D 136 14.20 -33.87 2.36
N ARG D 137 15.33 -34.34 2.91
CA ARG D 137 16.23 -35.20 2.17
C ARG D 137 16.78 -34.53 0.92
N MET D 138 16.81 -33.20 0.92
CA MET D 138 17.32 -32.51 -0.26
C MET D 138 18.84 -32.61 -0.36
N LEU D 139 19.55 -32.79 0.76
CA LEU D 139 21.02 -33.00 0.69
C LEU D 139 21.44 -34.16 -0.26
N GLU D 140 20.58 -35.16 -0.42
CA GLU D 140 20.86 -36.25 -1.36
C GLU D 140 20.82 -35.75 -2.80
N SER D 141 19.92 -34.82 -3.09
CA SER D 141 19.86 -34.21 -4.40
C SER D 141 21.13 -33.37 -4.66
N TYR D 142 21.59 -32.68 -3.64
CA TYR D 142 22.83 -31.89 -3.70
C TYR D 142 24.05 -32.78 -3.92
N LEU D 143 24.13 -33.89 -3.19
CA LEU D 143 25.27 -34.79 -3.32
C LEU D 143 25.28 -35.42 -4.70
N HIS D 144 24.11 -35.82 -5.14
CA HIS D 144 23.90 -36.44 -6.42
C HIS D 144 24.27 -35.58 -7.63
N ALA D 145 24.19 -34.26 -7.47
CA ALA D 145 24.47 -33.34 -8.59
C ALA D 145 25.96 -33.27 -8.94
N LYS D 146 26.81 -33.81 -8.05
CA LYS D 146 28.22 -33.97 -8.33
C LYS D 146 28.51 -34.85 -9.54
N LYS D 147 27.50 -35.51 -10.08
CA LYS D 147 27.63 -36.18 -11.38
C LYS D 147 27.86 -35.16 -12.53
N TYR D 148 27.78 -33.87 -12.22
CA TYR D 148 28.02 -32.80 -13.16
C TYR D 148 29.22 -31.95 -12.73
N LEU D 149 29.85 -32.31 -11.62
CA LEU D 149 30.97 -31.54 -11.12
C LEU D 149 32.29 -32.00 -11.75
N LYS D 150 33.12 -31.03 -12.12
CA LYS D 150 34.46 -31.31 -12.61
C LYS D 150 35.40 -31.62 -11.44
N PRO D 151 36.42 -32.45 -11.68
CA PRO D 151 37.40 -32.81 -10.63
C PRO D 151 38.02 -31.62 -9.92
N SER D 152 38.24 -31.75 -8.61
CA SER D 152 38.80 -30.68 -7.78
C SER D 152 37.93 -29.41 -7.69
N GLY D 153 36.78 -29.41 -8.37
CA GLY D 153 35.81 -28.32 -8.30
C GLY D 153 35.06 -28.28 -6.97
N ASN D 154 34.29 -27.20 -6.76
CA ASN D 154 33.80 -26.88 -5.43
C ASN D 154 32.28 -26.92 -5.24
N MET D 155 31.90 -26.92 -3.97
CA MET D 155 30.51 -27.02 -3.53
C MET D 155 30.23 -25.86 -2.59
N PHE D 156 29.16 -25.12 -2.87
CA PHE D 156 28.79 -23.97 -2.04
C PHE D 156 27.35 -24.12 -1.56
N PRO D 157 27.14 -24.47 -0.29
CA PRO D 157 28.15 -24.73 0.71
C PRO D 157 28.88 -26.08 0.57
N THR D 158 29.95 -26.20 1.35
CA THR D 158 30.96 -27.22 1.13
C THR D 158 30.92 -28.33 2.21
N ILE D 159 30.77 -27.95 3.49
CA ILE D 159 30.43 -28.89 4.55
C ILE D 159 29.16 -28.45 5.31
N GLY D 160 28.60 -29.37 6.10
CA GLY D 160 27.58 -29.03 7.09
C GLY D 160 27.86 -29.74 8.39
N ASP D 161 27.77 -29.01 9.50
CA ASP D 161 27.90 -29.56 10.84
C ASP D 161 26.55 -29.54 11.54
N VAL D 162 26.01 -30.71 11.87
CA VAL D 162 24.85 -30.78 12.76
C VAL D 162 25.35 -30.86 14.20
N HIS D 163 24.74 -30.06 15.08
CA HIS D 163 25.07 -30.01 16.50
C HIS D 163 23.91 -30.57 17.30
N LEU D 164 24.26 -31.34 18.31
CA LEU D 164 23.33 -31.95 19.26
C LEU D 164 23.85 -31.58 20.64
N ALA D 165 22.96 -31.24 21.56
CA ALA D 165 23.33 -30.96 22.95
C ALA D 165 22.16 -31.25 23.85
N PRO D 166 22.43 -31.62 25.10
CA PRO D 166 21.36 -31.97 26.04
C PRO D 166 20.79 -30.73 26.68
N PHE D 167 19.50 -30.76 26.99
CA PHE D 167 18.88 -29.60 27.59
C PHE D 167 17.97 -29.98 28.74
N THR D 168 17.71 -29.00 29.61
CA THR D 168 16.67 -29.10 30.65
C THR D 168 15.63 -28.01 30.43
N ASP D 169 14.35 -28.37 30.55
CA ASP D 169 13.23 -27.48 30.31
C ASP D 169 12.04 -28.18 30.92
N GLU D 170 11.93 -28.04 32.22
CA GLU D 170 10.94 -28.74 32.98
C GLU D 170 9.54 -28.39 32.46
N GLN D 171 9.32 -27.15 32.07
CA GLN D 171 7.99 -26.73 31.62
C GLN D 171 7.56 -27.34 30.30
N LEU D 172 8.49 -27.42 29.36
CA LEU D 172 8.20 -28.05 28.10
C LEU D 172 7.80 -29.48 28.33
N TYR D 173 8.60 -30.19 29.15
CA TYR D 173 8.34 -31.58 29.49
C TYR D 173 6.95 -31.73 30.08
N MET D 174 6.58 -30.83 30.97
CA MET D 174 5.35 -31.02 31.77
C MET D 174 4.10 -30.71 30.96
N GLU D 175 4.24 -29.73 30.09
CA GLU D 175 3.20 -29.31 29.15
C GLU D 175 2.64 -30.45 28.28
N GLN D 176 3.44 -31.49 28.05
CA GLN D 176 2.96 -32.63 27.27
C GLN D 176 1.84 -33.36 28.03
N PHE D 177 2.03 -33.56 29.33
CA PHE D 177 1.03 -34.24 30.17
C PHE D 177 -0.17 -33.36 30.44
N THR D 178 0.08 -32.07 30.54
CA THR D 178 -0.96 -31.07 30.65
C THR D 178 -1.87 -31.15 29.46
N LYS D 179 -1.29 -31.17 28.27
CA LYS D 179 -2.08 -31.27 27.06
C LYS D 179 -2.84 -32.60 27.05
N ALA D 180 -2.13 -33.68 27.37
CA ALA D 180 -2.73 -35.00 27.27
C ALA D 180 -3.86 -35.18 28.30
N ASN D 181 -3.78 -34.49 29.43
CA ASN D 181 -4.77 -34.70 30.48
C ASN D 181 -6.16 -34.16 30.14
N PHE D 182 -6.31 -33.52 29.00
CA PHE D 182 -7.63 -33.32 28.46
C PHE D 182 -8.42 -34.64 28.49
N TRP D 183 -7.80 -35.76 28.15
CA TRP D 183 -8.53 -37.04 28.08
C TRP D 183 -8.82 -37.65 29.46
N TYR D 184 -8.12 -37.17 30.49
CA TYR D 184 -8.30 -37.71 31.82
C TYR D 184 -9.46 -37.04 32.52
N GLN D 185 -10.64 -37.25 31.97
CA GLN D 185 -11.84 -36.89 32.67
C GLN D 185 -12.93 -37.95 32.54
N PRO D 186 -13.61 -38.18 33.65
CA PRO D 186 -14.56 -39.24 33.76
C PRO D 186 -15.94 -38.84 33.24
N SER D 187 -16.20 -37.54 33.00
CA SER D 187 -17.48 -37.15 32.46
C SER D 187 -17.36 -35.90 31.62
N PHE D 188 -16.73 -36.05 30.45
CA PHE D 188 -16.75 -35.03 29.44
C PHE D 188 -18.11 -35.11 28.74
N HIS D 189 -19.00 -34.18 29.02
CA HIS D 189 -20.39 -34.26 28.55
C HIS D 189 -20.95 -35.68 28.77
N GLY D 190 -20.64 -36.28 29.91
CA GLY D 190 -21.15 -37.60 30.29
C GLY D 190 -20.30 -38.78 29.83
N VAL D 191 -19.20 -38.54 29.14
CA VAL D 191 -18.38 -39.60 28.60
C VAL D 191 -17.02 -39.69 29.33
N ASP D 192 -16.65 -40.90 29.72
CA ASP D 192 -15.37 -41.13 30.40
C ASP D 192 -14.32 -41.24 29.31
N LEU D 193 -13.43 -40.26 29.24
CA LEU D 193 -12.41 -40.22 28.18
C LEU D 193 -11.06 -40.85 28.53
N SER D 194 -10.92 -41.32 29.76
CA SER D 194 -9.58 -41.56 30.33
C SER D 194 -8.76 -42.67 29.69
N ALA D 195 -9.42 -43.63 29.06
CA ALA D 195 -8.67 -44.69 28.44
C ALA D 195 -7.80 -44.24 27.30
N LEU D 196 -8.00 -43.02 26.77
CA LEU D 196 -7.16 -42.56 25.66
C LEU D 196 -5.99 -41.68 26.08
N ARG D 197 -5.85 -41.42 27.37
CA ARG D 197 -4.82 -40.48 27.81
C ARG D 197 -3.41 -40.93 27.44
N GLY D 198 -3.15 -42.22 27.60
CA GLY D 198 -1.82 -42.76 27.31
C GLY D 198 -1.46 -42.55 25.86
N ALA D 199 -2.44 -42.81 25.00
CA ALA D 199 -2.25 -42.62 23.55
C ALA D 199 -2.00 -41.17 23.23
N ALA D 200 -2.68 -40.27 23.96
CA ALA D 200 -2.48 -38.85 23.73
C ALA D 200 -1.07 -38.44 24.12
N VAL D 201 -0.59 -38.91 25.26
CA VAL D 201 0.80 -38.67 25.64
C VAL D 201 1.75 -39.14 24.53
N ASP D 202 1.50 -40.33 23.98
CA ASP D 202 2.44 -40.92 23.03
C ASP D 202 2.48 -40.10 21.76
N GLU D 203 1.30 -39.64 21.32
CA GLU D 203 1.21 -38.79 20.15
C GLU D 203 2.06 -37.52 20.31
N TYR D 204 1.96 -36.82 21.43
CA TYR D 204 2.73 -35.59 21.66
C TYR D 204 4.26 -35.81 21.70
N PHE D 205 4.71 -36.88 22.34
CA PHE D 205 6.15 -37.16 22.42
C PHE D 205 6.79 -37.53 21.08
N ARG D 206 5.98 -37.95 20.12
CA ARG D 206 6.49 -38.29 18.80
C ARG D 206 6.94 -37.08 17.99
N GLN D 207 6.64 -35.86 18.43
CA GLN D 207 6.84 -34.68 17.63
C GLN D 207 8.07 -33.92 18.07
N PRO D 208 9.05 -33.78 17.19
CA PRO D 208 10.10 -32.85 17.55
C PRO D 208 9.49 -31.45 17.70
N VAL D 209 10.10 -30.64 18.56
CA VAL D 209 9.64 -29.28 18.81
C VAL D 209 10.49 -28.22 18.10
N VAL D 210 9.85 -27.52 17.16
CA VAL D 210 10.54 -26.48 16.41
C VAL D 210 10.19 -25.14 17.00
N ASP D 211 11.12 -24.60 17.77
CA ASP D 211 11.10 -23.23 18.24
C ASP D 211 12.52 -22.86 18.65
N THR D 212 12.66 -21.73 19.34
CA THR D 212 13.95 -21.26 19.77
C THR D 212 13.89 -21.23 21.28
N PHE D 213 15.01 -20.99 21.92
CA PHE D 213 15.08 -21.02 23.36
C PHE D 213 16.32 -20.28 23.75
N ASP D 214 16.45 -20.01 25.03
CA ASP D 214 17.58 -19.36 25.62
C ASP D 214 18.65 -20.38 25.84
N ILE D 215 19.89 -20.03 25.54
CA ILE D 215 20.97 -20.99 25.66
C ILE D 215 21.20 -21.53 27.06
N ARG D 216 20.56 -20.96 28.08
CA ARG D 216 20.79 -21.43 29.44
C ARG D 216 20.20 -22.80 29.76
N ILE D 217 19.31 -23.30 28.92
CA ILE D 217 18.79 -24.64 29.08
C ILE D 217 19.81 -25.70 28.63
N LEU D 218 20.81 -25.32 27.84
CA LEU D 218 21.81 -26.28 27.38
C LEU D 218 22.75 -26.70 28.53
N MET D 219 22.89 -28.01 28.73
CA MET D 219 23.65 -28.52 29.86
C MET D 219 25.07 -29.04 29.52
N ALA D 220 25.47 -28.93 28.26
CA ALA D 220 26.83 -29.29 27.86
C ALA D 220 27.11 -28.83 26.46
N LYS D 221 28.39 -28.86 26.10
CA LYS D 221 28.82 -28.47 24.77
C LYS D 221 28.26 -29.42 23.71
N SER D 222 27.87 -28.88 22.57
CA SER D 222 27.30 -29.73 21.54
C SER D 222 28.35 -30.73 21.06
N VAL D 223 27.85 -31.78 20.43
CA VAL D 223 28.67 -32.70 19.67
C VAL D 223 28.23 -32.50 18.25
N LYS D 224 29.18 -32.50 17.30
CA LYS D 224 28.81 -32.30 15.91
C LYS D 224 29.06 -33.48 15.03
N TYR D 225 28.10 -33.77 14.18
CA TYR D 225 28.24 -34.72 13.13
C TYR D 225 28.43 -33.91 11.85
N THR D 226 29.50 -34.19 11.11
CA THR D 226 29.84 -33.42 9.91
C THR D 226 29.60 -34.20 8.64
N VAL D 227 29.10 -33.48 7.66
CA VAL D 227 28.97 -34.01 6.34
C VAL D 227 29.86 -33.16 5.46
N ASN D 228 30.78 -33.79 4.73
CA ASN D 228 31.60 -33.05 3.79
C ASN D 228 30.99 -33.28 2.43
N PHE D 229 30.41 -32.25 1.85
CA PHE D 229 29.64 -32.45 0.64
C PHE D 229 30.51 -32.81 -0.56
N LEU D 230 31.81 -32.51 -0.49
CA LEU D 230 32.76 -32.91 -1.53
C LEU D 230 32.98 -34.42 -1.55
N GLU D 231 33.05 -35.04 -0.36
CA GLU D 231 33.38 -36.47 -0.21
C GLU D 231 32.17 -37.40 -0.13
N ALA D 232 31.17 -36.99 0.65
CA ALA D 232 30.03 -37.85 0.97
C ALA D 232 29.25 -38.25 -0.25
N LYS D 233 28.62 -39.42 -0.20
CA LYS D 233 27.68 -39.88 -1.24
C LYS D 233 26.26 -39.89 -0.70
N GLU D 234 25.31 -39.95 -1.62
CA GLU D 234 23.89 -39.97 -1.26
C GLU D 234 23.65 -40.98 -0.15
N GLY D 235 24.12 -42.20 -0.39
CA GLY D 235 23.88 -43.33 0.49
C GLY D 235 24.33 -43.12 1.91
N ASP D 236 25.33 -42.28 2.15
CA ASP D 236 25.75 -41.97 3.53
C ASP D 236 24.65 -41.30 4.34
N LEU D 237 23.55 -40.87 3.72
CA LEU D 237 22.46 -40.18 4.44
C LEU D 237 21.17 -40.99 4.54
N HIS D 238 21.22 -42.25 4.11
CA HIS D 238 20.06 -43.14 4.28
C HIS D 238 19.93 -43.57 5.73
N ARG D 239 21.04 -43.64 6.43
CA ARG D 239 21.07 -44.06 7.80
C ARG D 239 22.15 -43.23 8.43
N ILE D 240 21.79 -42.36 9.34
CA ILE D 240 22.73 -41.40 9.91
C ILE D 240 22.81 -41.70 11.40
N GLU D 241 23.89 -42.36 11.79
CA GLU D 241 24.11 -42.70 13.18
C GLU D 241 24.96 -41.59 13.76
N ILE D 242 24.47 -40.97 14.82
CA ILE D 242 25.18 -39.88 15.45
C ILE D 242 25.41 -40.29 16.87
N PRO D 243 26.64 -40.71 17.19
CA PRO D 243 26.92 -41.07 18.56
C PRO D 243 27.26 -39.82 19.32
N PHE D 244 27.08 -39.87 20.62
CA PHE D 244 27.45 -38.74 21.42
C PHE D 244 27.90 -39.19 22.77
N LYS D 245 28.85 -38.44 23.31
CA LYS D 245 29.25 -38.58 24.69
C LYS D 245 29.33 -37.19 25.26
N PHE D 246 28.34 -36.78 26.04
CA PHE D 246 28.35 -35.41 26.55
C PHE D 246 29.07 -35.36 27.87
N HIS D 247 30.03 -34.44 27.97
CA HIS D 247 30.71 -34.17 29.25
C HIS D 247 29.91 -33.04 29.89
N MET D 248 29.06 -33.39 30.85
CA MET D 248 28.08 -32.48 31.39
C MET D 248 28.77 -31.29 32.00
N LEU D 249 28.31 -30.09 31.62
CA LEU D 249 28.82 -28.85 32.22
C LEU D 249 27.97 -28.36 33.39
N HIS D 250 26.76 -28.89 33.58
CA HIS D 250 25.83 -28.47 34.66
C HIS D 250 25.10 -29.68 35.16
N SER D 251 24.41 -29.54 36.30
CA SER D 251 23.71 -30.64 36.93
C SER D 251 22.19 -30.42 36.87
N GLY D 252 21.42 -31.42 36.47
CA GLY D 252 19.95 -31.33 36.57
C GLY D 252 19.22 -32.46 35.86
N LEU D 253 17.93 -32.25 35.58
CA LEU D 253 17.14 -33.20 34.80
C LEU D 253 17.23 -32.91 33.33
N VAL D 254 17.77 -33.86 32.60
CA VAL D 254 17.91 -33.73 31.17
C VAL D 254 16.60 -34.20 30.52
N HIS D 255 15.93 -33.31 29.79
CA HIS D 255 14.62 -33.63 29.19
C HIS D 255 14.70 -34.01 27.74
N GLY D 256 15.82 -33.73 27.11
CA GLY D 256 15.99 -34.18 25.72
C GLY D 256 17.26 -33.63 25.11
N LEU D 257 17.31 -33.70 23.79
CA LEU D 257 18.42 -33.14 23.02
C LEU D 257 17.98 -32.00 22.11
N ALA D 258 18.73 -30.91 22.13
CA ALA D 258 18.57 -29.78 21.19
C ALA D 258 19.44 -29.96 19.96
N PHE D 259 18.90 -29.55 18.81
CA PHE D 259 19.56 -29.70 17.51
C PHE D 259 19.64 -28.34 16.81
N TRP D 260 20.79 -28.06 16.20
CA TRP D 260 20.92 -27.02 15.20
C TRP D 260 21.99 -27.37 14.18
N PHE D 261 22.25 -26.48 13.23
CA PHE D 261 23.26 -26.75 12.24
C PHE D 261 24.00 -25.51 11.75
N ASP D 262 25.17 -25.75 11.17
CA ASP D 262 25.98 -24.72 10.48
C ASP D 262 26.41 -25.28 9.14
N VAL D 263 26.64 -24.42 8.16
CA VAL D 263 27.24 -24.86 6.93
C VAL D 263 28.38 -23.92 6.63
N ALA D 264 29.38 -24.40 5.90
CA ALA D 264 30.54 -23.58 5.56
C ALA D 264 30.72 -23.49 4.06
N PHE D 265 31.05 -22.27 3.66
CA PHE D 265 31.33 -21.92 2.31
C PHE D 265 32.84 -21.77 2.29
N ILE D 266 33.51 -22.80 1.81
CA ILE D 266 34.97 -22.88 1.89
C ILE D 266 35.55 -22.34 0.59
N GLY D 267 35.84 -21.04 0.56
CA GLY D 267 36.32 -20.38 -0.66
C GLY D 267 37.84 -20.27 -0.76
N SER D 268 38.30 -20.08 -2.00
CA SER D 268 39.69 -19.70 -2.28
C SER D 268 40.08 -18.49 -1.45
N ILE D 269 39.22 -17.47 -1.45
CA ILE D 269 39.54 -16.20 -0.80
C ILE D 269 39.33 -16.32 0.70
N MET D 270 38.15 -16.78 1.10
CA MET D 270 37.85 -16.94 2.51
C MET D 270 36.81 -18.01 2.77
N THR D 271 36.64 -18.35 4.02
CA THR D 271 35.59 -19.26 4.39
C THR D 271 34.54 -18.53 5.23
N VAL D 272 33.29 -18.63 4.78
CA VAL D 272 32.15 -17.98 5.43
C VAL D 272 31.20 -19.01 6.03
N TRP D 273 30.69 -18.72 7.22
CA TRP D 273 29.78 -19.59 7.95
C TRP D 273 28.34 -19.04 8.00
N LEU D 274 27.37 -19.94 7.80
CA LEU D 274 25.98 -19.67 8.11
C LEU D 274 25.55 -20.56 9.24
N SER D 275 25.24 -19.97 10.38
CA SER D 275 24.87 -20.71 11.57
C SER D 275 23.40 -20.48 11.94
N THR D 276 22.74 -21.57 12.33
CA THR D 276 21.40 -21.51 12.91
C THR D 276 21.42 -21.77 14.39
N ALA D 277 22.58 -21.55 15.01
CA ALA D 277 22.72 -21.80 16.43
C ALA D 277 21.90 -20.84 17.27
N PRO D 278 21.44 -21.29 18.44
CA PRO D 278 20.68 -20.47 19.37
C PRO D 278 21.48 -19.33 20.02
N THR D 279 22.81 -19.33 19.83
CA THR D 279 23.71 -18.21 20.18
C THR D 279 23.73 -17.14 19.06
N GLU D 280 23.20 -17.46 17.90
CA GLU D 280 23.20 -16.56 16.76
C GLU D 280 21.80 -15.98 16.55
N PRO D 281 21.67 -14.94 15.72
CA PRO D 281 20.33 -14.42 15.46
C PRO D 281 19.39 -15.44 14.83
N LEU D 282 18.13 -15.36 15.20
CA LEU D 282 17.11 -16.31 14.74
C LEU D 282 17.03 -16.38 13.22
N THR D 283 16.84 -17.60 12.70
CA THR D 283 16.60 -17.83 11.28
C THR D 283 15.30 -18.56 11.19
N HIS D 284 14.79 -18.69 9.98
CA HIS D 284 13.55 -19.41 9.76
C HIS D 284 13.69 -20.90 10.06
N TRP D 285 14.91 -21.37 10.28
CA TRP D 285 15.12 -22.73 10.75
C TRP D 285 14.90 -22.91 12.25
N TYR D 286 14.93 -21.81 13.01
CA TYR D 286 14.79 -21.91 14.47
C TYR D 286 15.82 -22.92 15.01
N GLN D 287 15.42 -23.73 15.97
CA GLN D 287 16.14 -24.89 16.41
C GLN D 287 15.12 -26.01 16.59
N VAL D 288 15.61 -27.22 16.86
CA VAL D 288 14.75 -28.38 17.07
C VAL D 288 15.07 -29.06 18.37
N ARG D 289 14.03 -29.46 19.11
CA ARG D 289 14.23 -30.26 20.29
C ARG D 289 13.42 -31.50 20.26
N CYS D 290 14.05 -32.57 20.73
CA CYS D 290 13.41 -33.85 20.87
C CYS D 290 13.48 -34.25 22.32
N LEU D 291 12.32 -34.44 22.91
CA LEU D 291 12.22 -34.92 24.29
C LEU D 291 12.55 -36.41 24.45
N PHE D 292 13.04 -36.74 25.64
CA PHE D 292 13.05 -38.11 26.10
C PHE D 292 11.71 -38.43 26.72
N GLN D 293 11.36 -39.71 26.70
CA GLN D 293 10.11 -40.15 27.34
C GLN D 293 10.15 -39.92 28.84
N SER D 294 11.33 -40.11 29.41
CA SER D 294 11.60 -39.88 30.84
C SER D 294 12.90 -39.12 31.01
N PRO D 295 12.95 -38.20 31.96
CA PRO D 295 14.17 -37.40 32.12
C PRO D 295 15.29 -38.19 32.79
N LEU D 296 16.50 -37.67 32.70
CA LEU D 296 17.66 -38.32 33.31
C LEU D 296 18.37 -37.33 34.22
N PHE D 297 18.61 -37.71 35.46
CA PHE D 297 19.31 -36.83 36.39
C PHE D 297 20.79 -36.95 36.06
N ALA D 298 21.49 -35.84 35.96
CA ALA D 298 22.93 -35.89 35.77
C ALA D 298 23.62 -34.81 36.61
N LYS D 299 24.93 -34.97 36.80
CA LYS D 299 25.74 -34.03 37.55
C LYS D 299 26.79 -33.44 36.63
N ALA D 300 27.23 -32.22 36.88
CA ALA D 300 28.34 -31.70 36.07
C ALA D 300 29.48 -32.72 36.17
N GLY D 301 30.23 -32.92 35.09
CA GLY D 301 31.30 -33.93 35.06
C GLY D 301 30.92 -35.36 34.69
N ASP D 302 29.66 -35.76 34.87
CA ASP D 302 29.17 -37.05 34.36
C ASP D 302 29.25 -37.08 32.83
N THR D 303 29.13 -38.27 32.24
CA THR D 303 29.05 -38.38 30.80
C THR D 303 27.71 -39.00 30.43
N LEU D 304 26.98 -38.34 29.54
CA LEU D 304 25.72 -38.82 29.03
C LEU D 304 26.02 -39.31 27.63
N SER D 305 25.97 -40.62 27.44
CA SER D 305 26.33 -41.20 26.13
C SER D 305 25.09 -41.77 25.46
N GLY D 306 25.15 -41.90 24.14
CA GLY D 306 24.04 -42.48 23.41
C GLY D 306 24.21 -42.36 21.92
N THR D 307 23.12 -42.63 21.19
CA THR D 307 23.10 -42.39 19.75
C THR D 307 21.80 -41.72 19.33
N CYS D 308 21.90 -40.91 18.28
CA CYS D 308 20.75 -40.43 17.57
C CYS D 308 20.80 -41.10 16.20
N LEU D 309 19.87 -41.99 15.95
CA LEU D 309 19.83 -42.66 14.67
C LEU D 309 18.72 -42.07 13.81
N LEU D 310 19.11 -41.51 12.67
CA LEU D 310 18.13 -41.01 11.75
C LEU D 310 18.06 -41.97 10.60
N ILE D 311 16.85 -42.43 10.34
CA ILE D 311 16.55 -43.42 9.34
C ILE D 311 15.62 -42.80 8.30
N ALA D 312 16.15 -42.62 7.10
CA ALA D 312 15.38 -41.97 6.07
C ALA D 312 14.12 -42.75 5.79
N ASN D 313 13.08 -42.04 5.40
CA ASN D 313 11.85 -42.69 4.97
C ASN D 313 11.50 -42.15 3.59
N LYS D 314 10.42 -42.67 3.03
CA LYS D 314 9.97 -42.31 1.69
C LYS D 314 9.05 -41.10 1.62
N ARG D 315 8.85 -40.42 2.76
CA ARG D 315 8.08 -39.18 2.82
C ARG D 315 9.04 -38.03 2.93
N GLN D 316 10.24 -38.21 2.38
CA GLN D 316 11.26 -37.19 2.33
C GLN D 316 11.65 -36.72 3.69
N SER D 317 11.68 -37.62 4.66
CA SER D 317 12.14 -37.25 5.98
C SER D 317 12.81 -38.45 6.64
N TYR D 318 12.92 -38.38 7.97
CA TYR D 318 13.55 -39.38 8.79
C TYR D 318 12.72 -39.78 9.96
N ASP D 319 12.90 -41.03 10.37
CA ASP D 319 12.48 -41.50 11.69
C ASP D 319 13.64 -41.40 12.63
N ILE D 320 13.41 -40.71 13.75
CA ILE D 320 14.45 -40.37 14.68
C ILE D 320 14.37 -41.33 15.83
N SER D 321 15.51 -41.92 16.18
CA SER D 321 15.59 -42.80 17.32
C SER D 321 16.70 -42.30 18.21
N ILE D 322 16.35 -42.03 19.46
CA ILE D 322 17.29 -41.50 20.37
C ILE D 322 17.37 -42.33 21.63
N VAL D 323 18.59 -42.73 21.98
CA VAL D 323 18.87 -43.52 23.18
C VAL D 323 20.00 -42.84 23.92
N ALA D 324 19.82 -42.69 25.23
CA ALA D 324 20.84 -42.07 26.05
C ALA D 324 20.81 -42.62 27.45
N GLN D 325 21.99 -42.60 28.07
CA GLN D 325 22.16 -43.00 29.45
C GLN D 325 23.25 -42.16 30.11
N VAL D 326 23.12 -42.06 31.43
CA VAL D 326 24.15 -41.48 32.26
C VAL D 326 25.09 -42.62 32.62
N ASP D 327 26.32 -42.53 32.12
CA ASP D 327 27.28 -43.62 32.33
C ASP D 327 27.47 -43.95 33.81
N GLN D 328 27.59 -42.91 34.64
CA GLN D 328 27.99 -43.07 36.04
C GLN D 328 26.90 -43.72 36.88
N THR D 329 25.66 -43.57 36.45
CA THR D 329 24.56 -44.14 37.22
C THR D 329 23.86 -45.25 36.48
N GLY D 330 24.14 -45.45 35.20
CA GLY D 330 23.36 -46.38 34.40
C GLY D 330 21.91 -45.96 34.09
N SER D 331 21.46 -44.79 34.55
CA SER D 331 20.10 -44.34 34.22
C SER D 331 19.98 -44.05 32.71
N LYS D 332 18.87 -44.49 32.13
CA LYS D 332 18.74 -44.61 30.68
C LYS D 332 17.37 -44.16 30.18
N SER D 333 17.33 -43.56 28.98
CA SER D 333 16.06 -43.33 28.30
C SER D 333 16.15 -43.29 26.77
N SER D 334 14.99 -43.19 26.15
CA SER D 334 14.89 -43.22 24.71
C SER D 334 13.72 -42.39 24.19
N ASN D 335 13.62 -42.32 22.86
CA ASN D 335 12.39 -41.87 22.21
C ASN D 335 12.46 -42.14 20.71
N LEU D 336 11.29 -42.31 20.13
CA LEU D 336 11.09 -42.40 18.69
C LEU D 336 10.28 -41.21 18.23
N LEU D 337 10.80 -40.47 17.25
CA LEU D 337 10.13 -39.28 16.78
C LEU D 337 10.01 -39.24 15.29
N ASP D 338 9.00 -38.49 14.84
CA ASP D 338 8.67 -38.33 13.42
CA ASP D 338 8.63 -38.35 13.45
C ASP D 338 9.10 -36.97 12.97
N LEU D 339 10.25 -36.91 12.30
CA LEU D 339 10.79 -35.64 11.88
C LEU D 339 9.86 -34.84 10.97
N LYS D 340 9.12 -35.54 10.10
CA LYS D 340 8.22 -34.85 9.16
C LYS D 340 6.99 -34.22 9.83
N ASN D 341 6.78 -34.45 11.13
CA ASN D 341 5.59 -33.94 11.83
C ASN D 341 5.95 -33.21 13.12
N PRO D 342 6.66 -32.09 12.99
CA PRO D 342 7.06 -31.37 14.19
C PRO D 342 5.94 -30.51 14.76
N PHE D 343 6.05 -30.21 16.04
CA PHE D 343 5.18 -29.23 16.64
C PHE D 343 5.85 -27.87 16.44
N PHE D 344 5.20 -26.94 15.75
CA PHE D 344 5.82 -25.64 15.58
C PHE D 344 5.38 -24.69 16.69
N ARG D 345 6.16 -24.72 17.78
CA ARG D 345 5.78 -24.13 19.08
C ARG D 345 5.87 -22.62 19.12
N TYR D 346 6.71 -22.06 18.27
CA TYR D 346 6.94 -20.62 18.25
C TYR D 346 5.71 -19.82 17.74
N THR D 347 5.62 -18.57 18.20
CA THR D 347 4.58 -17.60 17.77
C THR D 347 4.36 -17.63 16.24
N GLY E 2 9.36 28.19 -8.26
CA GLY E 2 8.33 27.35 -8.86
C GLY E 2 7.03 28.15 -8.88
N LYS E 3 5.90 27.46 -8.90
CA LYS E 3 4.59 28.11 -8.87
C LYS E 3 4.34 28.88 -7.56
N ALA E 4 4.75 28.29 -6.44
CA ALA E 4 4.67 28.94 -5.11
C ALA E 4 6.01 28.77 -4.36
N PRO E 5 7.06 29.52 -4.77
CA PRO E 5 8.45 29.32 -4.30
C PRO E 5 8.68 29.35 -2.77
N ARG E 6 7.99 30.22 -2.04
CA ARG E 6 7.96 30.19 -0.56
C ARG E 6 6.52 29.98 -0.10
N LYS E 7 6.25 28.96 0.71
CA LYS E 7 4.86 28.78 1.19
C LYS E 7 4.71 29.18 2.66
N GLN E 8 3.46 29.26 3.09
CA GLN E 8 3.06 29.87 4.35
C GLN E 8 3.63 29.19 5.60
N LEU E 9 3.90 30.01 6.61
CA LEU E 9 4.17 29.53 7.98
C LEU E 9 2.99 29.91 8.86
N GLY F 2 -5.34 30.69 -14.04
CA GLY F 2 -4.53 30.84 -12.84
C GLY F 2 -3.60 29.67 -12.52
N LYS F 3 -2.89 29.80 -11.40
CA LYS F 3 -1.86 28.84 -11.02
C LYS F 3 -2.45 27.42 -10.84
N ALA F 4 -3.57 27.36 -10.12
CA ALA F 4 -4.25 26.11 -9.84
C ALA F 4 -5.73 26.26 -10.21
N PRO F 5 -6.03 26.20 -11.52
CA PRO F 5 -7.41 26.42 -11.99
C PRO F 5 -8.45 25.47 -11.40
N ARG F 6 -8.09 24.21 -11.17
CA ARG F 6 -8.97 23.28 -10.44
C ARG F 6 -8.52 23.04 -8.99
N LYS F 7 -9.49 23.14 -8.07
CA LYS F 7 -9.22 23.07 -6.64
C LYS F 7 -9.30 21.64 -6.11
N GLN F 8 -8.43 21.36 -5.14
CA GLN F 8 -8.30 20.02 -4.56
C GLN F 8 -9.52 19.72 -3.67
N LEU F 9 -10.15 18.55 -3.88
CA LEU F 9 -11.30 18.12 -3.08
C LEU F 9 -10.88 17.10 -2.00
N ALA F 10 -11.67 16.98 -0.92
CA ALA F 10 -11.52 15.87 0.03
C ALA F 10 -11.90 14.56 -0.65
N GLY G 2 -7.55 -29.72 2.37
CA GLY G 2 -6.36 -28.90 2.63
C GLY G 2 -5.47 -29.47 3.73
N LYS G 3 -4.31 -28.86 3.97
CA LYS G 3 -3.38 -29.36 4.99
C LYS G 3 -3.99 -29.44 6.39
N ALA G 4 -4.82 -28.45 6.75
CA ALA G 4 -5.43 -28.38 8.09
C ALA G 4 -6.94 -28.00 8.01
N PRO G 5 -7.79 -28.96 7.61
CA PRO G 5 -9.23 -28.68 7.36
C PRO G 5 -9.97 -28.00 8.54
N ARG G 6 -9.79 -28.48 9.77
CA ARG G 6 -10.31 -27.76 10.94
C ARG G 6 -9.19 -26.99 11.66
N LYS G 7 -9.52 -25.76 12.07
CA LYS G 7 -8.53 -24.81 12.61
C LYS G 7 -8.50 -24.82 14.15
N GLN G 8 -7.31 -24.56 14.71
CA GLN G 8 -7.10 -24.52 16.17
C GLN G 8 -7.89 -23.42 16.86
N LEU G 9 -8.43 -23.72 18.05
CA LEU G 9 -9.13 -22.74 18.89
C LEU G 9 -8.43 -22.57 20.22
N GLY H 2 7.16 -33.26 5.10
CA GLY H 2 6.00 -32.91 5.91
C GLY H 2 5.18 -31.77 5.34
N LYS H 3 4.19 -31.32 6.10
CA LYS H 3 3.18 -30.37 5.57
C LYS H 3 3.82 -29.03 5.21
N ALA H 4 4.65 -28.51 6.11
CA ALA H 4 5.28 -27.20 5.96
C ALA H 4 6.77 -27.36 6.26
N PRO H 5 7.54 -27.81 5.28
CA PRO H 5 8.95 -28.14 5.53
C PRO H 5 9.80 -26.94 5.94
N ARG H 6 9.53 -25.75 5.39
CA ARG H 6 10.17 -24.52 5.86
C ARG H 6 9.19 -23.70 6.71
N LYS H 7 9.67 -23.27 7.87
CA LYS H 7 8.84 -22.60 8.87
C LYS H 7 8.89 -21.09 8.69
N GLN H 8 7.75 -20.44 8.96
CA GLN H 8 7.59 -19.01 8.74
C GLN H 8 8.46 -18.21 9.70
N LEU H 9 9.23 -17.25 9.16
CA LEU H 9 10.06 -16.39 10.02
C LEU H 9 9.33 -15.07 10.30
N ALA H 10 9.57 -14.48 11.47
CA ALA H 10 9.23 -13.07 11.71
C ALA H 10 10.27 -12.18 11.03
#